data_2CUR
#
_entry.id   2CUR
#
loop_
_entity.id
_entity.type
_entity.pdbx_description
1 polymer 'Skeletal muscle LIM-protein 1'
2 non-polymer 'ZINC ION'
#
_entity_poly.entity_id   1
_entity_poly.type   'polypeptide(L)'
_entity_poly.pdbx_seq_one_letter_code
;GSSGSSGCVKCNKAITSGGITYQDQPWHADCFVCVTCSKKLAGQRFTAVEDQYYCVDCYKNFVSGPSSG
;
_entity_poly.pdbx_strand_id   A
#
# COMPACT_ATOMS: atom_id res chain seq x y z
N GLY A 1 13.23 -16.87 24.18
CA GLY A 1 13.64 -16.40 22.86
C GLY A 1 12.74 -15.30 22.34
N SER A 2 13.10 -14.05 22.63
CA SER A 2 12.32 -12.91 22.18
C SER A 2 12.52 -12.64 20.69
N SER A 3 11.59 -13.14 19.88
CA SER A 3 11.67 -12.96 18.43
C SER A 3 10.50 -12.13 17.92
N GLY A 4 10.74 -10.83 17.76
CA GLY A 4 9.69 -9.94 17.27
C GLY A 4 10.23 -8.58 16.89
N SER A 5 10.52 -8.40 15.61
CA SER A 5 11.05 -7.13 15.11
C SER A 5 9.91 -6.19 14.70
N SER A 6 10.21 -4.89 14.69
CA SER A 6 9.21 -3.89 14.33
C SER A 6 8.59 -4.21 12.97
N GLY A 7 9.45 -4.37 11.97
CA GLY A 7 8.97 -4.67 10.62
C GLY A 7 8.20 -3.52 10.01
N CYS A 8 7.43 -3.82 8.96
CA CYS A 8 6.65 -2.80 8.29
C CYS A 8 5.68 -2.12 9.26
N VAL A 9 4.89 -1.19 8.74
CA VAL A 9 3.92 -0.47 9.56
C VAL A 9 2.50 -0.98 9.31
N LYS A 10 2.34 -1.77 8.26
CA LYS A 10 1.04 -2.33 7.92
C LYS A 10 0.72 -3.53 8.80
N CYS A 11 1.35 -4.66 8.51
CA CYS A 11 1.13 -5.88 9.28
C CYS A 11 2.08 -5.95 10.48
N ASN A 12 3.06 -5.05 10.50
CA ASN A 12 4.03 -5.00 11.58
C ASN A 12 4.86 -6.29 11.62
N LYS A 13 5.41 -6.66 10.48
CA LYS A 13 6.23 -7.86 10.39
C LYS A 13 7.57 -7.55 9.73
N ALA A 14 8.64 -8.13 10.29
CA ALA A 14 9.98 -7.92 9.75
C ALA A 14 9.99 -7.99 8.23
N ILE A 15 10.82 -7.15 7.61
CA ILE A 15 10.93 -7.11 6.15
C ILE A 15 12.04 -8.02 5.66
N THR A 16 11.72 -8.85 4.67
CA THR A 16 12.71 -9.76 4.10
C THR A 16 13.84 -9.02 3.42
N SER A 17 14.79 -9.76 2.86
CA SER A 17 15.94 -9.15 2.18
C SER A 17 15.58 -8.78 0.75
N GLY A 18 14.35 -8.31 0.55
CA GLY A 18 13.91 -7.93 -0.78
C GLY A 18 12.53 -7.29 -0.77
N GLY A 19 12.29 -6.44 0.23
CA GLY A 19 11.01 -5.77 0.33
C GLY A 19 11.01 -4.41 -0.33
N ILE A 20 10.31 -3.46 0.28
CA ILE A 20 10.24 -2.10 -0.26
C ILE A 20 10.06 -1.08 0.86
N THR A 21 10.58 0.13 0.63
CA THR A 21 10.47 1.20 1.61
C THR A 21 9.81 2.43 1.02
N TYR A 22 8.75 2.91 1.68
CA TYR A 22 8.03 4.09 1.21
C TYR A 22 8.06 5.20 2.26
N GLN A 23 8.24 6.43 1.79
CA GLN A 23 8.29 7.58 2.68
C GLN A 23 9.21 7.31 3.87
N ASP A 24 10.36 6.73 3.60
CA ASP A 24 11.33 6.41 4.64
C ASP A 24 10.72 5.48 5.69
N GLN A 25 9.81 4.61 5.25
CA GLN A 25 9.14 3.67 6.15
C GLN A 25 9.14 2.26 5.56
N PRO A 26 9.29 1.25 6.43
CA PRO A 26 9.31 -0.15 6.02
C PRO A 26 7.95 -0.64 5.54
N TRP A 27 7.88 -1.08 4.29
CA TRP A 27 6.64 -1.58 3.72
C TRP A 27 6.84 -2.90 3.00
N HIS A 28 5.76 -3.63 2.79
CA HIS A 28 5.83 -4.92 2.10
C HIS A 28 5.14 -4.85 0.75
N ALA A 29 5.44 -5.83 -0.12
CA ALA A 29 4.84 -5.87 -1.44
C ALA A 29 3.35 -6.15 -1.36
N ASP A 30 2.93 -6.88 -0.33
CA ASP A 30 1.52 -7.21 -0.14
C ASP A 30 0.83 -6.15 0.71
N CYS A 31 1.59 -5.50 1.58
CA CYS A 31 1.05 -4.47 2.44
C CYS A 31 0.94 -3.14 1.72
N PHE A 32 1.73 -2.99 0.65
CA PHE A 32 1.72 -1.76 -0.14
C PHE A 32 0.63 -1.80 -1.19
N VAL A 33 -0.46 -2.51 -0.89
CA VAL A 33 -1.58 -2.63 -1.81
C VAL A 33 -2.72 -1.70 -1.41
N CYS A 34 -3.48 -1.24 -2.39
CA CYS A 34 -4.60 -0.35 -2.15
C CYS A 34 -5.52 -0.90 -1.05
N VAL A 35 -6.11 -0.01 -0.28
CA VAL A 35 -7.01 -0.41 0.81
C VAL A 35 -8.42 -0.66 0.29
N THR A 36 -8.51 -1.21 -0.93
CA THR A 36 -9.80 -1.50 -1.53
C THR A 36 -9.82 -2.90 -2.11
N CYS A 37 -9.18 -3.08 -3.26
CA CYS A 37 -9.13 -4.38 -3.92
C CYS A 37 -7.84 -5.12 -3.56
N SER A 38 -6.97 -4.45 -2.82
CA SER A 38 -5.69 -5.05 -2.42
C SER A 38 -4.86 -5.42 -3.63
N LYS A 39 -4.61 -4.44 -4.50
CA LYS A 39 -3.83 -4.66 -5.70
C LYS A 39 -2.38 -4.26 -5.48
N LYS A 40 -1.46 -4.95 -6.15
CA LYS A 40 -0.03 -4.67 -6.03
C LYS A 40 0.29 -3.30 -6.62
N LEU A 41 0.42 -2.30 -5.75
CA LEU A 41 0.75 -0.94 -6.19
C LEU A 41 2.22 -0.82 -6.52
N ALA A 42 3.07 -1.51 -5.76
CA ALA A 42 4.51 -1.47 -5.98
C ALA A 42 4.85 -1.68 -7.45
N GLY A 43 5.63 -0.76 -8.01
CA GLY A 43 6.00 -0.85 -9.41
C GLY A 43 4.96 -0.28 -10.34
N GLN A 44 3.69 -0.55 -10.05
CA GLN A 44 2.59 -0.05 -10.86
C GLN A 44 2.30 1.42 -10.55
N ARG A 45 1.36 1.99 -11.29
CA ARG A 45 0.98 3.39 -11.09
C ARG A 45 -0.18 3.51 -10.10
N PHE A 46 0.07 4.19 -8.99
CA PHE A 46 -0.95 4.36 -7.96
C PHE A 46 -1.04 5.82 -7.52
N THR A 47 -2.05 6.14 -6.73
CA THR A 47 -2.25 7.51 -6.24
C THR A 47 -2.36 7.53 -4.72
N ALA A 48 -1.49 8.30 -4.08
CA ALA A 48 -1.49 8.43 -2.63
C ALA A 48 -2.41 9.55 -2.18
N VAL A 49 -3.49 9.18 -1.49
CA VAL A 49 -4.45 10.16 -0.99
C VAL A 49 -4.30 10.37 0.50
N GLU A 50 -4.42 11.62 0.94
CA GLU A 50 -4.29 11.95 2.35
C GLU A 50 -4.87 10.84 3.22
N ASP A 51 -6.01 10.30 2.80
CA ASP A 51 -6.67 9.23 3.54
C ASP A 51 -5.87 7.93 3.43
N GLN A 52 -5.92 7.32 2.25
CA GLN A 52 -5.21 6.07 2.02
C GLN A 52 -4.72 5.98 0.58
N TYR A 53 -4.11 4.86 0.23
CA TYR A 53 -3.60 4.65 -1.12
C TYR A 53 -4.57 3.83 -1.96
N TYR A 54 -4.79 4.27 -3.19
CA TYR A 54 -5.71 3.59 -4.10
C TYR A 54 -5.04 3.34 -5.45
N CYS A 55 -5.16 2.11 -5.94
CA CYS A 55 -4.57 1.74 -7.23
C CYS A 55 -5.34 2.39 -8.37
N VAL A 56 -4.62 2.67 -9.46
CA VAL A 56 -5.22 3.29 -10.64
C VAL A 56 -6.59 2.69 -10.94
N ASP A 57 -6.76 1.42 -10.57
CA ASP A 57 -8.02 0.71 -10.81
C ASP A 57 -9.14 1.32 -9.97
N CYS A 58 -8.91 1.41 -8.66
CA CYS A 58 -9.91 1.96 -7.74
C CYS A 58 -9.99 3.48 -7.88
N TYR A 59 -8.82 4.13 -7.87
CA TYR A 59 -8.76 5.58 -7.99
C TYR A 59 -9.69 6.08 -9.08
N LYS A 60 -9.46 5.62 -10.31
CA LYS A 60 -10.28 6.02 -11.45
C LYS A 60 -11.77 5.91 -11.11
N ASN A 61 -12.14 4.80 -10.46
CA ASN A 61 -13.53 4.57 -10.08
C ASN A 61 -13.97 5.58 -9.02
N PHE A 62 -13.08 5.90 -8.10
CA PHE A 62 -13.37 6.85 -7.03
C PHE A 62 -13.54 8.26 -7.59
N VAL A 63 -12.51 8.76 -8.26
CA VAL A 63 -12.55 10.09 -8.85
C VAL A 63 -13.64 10.19 -9.92
N SER A 64 -13.98 9.06 -10.50
CA SER A 64 -15.01 9.00 -11.55
C SER A 64 -16.04 7.92 -11.25
N GLY A 65 -16.95 8.22 -10.34
CA GLY A 65 -17.97 7.26 -9.98
C GLY A 65 -19.36 7.87 -9.98
N PRO A 66 -20.39 7.01 -10.15
CA PRO A 66 -21.78 7.46 -10.18
C PRO A 66 -22.27 7.93 -8.81
N SER A 67 -21.97 7.14 -7.78
CA SER A 67 -22.38 7.46 -6.42
C SER A 67 -21.40 6.90 -5.40
N SER A 68 -20.96 7.76 -4.48
CA SER A 68 -20.01 7.34 -3.45
C SER A 68 -20.73 6.72 -2.26
N GLY A 69 -21.77 7.40 -1.80
CA GLY A 69 -22.54 6.90 -0.67
C GLY A 69 -23.99 7.35 -0.70
N GLY A 1 26.59 -8.92 16.48
CA GLY A 1 26.19 -7.51 16.51
C GLY A 1 24.81 -7.32 17.09
N SER A 2 24.36 -6.07 17.14
CA SER A 2 23.04 -5.75 17.68
C SER A 2 21.98 -6.65 17.06
N SER A 3 20.79 -6.61 17.65
CA SER A 3 19.68 -7.43 17.17
C SER A 3 18.34 -6.71 17.38
N GLY A 4 17.73 -6.29 16.28
CA GLY A 4 16.46 -5.60 16.36
C GLY A 4 15.84 -5.34 14.99
N SER A 5 15.16 -6.34 14.46
CA SER A 5 14.54 -6.22 13.15
C SER A 5 13.26 -5.39 13.23
N SER A 6 13.17 -4.37 12.39
CA SER A 6 11.99 -3.50 12.37
C SER A 6 10.97 -3.99 11.35
N GLY A 7 9.72 -4.11 11.79
CA GLY A 7 8.66 -4.56 10.90
C GLY A 7 8.03 -3.42 10.13
N CYS A 8 7.28 -3.76 9.08
CA CYS A 8 6.62 -2.76 8.25
C CYS A 8 5.72 -1.87 9.10
N VAL A 9 5.04 -0.92 8.46
CA VAL A 9 4.15 0.00 9.15
C VAL A 9 2.70 -0.40 8.96
N LYS A 10 2.46 -1.32 8.04
CA LYS A 10 1.11 -1.79 7.75
C LYS A 10 0.66 -2.84 8.77
N CYS A 11 1.17 -4.06 8.60
CA CYS A 11 0.83 -5.16 9.50
C CYS A 11 1.77 -5.17 10.70
N ASN A 12 2.80 -4.35 10.65
CA ASN A 12 3.77 -4.26 11.75
C ASN A 12 4.48 -5.60 11.95
N LYS A 13 5.07 -6.12 10.88
CA LYS A 13 5.78 -7.39 10.94
C LYS A 13 7.17 -7.27 10.32
N ALA A 14 8.14 -7.96 10.91
CA ALA A 14 9.51 -7.93 10.42
C ALA A 14 9.54 -8.03 8.89
N ILE A 15 10.50 -7.33 8.29
CA ILE A 15 10.64 -7.34 6.84
C ILE A 15 11.70 -8.35 6.40
N THR A 16 11.41 -9.06 5.30
CA THR A 16 12.35 -10.05 4.78
C THR A 16 13.60 -9.39 4.20
N SER A 17 14.56 -10.21 3.78
CA SER A 17 15.79 -9.71 3.22
C SER A 17 15.62 -9.35 1.75
N GLY A 18 14.47 -8.77 1.41
CA GLY A 18 14.19 -8.41 0.04
C GLY A 18 12.83 -7.76 -0.12
N GLY A 19 12.44 -6.94 0.84
CA GLY A 19 11.15 -6.28 0.78
C GLY A 19 11.19 -5.02 -0.06
N ILE A 20 10.28 -4.09 0.23
CA ILE A 20 10.22 -2.83 -0.51
C ILE A 20 10.11 -1.65 0.44
N THR A 21 10.73 -0.53 0.07
CA THR A 21 10.69 0.68 0.88
C THR A 21 9.99 1.82 0.14
N TYR A 22 8.98 2.39 0.77
CA TYR A 22 8.23 3.50 0.18
C TYR A 22 8.40 4.77 0.99
N GLN A 23 8.62 5.89 0.29
CA GLN A 23 8.80 7.18 0.95
C GLN A 23 9.73 7.05 2.16
N ASP A 24 10.73 6.19 2.04
CA ASP A 24 11.69 5.97 3.12
C ASP A 24 11.03 5.27 4.29
N GLN A 25 10.08 4.39 3.99
CA GLN A 25 9.37 3.65 5.03
C GLN A 25 9.30 2.17 4.69
N PRO A 26 9.39 1.31 5.73
CA PRO A 26 9.34 -0.14 5.56
C PRO A 26 7.95 -0.63 5.17
N TRP A 27 7.85 -1.19 3.96
CA TRP A 27 6.57 -1.69 3.47
C TRP A 27 6.75 -3.09 2.86
N HIS A 28 5.72 -3.92 3.01
CA HIS A 28 5.75 -5.28 2.48
C HIS A 28 5.13 -5.33 1.08
N ALA A 29 5.45 -6.38 0.34
CA ALA A 29 4.91 -6.55 -1.00
C ALA A 29 3.41 -6.77 -0.97
N ASP A 30 2.90 -7.29 0.14
CA ASP A 30 1.48 -7.55 0.29
C ASP A 30 0.80 -6.39 1.03
N CYS A 31 1.60 -5.59 1.73
CA CYS A 31 1.08 -4.45 2.48
C CYS A 31 1.10 -3.20 1.63
N PHE A 32 1.96 -3.19 0.62
CA PHE A 32 2.08 -2.03 -0.28
C PHE A 32 1.02 -2.07 -1.36
N VAL A 33 -0.19 -2.49 -1.00
CA VAL A 33 -1.30 -2.57 -1.94
C VAL A 33 -2.47 -1.71 -1.49
N CYS A 34 -3.27 -1.27 -2.45
CA CYS A 34 -4.44 -0.43 -2.16
C CYS A 34 -5.32 -1.09 -1.10
N VAL A 35 -6.13 -0.28 -0.42
CA VAL A 35 -7.02 -0.78 0.62
C VAL A 35 -8.39 -1.10 0.04
N THR A 36 -8.42 -1.56 -1.20
CA THR A 36 -9.67 -1.91 -1.86
C THR A 36 -9.61 -3.30 -2.47
N CYS A 37 -8.91 -3.42 -3.58
CA CYS A 37 -8.76 -4.71 -4.26
C CYS A 37 -7.44 -5.38 -3.89
N SER A 38 -6.63 -4.68 -3.10
CA SER A 38 -5.34 -5.21 -2.68
C SER A 38 -4.42 -5.43 -3.88
N LYS A 39 -4.26 -4.39 -4.69
CA LYS A 39 -3.41 -4.46 -5.88
C LYS A 39 -2.00 -3.97 -5.58
N LYS A 40 -1.02 -4.49 -6.30
CA LYS A 40 0.37 -4.09 -6.11
C LYS A 40 0.58 -2.65 -6.54
N LEU A 41 0.97 -1.80 -5.57
CA LEU A 41 1.21 -0.39 -5.85
C LEU A 41 2.69 -0.13 -6.08
N ALA A 42 3.41 -1.15 -6.53
CA ALA A 42 4.84 -1.03 -6.80
C ALA A 42 5.11 -0.86 -8.28
N GLY A 43 5.74 0.26 -8.64
CA GLY A 43 6.05 0.53 -10.03
C GLY A 43 4.86 1.10 -10.79
N GLN A 44 3.65 0.72 -10.37
CA GLN A 44 2.44 1.21 -11.01
C GLN A 44 2.12 2.63 -10.60
N ARG A 45 1.11 3.22 -11.22
CA ARG A 45 0.71 4.59 -10.91
C ARG A 45 -0.44 4.60 -9.92
N PHE A 46 -0.11 4.76 -8.64
CA PHE A 46 -1.11 4.79 -7.58
C PHE A 46 -1.27 6.20 -7.03
N THR A 47 -2.44 6.48 -6.46
CA THR A 47 -2.72 7.80 -5.89
C THR A 47 -2.76 7.74 -4.36
N ALA A 48 -1.99 8.61 -3.72
CA ALA A 48 -1.95 8.66 -2.27
C ALA A 48 -2.98 9.64 -1.72
N VAL A 49 -3.94 9.12 -0.95
CA VAL A 49 -4.98 9.97 -0.37
C VAL A 49 -4.80 10.08 1.15
N GLU A 50 -5.00 11.29 1.67
CA GLU A 50 -4.86 11.53 3.10
C GLU A 50 -5.33 10.32 3.90
N ASP A 51 -6.42 9.71 3.45
CA ASP A 51 -6.97 8.54 4.14
C ASP A 51 -6.06 7.32 3.94
N GLN A 52 -6.09 6.75 2.73
CA GLN A 52 -5.28 5.59 2.41
C GLN A 52 -4.81 5.64 0.96
N TYR A 53 -4.13 4.57 0.54
CA TYR A 53 -3.62 4.49 -0.83
C TYR A 53 -4.58 3.72 -1.72
N TYR A 54 -4.77 4.21 -2.94
CA TYR A 54 -5.66 3.56 -3.90
C TYR A 54 -4.97 3.39 -5.24
N CYS A 55 -5.17 2.22 -5.85
CA CYS A 55 -4.57 1.92 -7.15
C CYS A 55 -5.35 2.60 -8.27
N VAL A 56 -4.64 2.94 -9.35
CA VAL A 56 -5.26 3.59 -10.49
C VAL A 56 -6.56 2.90 -10.88
N ASP A 57 -6.57 1.58 -10.81
CA ASP A 57 -7.75 0.79 -11.15
C ASP A 57 -8.92 1.14 -10.23
N CYS A 58 -8.60 1.47 -8.98
CA CYS A 58 -9.62 1.82 -8.00
C CYS A 58 -9.94 3.31 -8.05
N TYR A 59 -8.91 4.13 -7.86
CA TYR A 59 -9.07 5.58 -7.88
C TYR A 59 -10.06 6.00 -8.96
N LYS A 60 -9.85 5.50 -10.18
CA LYS A 60 -10.72 5.82 -11.29
C LYS A 60 -12.17 5.45 -10.98
N ASN A 61 -12.35 4.33 -10.29
CA ASN A 61 -13.67 3.86 -9.92
C ASN A 61 -14.28 4.75 -8.84
N PHE A 62 -13.50 5.03 -7.81
CA PHE A 62 -13.96 5.86 -6.70
C PHE A 62 -14.28 7.27 -7.18
N VAL A 63 -13.29 7.93 -7.78
CA VAL A 63 -13.46 9.28 -8.29
C VAL A 63 -14.69 9.38 -9.19
N SER A 64 -14.87 8.36 -10.03
CA SER A 64 -16.00 8.33 -10.96
C SER A 64 -17.19 7.60 -10.34
N GLY A 65 -18.33 7.65 -11.04
CA GLY A 65 -19.52 6.99 -10.54
C GLY A 65 -20.28 6.27 -11.64
N PRO A 66 -21.04 5.23 -11.25
CA PRO A 66 -21.83 4.44 -12.20
C PRO A 66 -23.01 5.22 -12.76
N SER A 67 -23.39 4.91 -14.00
CA SER A 67 -24.50 5.59 -14.65
C SER A 67 -25.63 5.85 -13.66
N SER A 68 -25.77 7.11 -13.26
CA SER A 68 -26.81 7.50 -12.31
C SER A 68 -28.17 7.57 -12.99
N GLY A 69 -29.20 7.07 -12.31
CA GLY A 69 -30.53 7.09 -12.87
C GLY A 69 -31.18 8.46 -12.79
N GLY A 1 6.63 -11.29 21.08
CA GLY A 1 7.42 -10.47 20.18
C GLY A 1 8.88 -10.85 20.16
N SER A 2 9.48 -10.91 18.97
CA SER A 2 10.88 -11.27 18.83
C SER A 2 11.65 -10.17 18.10
N SER A 3 12.96 -10.36 17.98
CA SER A 3 13.81 -9.38 17.31
C SER A 3 14.43 -9.99 16.05
N GLY A 4 15.10 -9.15 15.27
CA GLY A 4 15.74 -9.62 14.04
C GLY A 4 15.86 -8.52 13.00
N SER A 5 14.77 -8.27 12.28
CA SER A 5 14.77 -7.25 11.23
C SER A 5 13.57 -6.33 11.39
N SER A 6 13.79 -5.04 11.18
CA SER A 6 12.73 -4.04 11.30
C SER A 6 11.48 -4.49 10.54
N GLY A 7 10.33 -4.44 11.21
CA GLY A 7 9.09 -4.85 10.58
C GLY A 7 8.31 -3.67 10.03
N CYS A 8 7.62 -3.91 8.92
CA CYS A 8 6.83 -2.85 8.28
C CYS A 8 5.90 -2.18 9.28
N VAL A 9 5.11 -1.23 8.81
CA VAL A 9 4.17 -0.52 9.66
C VAL A 9 2.74 -1.00 9.45
N LYS A 10 2.51 -1.64 8.31
CA LYS A 10 1.19 -2.16 7.98
C LYS A 10 0.84 -3.35 8.88
N CYS A 11 1.44 -4.50 8.59
CA CYS A 11 1.20 -5.71 9.36
C CYS A 11 2.12 -5.77 10.58
N ASN A 12 3.16 -4.96 10.56
CA ASN A 12 4.12 -4.92 11.66
C ASN A 12 4.91 -6.23 11.74
N LYS A 13 5.45 -6.65 10.61
CA LYS A 13 6.23 -7.89 10.55
C LYS A 13 7.58 -7.65 9.88
N ALA A 14 8.61 -8.30 10.41
CA ALA A 14 9.96 -8.16 9.86
C ALA A 14 9.94 -8.25 8.33
N ILE A 15 10.82 -7.49 7.69
CA ILE A 15 10.91 -7.48 6.23
C ILE A 15 11.99 -8.43 5.75
N THR A 16 11.67 -9.21 4.72
CA THR A 16 12.61 -10.16 4.16
C THR A 16 13.84 -9.46 3.60
N SER A 17 14.78 -10.24 3.05
CA SER A 17 15.99 -9.68 2.49
C SER A 17 15.76 -9.18 1.06
N GLY A 18 14.60 -8.57 0.85
CA GLY A 18 14.26 -8.05 -0.47
C GLY A 18 12.91 -7.37 -0.50
N GLY A 19 12.59 -6.64 0.56
CA GLY A 19 11.32 -5.93 0.63
C GLY A 19 11.35 -4.61 -0.08
N ILE A 20 10.45 -3.70 0.32
CA ILE A 20 10.38 -2.38 -0.29
C ILE A 20 10.20 -1.30 0.77
N THR A 21 10.82 -0.14 0.55
CA THR A 21 10.73 0.96 1.49
C THR A 21 9.96 2.13 0.88
N TYR A 22 8.85 2.49 1.52
CA TYR A 22 8.02 3.60 1.04
C TYR A 22 8.00 4.74 2.04
N GLN A 23 7.94 5.96 1.54
CA GLN A 23 7.91 7.14 2.40
C GLN A 23 8.94 7.03 3.52
N ASP A 24 10.12 6.54 3.18
CA ASP A 24 11.18 6.37 4.17
C ASP A 24 10.73 5.47 5.31
N GLN A 25 9.98 4.43 4.97
CA GLN A 25 9.49 3.49 5.97
C GLN A 25 9.41 2.07 5.41
N PRO A 26 9.56 1.08 6.30
CA PRO A 26 9.53 -0.34 5.91
C PRO A 26 8.13 -0.78 5.49
N TRP A 27 8.02 -1.26 4.25
CA TRP A 27 6.73 -1.71 3.72
C TRP A 27 6.89 -3.05 3.00
N HIS A 28 5.79 -3.78 2.86
CA HIS A 28 5.81 -5.08 2.19
C HIS A 28 5.09 -4.99 0.84
N ALA A 29 5.39 -5.95 -0.03
CA ALA A 29 4.78 -5.99 -1.36
C ALA A 29 3.27 -6.21 -1.26
N ASP A 30 2.86 -6.92 -0.22
CA ASP A 30 1.44 -7.19 0.00
C ASP A 30 0.79 -6.13 0.87
N CYS A 31 1.61 -5.44 1.66
CA CYS A 31 1.12 -4.39 2.54
C CYS A 31 1.04 -3.06 1.81
N PHE A 32 1.88 -2.90 0.79
CA PHE A 32 1.90 -1.67 0.01
C PHE A 32 0.82 -1.69 -1.08
N VAL A 33 -0.26 -2.41 -0.81
CA VAL A 33 -1.36 -2.51 -1.76
C VAL A 33 -2.52 -1.60 -1.36
N CYS A 34 -3.23 -1.08 -2.35
CA CYS A 34 -4.36 -0.20 -2.10
C CYS A 34 -5.24 -0.74 -0.98
N VAL A 35 -6.11 0.12 -0.45
CA VAL A 35 -7.00 -0.28 0.63
C VAL A 35 -8.40 -0.59 0.10
N THR A 36 -8.44 -1.18 -1.10
CA THR A 36 -9.72 -1.54 -1.72
C THR A 36 -9.68 -2.97 -2.24
N CYS A 37 -8.97 -3.19 -3.33
CA CYS A 37 -8.86 -4.52 -3.93
C CYS A 37 -7.54 -5.17 -3.56
N SER A 38 -6.69 -4.43 -2.85
CA SER A 38 -5.38 -4.94 -2.44
C SER A 38 -4.51 -5.24 -3.66
N LYS A 39 -4.35 -4.24 -4.52
CA LYS A 39 -3.53 -4.40 -5.72
C LYS A 39 -2.06 -4.10 -5.44
N LYS A 40 -1.18 -4.87 -6.06
CA LYS A 40 0.26 -4.70 -5.87
C LYS A 40 0.73 -3.38 -6.48
N LEU A 41 0.53 -2.30 -5.74
CA LEU A 41 0.94 -0.97 -6.21
C LEU A 41 2.41 -0.96 -6.60
N ALA A 42 3.14 -1.99 -6.17
CA ALA A 42 4.56 -2.09 -6.48
C ALA A 42 4.85 -1.66 -7.91
N GLY A 43 5.80 -0.74 -8.07
CA GLY A 43 6.15 -0.25 -9.38
C GLY A 43 4.95 -0.10 -10.29
N GLN A 44 3.82 0.28 -9.71
CA GLN A 44 2.59 0.46 -10.47
C GLN A 44 1.98 1.84 -10.21
N ARG A 45 1.26 2.35 -11.20
CA ARG A 45 0.62 3.66 -11.08
C ARG A 45 -0.43 3.65 -9.97
N PHE A 46 -0.39 4.67 -9.12
CA PHE A 46 -1.33 4.79 -8.01
C PHE A 46 -1.54 6.25 -7.62
N THR A 47 -2.52 6.48 -6.77
CA THR A 47 -2.83 7.84 -6.31
C THR A 47 -2.82 7.92 -4.79
N ALA A 48 -2.01 8.82 -4.26
CA ALA A 48 -1.92 9.00 -2.81
C ALA A 48 -2.92 10.04 -2.31
N VAL A 49 -3.90 9.60 -1.52
CA VAL A 49 -4.92 10.48 -0.99
C VAL A 49 -4.76 10.65 0.52
N GLU A 50 -4.79 11.89 0.97
CA GLU A 50 -4.65 12.18 2.40
C GLU A 50 -5.33 11.11 3.24
N ASP A 51 -6.41 10.53 2.71
CA ASP A 51 -7.14 9.49 3.42
C ASP A 51 -6.38 8.16 3.35
N GLN A 52 -6.26 7.62 2.15
CA GLN A 52 -5.56 6.35 1.95
C GLN A 52 -5.03 6.23 0.53
N TYR A 53 -4.45 5.08 0.21
CA TYR A 53 -3.90 4.84 -1.12
C TYR A 53 -4.85 4.00 -1.96
N TYR A 54 -5.06 4.42 -3.20
CA TYR A 54 -5.96 3.71 -4.12
C TYR A 54 -5.29 3.49 -5.46
N CYS A 55 -5.23 2.23 -5.89
CA CYS A 55 -4.62 1.88 -7.17
C CYS A 55 -5.43 2.46 -8.34
N VAL A 56 -4.72 2.95 -9.34
CA VAL A 56 -5.37 3.53 -10.51
C VAL A 56 -6.68 2.82 -10.82
N ASP A 57 -6.64 1.50 -10.82
CA ASP A 57 -7.83 0.69 -11.10
C ASP A 57 -8.98 1.11 -10.21
N CYS A 58 -8.70 1.26 -8.91
CA CYS A 58 -9.72 1.65 -7.94
C CYS A 58 -9.97 3.15 -8.00
N TYR A 59 -8.93 3.93 -7.78
CA TYR A 59 -9.03 5.39 -7.80
C TYR A 59 -9.88 5.85 -8.98
N LYS A 60 -9.52 5.39 -10.17
CA LYS A 60 -10.24 5.76 -11.39
C LYS A 60 -11.74 5.51 -11.23
N ASN A 61 -12.08 4.38 -10.61
CA ASN A 61 -13.48 4.03 -10.38
C ASN A 61 -14.11 4.94 -9.33
N PHE A 62 -13.34 5.27 -8.30
CA PHE A 62 -13.81 6.13 -7.23
C PHE A 62 -14.10 7.54 -7.74
N VAL A 63 -13.16 8.08 -8.51
CA VAL A 63 -13.31 9.42 -9.06
C VAL A 63 -14.28 9.42 -10.25
N SER A 64 -14.39 8.27 -10.91
CA SER A 64 -15.28 8.14 -12.06
C SER A 64 -16.53 7.34 -11.70
N GLY A 65 -17.68 8.00 -11.72
CA GLY A 65 -18.93 7.32 -11.39
C GLY A 65 -18.89 6.68 -10.02
N PRO A 66 -19.06 7.51 -8.97
CA PRO A 66 -19.06 7.04 -7.58
C PRO A 66 -20.29 6.19 -7.25
N SER A 67 -20.10 5.19 -6.39
CA SER A 67 -21.20 4.31 -5.99
C SER A 67 -20.94 3.72 -4.62
N SER A 68 -21.78 4.08 -3.65
CA SER A 68 -21.64 3.58 -2.29
C SER A 68 -22.85 2.73 -1.90
N GLY A 69 -22.66 1.86 -0.91
CA GLY A 69 -23.74 1.00 -0.46
C GLY A 69 -24.42 1.55 0.79
N GLY A 1 7.96 -17.80 18.42
CA GLY A 1 7.22 -16.59 18.76
C GLY A 1 7.58 -15.43 17.86
N SER A 2 8.84 -15.01 17.90
CA SER A 2 9.30 -13.90 17.09
C SER A 2 9.83 -14.39 15.74
N SER A 3 9.79 -13.50 14.74
CA SER A 3 10.26 -13.85 13.41
C SER A 3 11.48 -13.02 13.03
N GLY A 4 11.40 -11.71 13.28
CA GLY A 4 12.51 -10.83 12.96
C GLY A 4 12.61 -9.66 13.92
N SER A 5 13.76 -8.99 13.92
CA SER A 5 13.98 -7.85 14.80
C SER A 5 13.04 -6.70 14.44
N SER A 6 13.19 -6.18 13.23
CA SER A 6 12.36 -5.07 12.77
C SER A 6 11.39 -5.53 11.71
N GLY A 7 10.25 -4.85 11.60
CA GLY A 7 9.25 -5.20 10.62
C GLY A 7 8.48 -3.99 10.10
N CYS A 8 7.73 -4.19 9.03
CA CYS A 8 6.95 -3.11 8.43
C CYS A 8 6.06 -2.45 9.47
N VAL A 9 5.28 -1.47 9.02
CA VAL A 9 4.36 -0.75 9.92
C VAL A 9 2.92 -1.22 9.72
N LYS A 10 2.68 -1.91 8.60
CA LYS A 10 1.34 -2.41 8.29
C LYS A 10 1.03 -3.66 9.10
N CYS A 11 1.61 -4.78 8.69
CA CYS A 11 1.40 -6.05 9.38
C CYS A 11 2.39 -6.23 10.52
N ASN A 12 3.36 -5.33 10.60
CA ASN A 12 4.38 -5.39 11.63
C ASN A 12 5.12 -6.72 11.60
N LYS A 13 5.65 -7.06 10.43
CA LYS A 13 6.38 -8.32 10.26
C LYS A 13 7.74 -8.07 9.63
N ALA A 14 8.70 -8.95 9.91
CA ALA A 14 10.04 -8.83 9.37
C ALA A 14 10.01 -8.73 7.85
N ILE A 15 10.89 -7.90 7.30
CA ILE A 15 10.96 -7.71 5.85
C ILE A 15 12.03 -8.61 5.24
N THR A 16 11.66 -9.32 4.17
CA THR A 16 12.59 -10.20 3.49
C THR A 16 13.85 -9.45 3.03
N SER A 17 14.78 -10.18 2.45
CA SER A 17 16.03 -9.58 1.96
C SER A 17 15.82 -8.96 0.58
N GLY A 18 14.68 -8.33 0.40
CA GLY A 18 14.38 -7.69 -0.88
C GLY A 18 13.01 -7.05 -0.91
N GLY A 19 12.63 -6.42 0.20
CA GLY A 19 11.33 -5.77 0.28
C GLY A 19 11.35 -4.36 -0.29
N ILE A 20 10.40 -3.54 0.13
CA ILE A 20 10.32 -2.17 -0.35
C ILE A 20 10.19 -1.18 0.81
N THR A 21 10.74 0.01 0.62
CA THR A 21 10.70 1.04 1.66
C THR A 21 9.95 2.27 1.17
N TYR A 22 9.06 2.79 2.01
CA TYR A 22 8.28 3.97 1.66
C TYR A 22 8.39 5.04 2.74
N GLN A 23 8.47 6.30 2.31
CA GLN A 23 8.58 7.42 3.25
C GLN A 23 9.60 7.11 4.34
N ASP A 24 10.72 6.51 3.96
CA ASP A 24 11.77 6.16 4.91
C ASP A 24 11.23 5.23 5.98
N GLN A 25 10.39 4.28 5.58
CA GLN A 25 9.82 3.32 6.51
C GLN A 25 9.70 1.93 5.87
N PRO A 26 9.81 0.89 6.70
CA PRO A 26 9.71 -0.50 6.23
C PRO A 26 8.31 -0.87 5.79
N TRP A 27 8.16 -1.27 4.53
CA TRP A 27 6.86 -1.66 3.99
C TRP A 27 6.96 -2.97 3.21
N HIS A 28 5.82 -3.60 2.97
CA HIS A 28 5.78 -4.86 2.23
C HIS A 28 5.06 -4.68 0.90
N ALA A 29 5.22 -5.66 0.01
CA ALA A 29 4.58 -5.61 -1.30
C ALA A 29 3.07 -5.79 -1.18
N ASP A 30 2.65 -6.58 -0.20
CA ASP A 30 1.23 -6.84 0.02
C ASP A 30 0.63 -5.78 0.95
N CYS A 31 1.48 -5.17 1.78
CA CYS A 31 1.03 -4.15 2.71
C CYS A 31 0.94 -2.79 2.03
N PHE A 32 1.78 -2.58 1.02
CA PHE A 32 1.80 -1.32 0.28
C PHE A 32 0.74 -1.32 -0.81
N VAL A 33 -0.30 -2.11 -0.62
CA VAL A 33 -1.39 -2.21 -1.60
C VAL A 33 -2.52 -1.26 -1.25
N CYS A 34 -3.35 -0.93 -2.24
CA CYS A 34 -4.48 -0.04 -2.04
C CYS A 34 -5.39 -0.54 -0.92
N VAL A 35 -6.19 0.35 -0.38
CA VAL A 35 -7.11 0.01 0.71
C VAL A 35 -8.51 -0.30 0.16
N THR A 36 -8.55 -0.94 -1.01
CA THR A 36 -9.82 -1.29 -1.63
C THR A 36 -9.81 -2.74 -2.11
N CYS A 37 -9.08 -3.00 -3.18
CA CYS A 37 -8.99 -4.34 -3.75
C CYS A 37 -7.67 -5.01 -3.34
N SER A 38 -6.84 -4.27 -2.63
CA SER A 38 -5.54 -4.79 -2.19
C SER A 38 -4.67 -5.16 -3.38
N LYS A 39 -4.47 -4.20 -4.29
CA LYS A 39 -3.65 -4.43 -5.47
C LYS A 39 -2.22 -3.95 -5.25
N LYS A 40 -1.26 -4.77 -5.65
CA LYS A 40 0.15 -4.43 -5.50
C LYS A 40 0.46 -3.08 -6.14
N LEU A 41 0.49 -2.04 -5.32
CA LEU A 41 0.78 -0.69 -5.81
C LEU A 41 2.26 -0.54 -6.13
N ALA A 42 3.11 -1.18 -5.33
CA ALA A 42 4.55 -1.12 -5.53
C ALA A 42 4.91 -1.38 -6.99
N GLY A 43 5.51 -0.39 -7.63
CA GLY A 43 5.90 -0.53 -9.03
C GLY A 43 4.77 -0.19 -9.98
N GLN A 44 3.54 -0.52 -9.58
CA GLN A 44 2.37 -0.26 -10.41
C GLN A 44 1.82 1.13 -10.14
N ARG A 45 1.28 1.77 -11.19
CA ARG A 45 0.71 3.09 -11.06
C ARG A 45 -0.29 3.16 -9.93
N PHE A 46 -0.07 4.08 -8.99
CA PHE A 46 -0.97 4.24 -7.86
C PHE A 46 -1.26 5.71 -7.59
N THR A 47 -2.39 5.98 -6.94
CA THR A 47 -2.78 7.36 -6.63
C THR A 47 -2.84 7.58 -5.13
N ALA A 48 -2.09 8.58 -4.65
CA ALA A 48 -2.06 8.90 -3.23
C ALA A 48 -3.12 9.92 -2.88
N VAL A 49 -4.13 9.51 -2.12
CA VAL A 49 -5.20 10.39 -1.71
C VAL A 49 -5.11 10.71 -0.22
N GLU A 50 -5.30 11.99 0.12
CA GLU A 50 -5.24 12.42 1.51
C GLU A 50 -5.76 11.33 2.44
N ASP A 51 -6.88 10.72 2.07
CA ASP A 51 -7.48 9.66 2.87
C ASP A 51 -6.57 8.43 2.90
N GLN A 52 -6.46 7.75 1.76
CA GLN A 52 -5.63 6.56 1.66
C GLN A 52 -5.09 6.40 0.25
N TYR A 53 -4.41 5.28 0.02
CA TYR A 53 -3.83 5.00 -1.30
C TYR A 53 -4.76 4.12 -2.12
N TYR A 54 -5.07 4.57 -3.33
CA TYR A 54 -5.95 3.83 -4.23
C TYR A 54 -5.28 3.56 -5.57
N CYS A 55 -5.25 2.30 -5.97
CA CYS A 55 -4.63 1.91 -7.24
C CYS A 55 -5.42 2.47 -8.41
N VAL A 56 -4.70 2.97 -9.42
CA VAL A 56 -5.32 3.54 -10.60
C VAL A 56 -6.60 2.79 -10.96
N ASP A 57 -6.54 1.46 -10.87
CA ASP A 57 -7.70 0.62 -11.18
C ASP A 57 -8.90 1.02 -10.33
N CYS A 58 -8.67 1.21 -9.04
CA CYS A 58 -9.74 1.59 -8.12
C CYS A 58 -10.11 3.06 -8.30
N TYR A 59 -9.12 3.93 -8.20
CA TYR A 59 -9.34 5.37 -8.34
C TYR A 59 -10.22 5.66 -9.55
N LYS A 60 -9.83 5.14 -10.71
CA LYS A 60 -10.59 5.34 -11.94
C LYS A 60 -12.02 4.84 -11.78
N ASN A 61 -12.18 3.69 -11.12
CA ASN A 61 -13.50 3.12 -10.90
C ASN A 61 -14.29 3.93 -9.88
N PHE A 62 -13.57 4.58 -8.98
CA PHE A 62 -14.21 5.40 -7.94
C PHE A 62 -14.69 6.73 -8.51
N VAL A 63 -13.87 7.33 -9.37
CA VAL A 63 -14.22 8.61 -9.99
C VAL A 63 -15.18 8.40 -11.15
N SER A 64 -15.27 7.16 -11.64
CA SER A 64 -16.15 6.84 -12.76
C SER A 64 -17.61 7.07 -12.39
N GLY A 65 -18.31 7.83 -13.22
CA GLY A 65 -19.71 8.11 -12.96
C GLY A 65 -20.08 9.55 -13.28
N PRO A 66 -21.34 9.92 -12.99
CA PRO A 66 -21.84 11.28 -13.24
C PRO A 66 -21.22 12.31 -12.31
N SER A 67 -21.70 13.54 -12.41
CA SER A 67 -21.18 14.62 -11.57
C SER A 67 -21.10 14.19 -10.11
N SER A 68 -19.90 13.85 -9.67
CA SER A 68 -19.68 13.41 -8.30
C SER A 68 -20.08 14.51 -7.31
N GLY A 69 -21.00 14.17 -6.41
CA GLY A 69 -21.47 15.14 -5.42
C GLY A 69 -20.38 15.52 -4.44
N GLY A 1 14.89 -8.26 27.36
CA GLY A 1 15.81 -8.48 26.25
C GLY A 1 15.17 -9.29 25.13
N SER A 2 14.20 -8.68 24.45
CA SER A 2 13.50 -9.34 23.36
C SER A 2 14.24 -9.11 22.03
N SER A 3 14.34 -10.17 21.23
CA SER A 3 15.02 -10.08 19.94
C SER A 3 14.02 -10.17 18.80
N GLY A 4 14.16 -9.29 17.81
CA GLY A 4 13.27 -9.28 16.68
C GLY A 4 13.26 -7.95 15.94
N SER A 5 13.30 -8.02 14.61
CA SER A 5 13.31 -6.82 13.79
C SER A 5 12.13 -5.92 14.13
N SER A 6 12.11 -4.72 13.54
CA SER A 6 11.03 -3.77 13.78
C SER A 6 9.78 -4.15 13.00
N GLY A 7 9.96 -4.52 11.74
CA GLY A 7 8.84 -4.89 10.91
C GLY A 7 8.18 -3.70 10.23
N CYS A 8 7.47 -3.96 9.14
CA CYS A 8 6.78 -2.90 8.40
C CYS A 8 5.85 -2.12 9.32
N VAL A 9 5.15 -1.14 8.74
CA VAL A 9 4.21 -0.32 9.50
C VAL A 9 2.77 -0.75 9.24
N LYS A 10 2.59 -1.60 8.24
CA LYS A 10 1.26 -2.09 7.87
C LYS A 10 0.86 -3.26 8.76
N CYS A 11 1.43 -4.43 8.49
CA CYS A 11 1.13 -5.62 9.27
C CYS A 11 2.04 -5.72 10.49
N ASN A 12 3.06 -4.88 10.53
CA ASN A 12 4.00 -4.88 11.65
C ASN A 12 4.73 -6.21 11.74
N LYS A 13 5.36 -6.62 10.65
CA LYS A 13 6.10 -7.88 10.62
C LYS A 13 7.46 -7.70 9.95
N ALA A 14 8.43 -8.48 10.39
CA ALA A 14 9.78 -8.41 9.82
C ALA A 14 9.74 -8.43 8.30
N ILE A 15 10.77 -7.84 7.68
CA ILE A 15 10.85 -7.78 6.22
C ILE A 15 11.93 -8.72 5.71
N THR A 16 11.58 -9.51 4.70
CA THR A 16 12.50 -10.46 4.10
C THR A 16 13.77 -9.76 3.63
N SER A 17 14.73 -10.54 3.12
CA SER A 17 15.98 -10.00 2.64
C SER A 17 15.83 -9.44 1.22
N GLY A 18 14.70 -8.79 0.98
CA GLY A 18 14.45 -8.22 -0.34
C GLY A 18 13.09 -7.56 -0.43
N GLY A 19 12.70 -6.85 0.63
CA GLY A 19 11.41 -6.19 0.64
C GLY A 19 11.44 -4.85 -0.08
N ILE A 20 10.53 -3.95 0.30
CA ILE A 20 10.46 -2.63 -0.31
C ILE A 20 10.28 -1.54 0.74
N THR A 21 10.83 -0.36 0.47
CA THR A 21 10.73 0.76 1.39
C THR A 21 10.00 1.93 0.74
N TYR A 22 8.88 2.33 1.35
CA TYR A 22 8.09 3.44 0.84
C TYR A 22 8.24 4.68 1.73
N GLN A 23 8.32 5.85 1.10
CA GLN A 23 8.47 7.09 1.83
C GLN A 23 9.44 6.94 3.00
N ASP A 24 10.56 6.26 2.74
CA ASP A 24 11.56 6.04 3.76
C ASP A 24 10.99 5.25 4.94
N GLN A 25 10.11 4.31 4.63
CA GLN A 25 9.49 3.49 5.66
C GLN A 25 9.45 2.02 5.25
N PRO A 26 9.57 1.13 6.23
CA PRO A 26 9.55 -0.32 6.00
C PRO A 26 8.17 -0.82 5.58
N TRP A 27 8.06 -1.29 4.34
CA TRP A 27 6.79 -1.79 3.83
C TRP A 27 7.00 -3.13 3.11
N HIS A 28 5.91 -3.87 2.94
CA HIS A 28 5.97 -5.16 2.27
C HIS A 28 5.37 -5.07 0.87
N ALA A 29 5.50 -6.16 0.11
CA ALA A 29 4.97 -6.20 -1.26
C ALA A 29 3.45 -6.31 -1.25
N ASP A 30 2.92 -6.98 -0.24
CA ASP A 30 1.47 -7.17 -0.12
C ASP A 30 0.86 -6.05 0.72
N CYS A 31 1.65 -5.48 1.62
CA CYS A 31 1.18 -4.41 2.48
C CYS A 31 1.12 -3.09 1.73
N PHE A 32 1.91 -2.99 0.66
CA PHE A 32 1.95 -1.78 -0.15
C PHE A 32 0.82 -1.77 -1.18
N VAL A 33 -0.22 -2.55 -0.90
CA VAL A 33 -1.37 -2.64 -1.80
C VAL A 33 -2.43 -1.61 -1.42
N CYS A 34 -3.20 -1.17 -2.41
CA CYS A 34 -4.26 -0.21 -2.19
C CYS A 34 -5.16 -0.62 -1.03
N VAL A 35 -5.98 0.30 -0.56
CA VAL A 35 -6.89 0.03 0.55
C VAL A 35 -8.31 -0.27 0.04
N THR A 36 -8.39 -0.95 -1.10
CA THR A 36 -9.68 -1.29 -1.69
C THR A 36 -9.71 -2.75 -2.10
N CYS A 37 -9.03 -3.07 -3.21
CA CYS A 37 -8.99 -4.43 -3.72
C CYS A 37 -7.71 -5.14 -3.28
N SER A 38 -6.79 -4.37 -2.68
CA SER A 38 -5.53 -4.93 -2.21
C SER A 38 -4.62 -5.27 -3.39
N LYS A 39 -4.41 -4.31 -4.28
CA LYS A 39 -3.56 -4.51 -5.45
C LYS A 39 -2.16 -3.96 -5.19
N LYS A 40 -1.15 -4.78 -5.50
CA LYS A 40 0.24 -4.39 -5.30
C LYS A 40 0.58 -3.17 -6.16
N LEU A 41 0.93 -2.07 -5.50
CA LEU A 41 1.28 -0.84 -6.20
C LEU A 41 2.79 -0.72 -6.37
N ALA A 42 3.47 -1.86 -6.36
CA ALA A 42 4.92 -1.89 -6.52
C ALA A 42 5.35 -1.07 -7.73
N GLY A 43 6.02 0.05 -7.47
CA GLY A 43 6.48 0.91 -8.55
C GLY A 43 5.43 1.09 -9.63
N GLN A 44 4.16 0.96 -9.25
CA GLN A 44 3.06 1.10 -10.21
C GLN A 44 2.41 2.48 -10.08
N ARG A 45 1.36 2.70 -10.87
CA ARG A 45 0.64 3.97 -10.84
C ARG A 45 -0.45 3.95 -9.77
N PHE A 46 -0.48 4.98 -8.93
CA PHE A 46 -1.48 5.08 -7.87
C PHE A 46 -1.63 6.53 -7.40
N THR A 47 -2.73 6.81 -6.72
CA THR A 47 -2.99 8.15 -6.22
C THR A 47 -3.00 8.17 -4.70
N ALA A 48 -2.22 9.08 -4.12
CA ALA A 48 -2.13 9.21 -2.67
C ALA A 48 -3.14 10.23 -2.15
N VAL A 49 -4.18 9.74 -1.48
CA VAL A 49 -5.21 10.61 -0.93
C VAL A 49 -5.02 10.81 0.57
N GLU A 50 -5.19 12.05 1.02
CA GLU A 50 -5.03 12.38 2.44
C GLU A 50 -5.56 11.24 3.31
N ASP A 51 -6.59 10.57 2.85
CA ASP A 51 -7.19 9.46 3.59
C ASP A 51 -6.34 8.19 3.45
N GLN A 52 -6.42 7.57 2.28
CA GLN A 52 -5.66 6.35 2.02
C GLN A 52 -5.19 6.29 0.56
N TYR A 53 -4.50 5.22 0.20
CA TYR A 53 -4.00 5.06 -1.15
C TYR A 53 -4.96 4.21 -1.98
N TYR A 54 -5.02 4.50 -3.28
CA TYR A 54 -5.90 3.79 -4.19
C TYR A 54 -5.20 3.50 -5.51
N CYS A 55 -5.38 2.29 -6.03
CA CYS A 55 -4.78 1.90 -7.29
C CYS A 55 -5.59 2.43 -8.47
N VAL A 56 -4.90 2.70 -9.58
CA VAL A 56 -5.56 3.21 -10.78
C VAL A 56 -6.81 2.40 -11.11
N ASP A 57 -6.73 1.09 -10.92
CA ASP A 57 -7.85 0.20 -11.20
C ASP A 57 -9.04 0.54 -10.30
N CYS A 58 -8.75 1.03 -9.10
CA CYS A 58 -9.80 1.39 -8.15
C CYS A 58 -10.18 2.86 -8.31
N TYR A 59 -9.21 3.75 -8.13
CA TYR A 59 -9.45 5.18 -8.25
C TYR A 59 -10.38 5.48 -9.42
N LYS A 60 -10.07 4.90 -10.58
CA LYS A 60 -10.88 5.09 -11.78
C LYS A 60 -12.35 4.77 -11.51
N ASN A 61 -12.57 3.74 -10.69
CA ASN A 61 -13.93 3.32 -10.36
C ASN A 61 -14.54 4.25 -9.30
N PHE A 62 -13.85 4.37 -8.18
CA PHE A 62 -14.32 5.22 -7.09
C PHE A 62 -14.72 6.60 -7.62
N VAL A 63 -13.90 7.16 -8.49
CA VAL A 63 -14.16 8.47 -9.07
C VAL A 63 -15.26 8.40 -10.11
N SER A 64 -15.31 7.29 -10.85
CA SER A 64 -16.32 7.11 -11.88
C SER A 64 -17.45 6.21 -11.38
N GLY A 65 -18.56 6.83 -10.98
CA GLY A 65 -19.70 6.08 -10.48
C GLY A 65 -20.42 6.79 -9.36
N PRO A 66 -21.72 6.52 -9.22
CA PRO A 66 -22.55 7.13 -8.18
C PRO A 66 -22.21 6.61 -6.79
N SER A 67 -21.84 7.53 -5.91
CA SER A 67 -21.48 7.17 -4.53
C SER A 67 -21.33 8.42 -3.67
N SER A 68 -21.99 8.40 -2.51
CA SER A 68 -21.93 9.52 -1.59
C SER A 68 -20.50 10.00 -1.39
N GLY A 69 -19.65 9.10 -0.89
CA GLY A 69 -18.26 9.44 -0.66
C GLY A 69 -17.66 10.25 -1.80
N GLY A 1 8.18 -12.79 21.98
CA GLY A 1 8.88 -11.63 21.46
C GLY A 1 10.08 -11.26 22.30
N SER A 2 10.19 -9.98 22.65
CA SER A 2 11.31 -9.50 23.45
C SER A 2 12.63 -10.04 22.91
N SER A 3 12.78 -10.04 21.59
CA SER A 3 13.99 -10.53 20.95
C SER A 3 14.80 -9.38 20.34
N GLY A 4 14.10 -8.47 19.68
CA GLY A 4 14.76 -7.34 19.06
C GLY A 4 14.71 -7.38 17.55
N SER A 5 13.56 -7.02 16.98
CA SER A 5 13.39 -7.03 15.53
C SER A 5 12.48 -5.88 15.10
N SER A 6 12.52 -5.56 13.81
CA SER A 6 11.71 -4.48 13.26
C SER A 6 10.97 -4.95 12.01
N GLY A 7 9.75 -4.44 11.83
CA GLY A 7 8.96 -4.81 10.68
C GLY A 7 8.28 -3.62 10.03
N CYS A 8 7.53 -3.88 8.97
CA CYS A 8 6.84 -2.81 8.24
C CYS A 8 5.95 -2.01 9.20
N VAL A 9 5.24 -1.02 8.64
CA VAL A 9 4.36 -0.18 9.43
C VAL A 9 2.89 -0.58 9.24
N LYS A 10 2.64 -1.35 8.20
CA LYS A 10 1.28 -1.81 7.89
C LYS A 10 0.85 -2.92 8.84
N CYS A 11 1.38 -4.12 8.61
CA CYS A 11 1.06 -5.27 9.44
C CYS A 11 1.98 -5.34 10.65
N ASN A 12 3.06 -4.57 10.61
CA ASN A 12 4.03 -4.56 11.70
C ASN A 12 4.71 -5.91 11.84
N LYS A 13 5.27 -6.41 10.75
CA LYS A 13 5.95 -7.70 10.76
C LYS A 13 7.33 -7.58 10.12
N ALA A 14 8.27 -8.39 10.60
CA ALA A 14 9.63 -8.39 10.07
C ALA A 14 9.63 -8.39 8.54
N ILE A 15 10.54 -7.63 7.95
CA ILE A 15 10.64 -7.56 6.50
C ILE A 15 11.67 -8.55 5.97
N THR A 16 11.30 -9.27 4.91
CA THR A 16 12.19 -10.26 4.31
C THR A 16 13.52 -9.64 3.95
N SER A 17 14.49 -10.49 3.61
CA SER A 17 15.83 -10.02 3.24
C SER A 17 15.85 -9.50 1.81
N GLY A 18 14.79 -8.79 1.43
CA GLY A 18 14.71 -8.25 0.09
C GLY A 18 13.34 -7.67 -0.22
N GLY A 19 12.75 -6.99 0.75
CA GLY A 19 11.43 -6.40 0.56
C GLY A 19 11.48 -5.10 -0.22
N ILE A 20 10.64 -4.15 0.17
CA ILE A 20 10.60 -2.86 -0.50
C ILE A 20 10.51 -1.71 0.51
N THR A 21 10.75 -0.50 0.04
CA THR A 21 10.70 0.68 0.90
C THR A 21 9.92 1.81 0.23
N TYR A 22 8.90 2.30 0.92
CA TYR A 22 8.08 3.39 0.39
C TYR A 22 8.27 4.67 1.21
N GLN A 23 8.39 5.79 0.52
CA GLN A 23 8.58 7.08 1.18
C GLN A 23 9.58 6.96 2.32
N ASP A 24 10.65 6.23 2.08
CA ASP A 24 11.69 6.04 3.10
C ASP A 24 11.13 5.32 4.31
N GLN A 25 10.28 4.33 4.07
CA GLN A 25 9.67 3.56 5.15
C GLN A 25 9.55 2.08 4.77
N PRO A 26 9.66 1.21 5.79
CA PRO A 26 9.56 -0.24 5.58
C PRO A 26 8.15 -0.69 5.21
N TRP A 27 8.01 -1.20 3.99
CA TRP A 27 6.71 -1.67 3.50
C TRP A 27 6.84 -3.03 2.84
N HIS A 28 5.77 -3.82 2.92
CA HIS A 28 5.76 -5.16 2.33
C HIS A 28 5.10 -5.13 0.95
N ALA A 29 5.36 -6.17 0.17
CA ALA A 29 4.81 -6.27 -1.18
C ALA A 29 3.29 -6.40 -1.13
N ASP A 30 2.78 -6.99 -0.06
CA ASP A 30 1.34 -7.17 0.11
C ASP A 30 0.74 -6.01 0.88
N CYS A 31 1.55 -5.35 1.70
CA CYS A 31 1.10 -4.22 2.50
C CYS A 31 1.13 -2.94 1.68
N PHE A 32 1.96 -2.92 0.64
CA PHE A 32 2.08 -1.75 -0.22
C PHE A 32 1.00 -1.76 -1.30
N VAL A 33 -0.11 -2.41 -1.01
CA VAL A 33 -1.21 -2.49 -1.96
C VAL A 33 -2.34 -1.54 -1.58
N CYS A 34 -3.16 -1.17 -2.57
CA CYS A 34 -4.27 -0.26 -2.34
C CYS A 34 -5.19 -0.78 -1.23
N VAL A 35 -5.86 0.13 -0.55
CA VAL A 35 -6.77 -0.23 0.53
C VAL A 35 -8.18 -0.49 0.00
N THR A 36 -8.26 -1.05 -1.21
CA THR A 36 -9.54 -1.35 -1.82
C THR A 36 -9.59 -2.79 -2.33
N CYS A 37 -8.93 -3.04 -3.45
CA CYS A 37 -8.90 -4.38 -4.03
C CYS A 37 -7.62 -5.12 -3.63
N SER A 38 -6.72 -4.41 -2.95
CA SER A 38 -5.46 -5.00 -2.51
C SER A 38 -4.58 -5.36 -3.71
N LYS A 39 -4.35 -4.39 -4.57
CA LYS A 39 -3.53 -4.60 -5.76
C LYS A 39 -2.10 -4.10 -5.53
N LYS A 40 -1.13 -4.94 -5.88
CA LYS A 40 0.28 -4.59 -5.72
C LYS A 40 0.61 -3.31 -6.47
N LEU A 41 0.98 -2.27 -5.72
CA LEU A 41 1.33 -0.99 -6.33
C LEU A 41 2.84 -0.84 -6.46
N ALA A 42 3.54 -1.96 -6.41
CA ALA A 42 5.00 -1.96 -6.53
C ALA A 42 5.45 -1.10 -7.69
N GLY A 43 6.06 0.04 -7.39
CA GLY A 43 6.53 0.94 -8.42
C GLY A 43 5.53 1.12 -9.54
N GLN A 44 4.24 1.02 -9.20
CA GLN A 44 3.18 1.17 -10.18
C GLN A 44 2.43 2.49 -9.98
N ARG A 45 1.41 2.71 -10.79
CA ARG A 45 0.62 3.93 -10.71
C ARG A 45 -0.43 3.83 -9.60
N PHE A 46 -0.31 4.70 -8.60
CA PHE A 46 -1.25 4.70 -7.48
C PHE A 46 -1.45 6.12 -6.95
N THR A 47 -2.67 6.39 -6.49
CA THR A 47 -3.00 7.70 -5.96
C THR A 47 -3.22 7.65 -4.46
N ALA A 48 -2.46 8.45 -3.71
CA ALA A 48 -2.58 8.49 -2.26
C ALA A 48 -3.61 9.52 -1.82
N VAL A 49 -4.62 9.08 -1.09
CA VAL A 49 -5.67 9.96 -0.61
C VAL A 49 -5.43 10.37 0.84
N GLU A 50 -5.82 11.59 1.18
CA GLU A 50 -5.65 12.09 2.54
C GLU A 50 -5.84 10.98 3.57
N ASP A 51 -6.77 10.08 3.29
CA ASP A 51 -7.06 8.96 4.18
C ASP A 51 -6.14 7.78 3.88
N GLN A 52 -6.43 7.07 2.80
CA GLN A 52 -5.63 5.92 2.41
C GLN A 52 -5.20 6.02 0.95
N TYR A 53 -4.56 4.97 0.44
CA TYR A 53 -4.10 4.95 -0.94
C TYR A 53 -5.08 4.17 -1.82
N TYR A 54 -4.99 4.40 -3.13
CA TYR A 54 -5.86 3.72 -4.09
C TYR A 54 -5.16 3.55 -5.43
N CYS A 55 -5.26 2.35 -5.99
CA CYS A 55 -4.64 2.06 -7.28
C CYS A 55 -5.45 2.66 -8.42
N VAL A 56 -4.75 3.20 -9.41
CA VAL A 56 -5.41 3.82 -10.57
C VAL A 56 -6.69 3.07 -10.92
N ASP A 57 -6.60 1.75 -10.99
CA ASP A 57 -7.76 0.92 -11.32
C ASP A 57 -8.94 1.26 -10.42
N CYS A 58 -8.68 1.39 -9.12
CA CYS A 58 -9.73 1.71 -8.15
C CYS A 58 -10.12 3.18 -8.25
N TYR A 59 -9.17 4.06 -7.94
CA TYR A 59 -9.42 5.50 -7.99
C TYR A 59 -10.24 5.86 -9.22
N LYS A 60 -9.82 5.38 -10.37
CA LYS A 60 -10.51 5.65 -11.62
C LYS A 60 -11.97 5.19 -11.55
N ASN A 61 -12.19 4.09 -10.84
CA ASN A 61 -13.54 3.54 -10.68
C ASN A 61 -14.36 4.37 -9.70
N PHE A 62 -13.72 4.81 -8.61
CA PHE A 62 -14.39 5.61 -7.60
C PHE A 62 -14.78 6.97 -8.15
N VAL A 63 -13.81 7.66 -8.77
CA VAL A 63 -14.05 8.98 -9.34
C VAL A 63 -15.15 8.92 -10.39
N SER A 64 -15.18 7.84 -11.16
CA SER A 64 -16.18 7.67 -12.21
C SER A 64 -17.21 6.62 -11.81
N GLY A 65 -18.35 7.08 -11.33
CA GLY A 65 -19.41 6.16 -10.92
C GLY A 65 -20.68 6.36 -11.72
N PRO A 66 -21.65 5.46 -11.50
CA PRO A 66 -22.95 5.51 -12.21
C PRO A 66 -23.80 6.68 -11.76
N SER A 67 -23.25 7.51 -10.87
CA SER A 67 -23.96 8.68 -10.36
C SER A 67 -23.24 9.96 -10.73
N SER A 68 -23.96 11.08 -10.69
CA SER A 68 -23.39 12.38 -11.02
C SER A 68 -24.20 13.50 -10.40
N GLY A 69 -23.53 14.33 -9.59
CA GLY A 69 -24.22 15.44 -8.94
C GLY A 69 -25.50 15.01 -8.27
N GLY A 1 9.00 -13.83 22.19
CA GLY A 1 10.37 -13.82 21.72
C GLY A 1 10.62 -12.70 20.72
N SER A 2 11.21 -11.60 21.20
CA SER A 2 11.50 -10.46 20.34
C SER A 2 12.99 -10.15 20.36
N SER A 3 13.72 -10.68 19.38
CA SER A 3 15.16 -10.46 19.28
C SER A 3 15.48 -9.56 18.09
N GLY A 4 15.59 -8.26 18.35
CA GLY A 4 15.89 -7.31 17.29
C GLY A 4 15.19 -7.65 15.99
N SER A 5 13.91 -7.32 15.91
CA SER A 5 13.13 -7.59 14.71
C SER A 5 12.47 -6.31 14.18
N SER A 6 12.81 -5.94 12.96
CA SER A 6 12.27 -4.75 12.33
C SER A 6 11.26 -5.10 11.25
N GLY A 7 9.98 -4.88 11.52
CA GLY A 7 8.95 -5.18 10.55
C GLY A 7 8.29 -3.93 9.98
N CYS A 8 7.55 -4.10 8.90
CA CYS A 8 6.87 -2.98 8.26
C CYS A 8 6.00 -2.22 9.26
N VAL A 9 5.31 -1.18 8.78
CA VAL A 9 4.46 -0.38 9.63
C VAL A 9 2.99 -0.74 9.42
N LYS A 10 2.70 -1.42 8.32
CA LYS A 10 1.33 -1.82 8.00
C LYS A 10 0.88 -2.95 8.92
N CYS A 11 1.38 -4.15 8.66
CA CYS A 11 1.03 -5.32 9.46
C CYS A 11 1.92 -5.43 10.68
N ASN A 12 3.09 -4.79 10.62
CA ASN A 12 4.04 -4.81 11.72
C ASN A 12 4.72 -6.17 11.82
N LYS A 13 5.30 -6.62 10.71
CA LYS A 13 5.99 -7.91 10.67
C LYS A 13 7.37 -7.76 10.05
N ALA A 14 8.36 -8.44 10.64
CA ALA A 14 9.72 -8.39 10.14
C ALA A 14 9.76 -8.49 8.62
N ILE A 15 10.65 -7.74 8.00
CA ILE A 15 10.79 -7.74 6.55
C ILE A 15 11.88 -8.71 6.10
N THR A 16 11.70 -9.29 4.92
CA THR A 16 12.66 -10.23 4.38
C THR A 16 13.85 -9.50 3.75
N SER A 17 14.85 -10.27 3.33
CA SER A 17 16.04 -9.70 2.71
C SER A 17 15.78 -9.35 1.24
N GLY A 18 14.59 -8.85 0.96
CA GLY A 18 14.24 -8.49 -0.40
C GLY A 18 12.87 -7.85 -0.49
N GLY A 19 12.52 -7.05 0.50
CA GLY A 19 11.23 -6.39 0.51
C GLY A 19 11.24 -5.07 -0.24
N ILE A 20 10.46 -4.11 0.23
CA ILE A 20 10.39 -2.80 -0.41
C ILE A 20 10.27 -1.69 0.62
N THR A 21 10.75 -0.50 0.27
CA THR A 21 10.70 0.64 1.17
C THR A 21 9.94 1.80 0.53
N TYR A 22 8.88 2.24 1.19
CA TYR A 22 8.06 3.34 0.69
C TYR A 22 8.32 4.61 1.49
N GLN A 23 8.63 5.69 0.78
CA GLN A 23 8.89 6.97 1.44
C GLN A 23 9.88 6.80 2.59
N ASP A 24 10.89 5.97 2.38
CA ASP A 24 11.91 5.72 3.39
C ASP A 24 11.31 4.96 4.58
N GLN A 25 10.31 4.12 4.30
CA GLN A 25 9.67 3.34 5.35
C GLN A 25 9.56 1.87 4.96
N PRO A 26 9.69 0.98 5.95
CA PRO A 26 9.61 -0.46 5.73
C PRO A 26 8.21 -0.93 5.36
N TRP A 27 8.05 -1.41 4.14
CA TRP A 27 6.76 -1.87 3.66
C TRP A 27 6.89 -3.23 2.96
N HIS A 28 5.80 -3.97 2.92
CA HIS A 28 5.80 -5.29 2.28
C HIS A 28 5.11 -5.23 0.92
N ALA A 29 5.35 -6.23 0.08
CA ALA A 29 4.75 -6.29 -1.24
C ALA A 29 3.23 -6.40 -1.15
N ASP A 30 2.74 -7.14 -0.17
CA ASP A 30 1.31 -7.32 0.04
C ASP A 30 0.73 -6.17 0.87
N CYS A 31 1.56 -5.61 1.75
CA CYS A 31 1.12 -4.51 2.60
C CYS A 31 1.14 -3.20 1.84
N PHE A 32 2.01 -3.11 0.83
CA PHE A 32 2.12 -1.89 0.03
C PHE A 32 1.07 -1.87 -1.07
N VAL A 33 -0.11 -2.38 -0.75
CA VAL A 33 -1.22 -2.42 -1.71
C VAL A 33 -2.34 -1.48 -1.30
N CYS A 34 -3.17 -1.09 -2.26
CA CYS A 34 -4.28 -0.19 -2.00
C CYS A 34 -5.19 -0.74 -0.90
N VAL A 35 -6.03 0.12 -0.36
CA VAL A 35 -6.95 -0.29 0.70
C VAL A 35 -8.34 -0.58 0.14
N THR A 36 -8.37 -1.17 -1.05
CA THR A 36 -9.63 -1.51 -1.71
C THR A 36 -9.60 -2.93 -2.26
N CYS A 37 -8.86 -3.11 -3.35
CA CYS A 37 -8.75 -4.42 -3.99
C CYS A 37 -7.42 -5.09 -3.61
N SER A 38 -6.59 -4.37 -2.87
CA SER A 38 -5.30 -4.89 -2.44
C SER A 38 -4.41 -5.18 -3.64
N LYS A 39 -4.21 -4.17 -4.48
CA LYS A 39 -3.38 -4.31 -5.68
C LYS A 39 -1.95 -3.88 -5.39
N LYS A 40 -1.00 -4.45 -6.13
CA LYS A 40 0.40 -4.12 -5.96
C LYS A 40 0.70 -2.69 -6.42
N LEU A 41 1.02 -1.83 -5.47
CA LEU A 41 1.33 -0.43 -5.78
C LEU A 41 2.79 -0.26 -6.14
N ALA A 42 3.61 -1.24 -5.77
CA ALA A 42 5.04 -1.20 -6.06
C ALA A 42 5.29 -0.96 -7.55
N GLY A 43 6.05 0.08 -7.85
CA GLY A 43 6.35 0.41 -9.23
C GLY A 43 5.11 0.43 -10.10
N GLN A 44 4.01 0.94 -9.56
CA GLN A 44 2.76 1.01 -10.30
C GLN A 44 2.15 2.41 -10.21
N ARG A 45 1.03 2.61 -10.89
CA ARG A 45 0.36 3.90 -10.88
C ARG A 45 -0.71 3.96 -9.78
N PHE A 46 -0.50 4.86 -8.82
CA PHE A 46 -1.43 5.02 -7.71
C PHE A 46 -1.57 6.49 -7.32
N THR A 47 -2.67 6.82 -6.66
CA THR A 47 -2.93 8.19 -6.23
C THR A 47 -2.99 8.27 -4.71
N ALA A 48 -2.49 9.38 -4.17
CA ALA A 48 -2.49 9.59 -2.71
C ALA A 48 -3.71 10.41 -2.30
N VAL A 49 -4.58 9.80 -1.50
CA VAL A 49 -5.78 10.48 -1.02
C VAL A 49 -5.71 10.73 0.48
N GLU A 50 -6.00 11.96 0.89
CA GLU A 50 -5.97 12.32 2.30
C GLU A 50 -6.47 11.18 3.18
N ASP A 51 -7.37 10.37 2.62
CA ASP A 51 -7.92 9.23 3.35
C ASP A 51 -6.96 8.05 3.32
N GLN A 52 -6.83 7.42 2.16
CA GLN A 52 -5.94 6.28 2.00
C GLN A 52 -5.36 6.22 0.59
N TYR A 53 -4.58 5.19 0.31
CA TYR A 53 -3.97 5.03 -1.00
C TYR A 53 -4.81 4.09 -1.88
N TYR A 54 -5.13 4.57 -3.08
CA TYR A 54 -5.93 3.79 -4.01
C TYR A 54 -5.19 3.59 -5.33
N CYS A 55 -5.07 2.34 -5.76
CA CYS A 55 -4.38 2.01 -7.00
C CYS A 55 -5.12 2.60 -8.20
N VAL A 56 -4.41 2.73 -9.32
CA VAL A 56 -5.00 3.28 -10.53
C VAL A 56 -6.36 2.65 -10.82
N ASP A 57 -6.42 1.33 -10.76
CA ASP A 57 -7.66 0.60 -11.01
C ASP A 57 -8.80 1.19 -10.19
N CYS A 58 -8.76 0.97 -8.88
CA CYS A 58 -9.79 1.48 -7.98
C CYS A 58 -9.95 2.99 -8.14
N TYR A 59 -8.86 3.72 -7.94
CA TYR A 59 -8.88 5.17 -8.06
C TYR A 59 -9.74 5.61 -9.25
N LYS A 60 -9.68 4.85 -10.33
CA LYS A 60 -10.45 5.16 -11.53
C LYS A 60 -11.95 4.97 -11.28
N ASN A 61 -12.29 3.96 -10.49
CA ASN A 61 -13.68 3.68 -10.16
C ASN A 61 -14.32 4.86 -9.44
N PHE A 62 -13.57 5.47 -8.54
CA PHE A 62 -14.06 6.61 -7.78
C PHE A 62 -14.27 7.82 -8.69
N VAL A 63 -13.20 8.23 -9.37
CA VAL A 63 -13.26 9.38 -10.26
C VAL A 63 -14.32 9.18 -11.33
N SER A 64 -14.44 7.95 -11.82
CA SER A 64 -15.42 7.63 -12.85
C SER A 64 -16.75 8.36 -12.59
N GLY A 65 -17.30 8.13 -11.41
CA GLY A 65 -18.56 8.77 -11.04
C GLY A 65 -18.62 9.15 -9.58
N PRO A 66 -18.18 10.38 -9.27
CA PRO A 66 -18.18 10.89 -7.89
C PRO A 66 -19.60 11.14 -7.37
N SER A 67 -20.59 10.81 -8.17
CA SER A 67 -21.99 11.01 -7.79
C SER A 67 -22.65 9.67 -7.44
N SER A 68 -21.90 8.83 -6.74
CA SER A 68 -22.41 7.52 -6.34
C SER A 68 -23.62 7.66 -5.41
N GLY A 69 -24.80 7.36 -5.94
CA GLY A 69 -26.01 7.47 -5.14
C GLY A 69 -26.66 6.12 -4.91
N GLY A 1 9.84 -3.02 19.26
CA GLY A 1 9.58 -4.19 18.43
C GLY A 1 10.51 -5.34 18.76
N SER A 2 9.92 -6.44 19.26
CA SER A 2 10.70 -7.62 19.62
C SER A 2 10.53 -8.73 18.58
N SER A 3 9.28 -8.96 18.19
CA SER A 3 8.97 -10.00 17.20
C SER A 3 8.91 -9.42 15.80
N GLY A 4 10.07 -9.35 15.14
CA GLY A 4 10.12 -8.80 13.80
C GLY A 4 11.06 -7.63 13.69
N SER A 5 12.25 -7.86 13.13
CA SER A 5 13.25 -6.81 12.97
C SER A 5 12.72 -5.69 12.07
N SER A 6 12.83 -4.45 12.55
CA SER A 6 12.36 -3.30 11.80
C SER A 6 11.12 -3.65 10.98
N GLY A 7 10.22 -4.44 11.59
CA GLY A 7 9.00 -4.83 10.91
C GLY A 7 8.25 -3.64 10.32
N CYS A 8 7.60 -3.85 9.19
CA CYS A 8 6.84 -2.80 8.53
C CYS A 8 5.87 -2.13 9.51
N VAL A 9 5.12 -1.16 9.00
CA VAL A 9 4.15 -0.44 9.82
C VAL A 9 2.73 -0.91 9.53
N LYS A 10 2.56 -1.58 8.40
CA LYS A 10 1.25 -2.08 8.00
C LYS A 10 0.84 -3.27 8.86
N CYS A 11 1.46 -4.42 8.60
CA CYS A 11 1.15 -5.63 9.36
C CYS A 11 2.01 -5.72 10.61
N ASN A 12 3.08 -4.94 10.65
CA ASN A 12 3.98 -4.92 11.80
C ASN A 12 4.74 -6.25 11.91
N LYS A 13 5.37 -6.66 10.81
CA LYS A 13 6.12 -7.90 10.78
C LYS A 13 7.49 -7.68 10.15
N ALA A 14 8.47 -8.47 10.58
CA ALA A 14 9.83 -8.37 10.05
C ALA A 14 9.82 -8.37 8.52
N ILE A 15 10.71 -7.59 7.92
CA ILE A 15 10.80 -7.51 6.47
C ILE A 15 11.84 -8.50 5.93
N THR A 16 11.43 -9.27 4.92
CA THR A 16 12.32 -10.25 4.32
C THR A 16 13.55 -9.59 3.70
N SER A 17 14.45 -10.40 3.16
CA SER A 17 15.67 -9.89 2.55
C SER A 17 15.39 -9.41 1.12
N GLY A 18 14.24 -8.78 0.92
CA GLY A 18 13.89 -8.29 -0.40
C GLY A 18 12.56 -7.56 -0.41
N GLY A 19 12.34 -6.72 0.59
CA GLY A 19 11.09 -5.99 0.69
C GLY A 19 11.17 -4.63 -0.01
N ILE A 20 10.40 -3.68 0.49
CA ILE A 20 10.37 -2.34 -0.08
C ILE A 20 10.26 -1.27 1.01
N THR A 21 10.76 -0.07 0.72
CA THR A 21 10.72 1.02 1.66
C THR A 21 9.96 2.21 1.10
N TYR A 22 8.85 2.56 1.74
CA TYR A 22 8.03 3.69 1.29
C TYR A 22 8.11 4.85 2.29
N GLN A 23 8.25 6.06 1.76
CA GLN A 23 8.33 7.25 2.60
C GLN A 23 9.34 7.05 3.73
N ASP A 24 10.49 6.47 3.40
CA ASP A 24 11.54 6.23 4.38
C ASP A 24 11.01 5.34 5.51
N GLN A 25 10.13 4.41 5.17
CA GLN A 25 9.57 3.50 6.16
C GLN A 25 9.51 2.07 5.61
N PRO A 26 9.62 1.09 6.53
CA PRO A 26 9.59 -0.33 6.17
C PRO A 26 8.21 -0.78 5.69
N TRP A 27 8.12 -1.20 4.45
CA TRP A 27 6.86 -1.66 3.88
C TRP A 27 7.05 -2.96 3.12
N HIS A 28 5.97 -3.75 3.03
CA HIS A 28 6.02 -5.04 2.33
C HIS A 28 5.36 -4.93 0.96
N ALA A 29 5.66 -5.88 0.10
CA ALA A 29 5.09 -5.90 -1.25
C ALA A 29 3.58 -6.09 -1.22
N ASP A 30 3.11 -6.84 -0.22
CA ASP A 30 1.69 -7.10 -0.07
C ASP A 30 1.03 -6.03 0.79
N CYS A 31 1.82 -5.39 1.65
CA CYS A 31 1.32 -4.34 2.52
C CYS A 31 1.22 -3.00 1.78
N PHE A 32 2.06 -2.86 0.76
CA PHE A 32 2.09 -1.63 -0.04
C PHE A 32 1.02 -1.67 -1.14
N VAL A 33 -0.08 -2.37 -0.86
CA VAL A 33 -1.17 -2.48 -1.82
C VAL A 33 -2.31 -1.54 -1.46
N CYS A 34 -3.11 -1.18 -2.45
CA CYS A 34 -4.25 -0.29 -2.25
C CYS A 34 -5.14 -0.79 -1.11
N VAL A 35 -5.97 0.10 -0.58
CA VAL A 35 -6.87 -0.25 0.51
C VAL A 35 -8.25 -0.63 -0.02
N THR A 36 -8.27 -1.30 -1.17
CA THR A 36 -9.52 -1.72 -1.78
C THR A 36 -9.45 -3.16 -2.25
N CYS A 37 -8.75 -3.39 -3.35
CA CYS A 37 -8.60 -4.73 -3.91
C CYS A 37 -7.26 -5.34 -3.50
N SER A 38 -6.45 -4.56 -2.81
CA SER A 38 -5.14 -5.02 -2.36
C SER A 38 -4.25 -5.37 -3.54
N LYS A 39 -4.08 -4.42 -4.45
CA LYS A 39 -3.25 -4.63 -5.63
C LYS A 39 -1.82 -4.14 -5.39
N LYS A 40 -0.87 -4.79 -6.05
CA LYS A 40 0.54 -4.43 -5.90
C LYS A 40 0.83 -3.12 -6.62
N LEU A 41 0.72 -2.01 -5.90
CA LEU A 41 0.98 -0.69 -6.48
C LEU A 41 2.37 -0.64 -7.12
N ALA A 42 3.23 -1.58 -6.74
CA ALA A 42 4.58 -1.64 -7.27
C ALA A 42 4.57 -1.56 -8.79
N GLY A 43 5.14 -0.49 -9.34
CA GLY A 43 5.19 -0.31 -10.77
C GLY A 43 3.88 0.23 -11.33
N GLN A 44 2.77 -0.23 -10.77
CA GLN A 44 1.46 0.21 -11.23
C GLN A 44 1.15 1.61 -10.70
N ARG A 45 0.54 2.44 -11.55
CA ARG A 45 0.19 3.80 -11.18
C ARG A 45 -0.81 3.80 -10.02
N PHE A 46 -0.65 4.76 -9.11
CA PHE A 46 -1.54 4.87 -7.97
C PHE A 46 -1.68 6.33 -7.53
N THR A 47 -2.69 6.61 -6.72
CA THR A 47 -2.95 7.96 -6.23
C THR A 47 -2.86 8.01 -4.71
N ALA A 48 -2.15 9.02 -4.20
CA ALA A 48 -1.99 9.20 -2.76
C ALA A 48 -3.01 10.19 -2.21
N VAL A 49 -3.96 9.68 -1.43
CA VAL A 49 -5.00 10.52 -0.84
C VAL A 49 -4.80 10.65 0.67
N GLU A 50 -4.83 11.89 1.15
CA GLU A 50 -4.66 12.16 2.57
C GLU A 50 -5.24 11.02 3.41
N ASP A 51 -6.37 10.49 2.97
CA ASP A 51 -7.03 9.40 3.68
C ASP A 51 -6.24 8.11 3.55
N GLN A 52 -6.15 7.59 2.32
CA GLN A 52 -5.42 6.36 2.05
C GLN A 52 -4.98 6.29 0.60
N TYR A 53 -4.33 5.19 0.23
CA TYR A 53 -3.85 5.01 -1.13
C TYR A 53 -4.85 4.19 -1.95
N TYR A 54 -4.84 4.41 -3.27
CA TYR A 54 -5.74 3.70 -4.17
C TYR A 54 -5.07 3.45 -5.52
N CYS A 55 -5.10 2.21 -5.97
CA CYS A 55 -4.51 1.84 -7.25
C CYS A 55 -5.24 2.53 -8.41
N VAL A 56 -4.52 2.76 -9.49
CA VAL A 56 -5.10 3.41 -10.66
C VAL A 56 -6.36 2.69 -11.13
N ASP A 57 -6.45 1.41 -10.79
CA ASP A 57 -7.61 0.60 -11.17
C ASP A 57 -8.79 0.87 -10.25
N CYS A 58 -8.50 1.30 -9.03
CA CYS A 58 -9.54 1.59 -8.05
C CYS A 58 -9.91 3.08 -8.09
N TYR A 59 -8.91 3.94 -7.96
CA TYR A 59 -9.13 5.38 -7.97
C TYR A 59 -10.09 5.78 -9.08
N LYS A 60 -9.86 5.23 -10.27
CA LYS A 60 -10.72 5.52 -11.43
C LYS A 60 -12.16 5.11 -11.14
N ASN A 61 -12.33 3.99 -10.45
CA ASN A 61 -13.66 3.50 -10.12
C ASN A 61 -14.32 4.37 -9.05
N PHE A 62 -13.56 4.64 -7.98
CA PHE A 62 -14.07 5.45 -6.89
C PHE A 62 -14.49 6.84 -7.38
N VAL A 63 -13.60 7.49 -8.12
CA VAL A 63 -13.88 8.82 -8.65
C VAL A 63 -15.02 8.78 -9.66
N SER A 64 -15.02 7.76 -10.50
CA SER A 64 -16.05 7.60 -11.52
C SER A 64 -17.31 7.00 -10.92
N GLY A 65 -18.46 7.60 -11.22
CA GLY A 65 -19.72 7.11 -10.70
C GLY A 65 -20.91 7.87 -11.24
N PRO A 66 -21.49 7.35 -12.33
CA PRO A 66 -22.66 7.98 -12.98
C PRO A 66 -23.92 7.86 -12.14
N SER A 67 -23.96 6.84 -11.28
CA SER A 67 -25.12 6.63 -10.42
C SER A 67 -24.74 6.83 -8.95
N SER A 68 -23.68 6.16 -8.52
CA SER A 68 -23.22 6.26 -7.14
C SER A 68 -23.04 7.72 -6.73
N GLY A 69 -23.96 8.22 -5.90
CA GLY A 69 -23.89 9.60 -5.46
C GLY A 69 -22.59 9.90 -4.74
N GLY A 1 3.18 -13.40 22.00
CA GLY A 1 3.52 -12.00 21.87
C GLY A 1 5.01 -11.74 21.96
N SER A 2 5.75 -12.18 20.96
CA SER A 2 7.20 -12.01 20.94
C SER A 2 7.59 -10.97 19.90
N SER A 3 8.23 -9.89 20.36
CA SER A 3 8.67 -8.82 19.47
C SER A 3 10.06 -9.11 18.92
N GLY A 4 10.28 -8.73 17.66
CA GLY A 4 11.58 -8.95 17.04
C GLY A 4 11.94 -7.84 16.07
N SER A 5 12.41 -8.22 14.88
CA SER A 5 12.80 -7.25 13.87
C SER A 5 11.77 -6.14 13.75
N SER A 6 12.26 -4.92 13.56
CA SER A 6 11.37 -3.76 13.44
C SER A 6 10.15 -4.10 12.59
N GLY A 7 10.40 -4.67 11.42
CA GLY A 7 9.30 -5.03 10.53
C GLY A 7 8.59 -3.82 9.94
N CYS A 8 7.64 -4.07 9.05
CA CYS A 8 6.89 -3.00 8.42
C CYS A 8 6.00 -2.28 9.44
N VAL A 9 5.23 -1.30 8.96
CA VAL A 9 4.34 -0.54 9.82
C VAL A 9 2.89 -0.98 9.62
N LYS A 10 2.63 -1.66 8.51
CA LYS A 10 1.29 -2.14 8.19
C LYS A 10 0.91 -3.33 9.07
N CYS A 11 1.47 -4.49 8.75
CA CYS A 11 1.20 -5.70 9.50
C CYS A 11 2.17 -5.85 10.67
N ASN A 12 3.21 -5.02 10.67
CA ASN A 12 4.21 -5.06 11.73
C ASN A 12 4.95 -6.39 11.74
N LYS A 13 5.51 -6.76 10.59
CA LYS A 13 6.24 -8.02 10.47
C LYS A 13 7.60 -7.80 9.81
N ALA A 14 8.60 -8.54 10.27
CA ALA A 14 9.95 -8.43 9.72
C ALA A 14 9.93 -8.43 8.19
N ILE A 15 10.75 -7.58 7.60
CA ILE A 15 10.83 -7.49 6.14
C ILE A 15 11.89 -8.43 5.58
N THR A 16 11.54 -9.15 4.52
CA THR A 16 12.45 -10.09 3.89
C THR A 16 13.67 -9.36 3.32
N SER A 17 14.61 -10.13 2.78
CA SER A 17 15.82 -9.57 2.20
C SER A 17 15.57 -9.06 0.78
N GLY A 18 14.40 -8.45 0.58
CA GLY A 18 14.05 -7.94 -0.73
C GLY A 18 12.70 -7.25 -0.74
N GLY A 19 12.42 -6.46 0.29
CA GLY A 19 11.16 -5.77 0.38
C GLY A 19 11.18 -4.41 -0.31
N ILE A 20 10.40 -3.47 0.20
CA ILE A 20 10.34 -2.14 -0.39
C ILE A 20 10.19 -1.07 0.71
N THR A 21 10.85 0.07 0.49
CA THR A 21 10.78 1.16 1.45
C THR A 21 10.01 2.35 0.89
N TYR A 22 9.04 2.83 1.65
CA TYR A 22 8.22 3.96 1.21
C TYR A 22 8.47 5.18 2.11
N GLN A 23 8.86 6.29 1.49
CA GLN A 23 9.12 7.52 2.23
C GLN A 23 10.01 7.25 3.43
N ASP A 24 11.01 6.40 3.25
CA ASP A 24 11.93 6.06 4.33
C ASP A 24 11.22 5.25 5.41
N GLN A 25 10.29 4.39 4.99
CA GLN A 25 9.55 3.56 5.93
C GLN A 25 9.46 2.12 5.42
N PRO A 26 9.61 1.17 6.36
CA PRO A 26 9.55 -0.26 6.03
C PRO A 26 8.16 -0.72 5.65
N TRP A 27 8.00 -1.17 4.42
CA TRP A 27 6.71 -1.64 3.93
C TRP A 27 6.85 -2.97 3.20
N HIS A 28 5.72 -3.67 3.02
CA HIS A 28 5.73 -4.96 2.35
C HIS A 28 5.03 -4.86 0.99
N ALA A 29 5.29 -5.83 0.11
CA ALA A 29 4.69 -5.84 -1.21
C ALA A 29 3.18 -5.99 -1.12
N ASP A 30 2.71 -6.75 -0.13
CA ASP A 30 1.29 -6.98 0.07
C ASP A 30 0.68 -5.87 0.91
N CYS A 31 1.46 -5.32 1.83
CA CYS A 31 0.99 -4.25 2.70
C CYS A 31 0.93 -2.93 1.95
N PHE A 32 1.77 -2.79 0.93
CA PHE A 32 1.82 -1.58 0.13
C PHE A 32 0.73 -1.59 -0.96
N VAL A 33 -0.33 -2.33 -0.69
CA VAL A 33 -1.44 -2.44 -1.64
C VAL A 33 -2.55 -1.44 -1.30
N CYS A 34 -3.42 -1.19 -2.27
CA CYS A 34 -4.53 -0.27 -2.07
C CYS A 34 -5.49 -0.78 -1.00
N VAL A 35 -6.26 0.13 -0.43
CA VAL A 35 -7.22 -0.23 0.62
C VAL A 35 -8.60 -0.50 0.02
N THR A 36 -8.61 -1.11 -1.16
CA THR A 36 -9.86 -1.42 -1.84
C THR A 36 -9.87 -2.85 -2.35
N CYS A 37 -9.07 -3.12 -3.38
CA CYS A 37 -8.98 -4.45 -3.96
C CYS A 37 -7.70 -5.16 -3.50
N SER A 38 -6.82 -4.41 -2.83
CA SER A 38 -5.56 -4.97 -2.34
C SER A 38 -4.64 -5.32 -3.51
N LYS A 39 -4.39 -4.34 -4.37
CA LYS A 39 -3.52 -4.55 -5.53
C LYS A 39 -2.08 -4.16 -5.21
N LYS A 40 -1.13 -4.80 -5.89
CA LYS A 40 0.28 -4.52 -5.68
C LYS A 40 0.66 -3.18 -6.30
N LEU A 41 0.58 -2.12 -5.49
CA LEU A 41 0.93 -0.78 -5.96
C LEU A 41 2.35 -0.76 -6.52
N ALA A 42 3.28 -1.39 -5.82
CA ALA A 42 4.66 -1.44 -6.25
C ALA A 42 4.76 -1.72 -7.74
N GLY A 43 5.37 -0.79 -8.48
CA GLY A 43 5.52 -0.97 -9.91
C GLY A 43 4.37 -0.36 -10.69
N GLN A 44 3.16 -0.51 -10.17
CA GLN A 44 1.97 0.03 -10.82
C GLN A 44 1.65 1.42 -10.30
N ARG A 45 1.13 2.28 -11.20
CA ARG A 45 0.79 3.65 -10.82
C ARG A 45 -0.24 3.65 -9.70
N PHE A 46 -0.16 4.67 -8.85
CA PHE A 46 -1.09 4.80 -7.72
C PHE A 46 -1.18 6.26 -7.27
N THR A 47 -2.24 6.57 -6.52
CA THR A 47 -2.45 7.91 -6.01
C THR A 47 -2.61 7.92 -4.50
N ALA A 48 -1.79 8.72 -3.82
CA ALA A 48 -1.85 8.82 -2.38
C ALA A 48 -2.86 9.87 -1.93
N VAL A 49 -4.00 9.41 -1.40
CA VAL A 49 -5.04 10.32 -0.94
C VAL A 49 -5.01 10.46 0.57
N GLU A 50 -5.14 11.71 1.04
CA GLU A 50 -5.13 11.98 2.47
C GLU A 50 -5.75 10.83 3.26
N ASP A 51 -6.91 10.36 2.80
CA ASP A 51 -7.61 9.27 3.46
C ASP A 51 -6.78 7.99 3.39
N GLN A 52 -6.67 7.43 2.19
CA GLN A 52 -5.92 6.20 1.98
C GLN A 52 -5.35 6.13 0.58
N TYR A 53 -4.71 5.01 0.25
CA TYR A 53 -4.12 4.82 -1.07
C TYR A 53 -5.06 4.04 -1.98
N TYR A 54 -4.98 4.32 -3.28
CA TYR A 54 -5.82 3.64 -4.26
C TYR A 54 -5.05 3.37 -5.55
N CYS A 55 -5.05 2.11 -5.97
CA CYS A 55 -4.36 1.71 -7.19
C CYS A 55 -5.01 2.33 -8.42
N VAL A 56 -4.20 2.68 -9.41
CA VAL A 56 -4.70 3.28 -10.64
C VAL A 56 -6.09 2.75 -10.97
N ASP A 57 -6.22 1.44 -11.01
CA ASP A 57 -7.51 0.80 -11.32
C ASP A 57 -8.62 1.41 -10.48
N CYS A 58 -8.59 1.14 -9.18
CA CYS A 58 -9.61 1.65 -8.27
C CYS A 58 -9.81 3.15 -8.47
N TYR A 59 -8.73 3.92 -8.34
CA TYR A 59 -8.79 5.36 -8.51
C TYR A 59 -9.83 5.74 -9.56
N LYS A 60 -9.65 5.23 -10.77
CA LYS A 60 -10.57 5.51 -11.86
C LYS A 60 -12.00 5.14 -11.49
N ASN A 61 -12.15 3.98 -10.88
CA ASN A 61 -13.48 3.50 -10.47
C ASN A 61 -14.11 4.47 -9.47
N PHE A 62 -13.31 4.97 -8.53
CA PHE A 62 -13.79 5.90 -7.53
C PHE A 62 -14.11 7.26 -8.16
N VAL A 63 -13.11 7.85 -8.80
CA VAL A 63 -13.30 9.15 -9.44
C VAL A 63 -14.46 9.12 -10.43
N SER A 64 -14.55 8.03 -11.19
CA SER A 64 -15.61 7.89 -12.18
C SER A 64 -16.98 8.07 -11.53
N GLY A 65 -18.02 8.07 -12.37
CA GLY A 65 -19.37 8.24 -11.86
C GLY A 65 -19.85 9.67 -11.96
N PRO A 66 -21.15 9.85 -12.22
CA PRO A 66 -21.77 11.17 -12.34
C PRO A 66 -21.84 11.91 -11.01
N SER A 67 -22.11 11.16 -9.94
CA SER A 67 -22.21 11.73 -8.60
C SER A 67 -22.35 10.64 -7.55
N SER A 68 -21.40 10.61 -6.61
CA SER A 68 -21.41 9.62 -5.54
C SER A 68 -22.64 9.78 -4.66
N GLY A 69 -22.81 8.85 -3.72
CA GLY A 69 -23.96 8.91 -2.83
C GLY A 69 -24.76 7.62 -2.84
N GLY A 1 20.93 -11.56 18.08
CA GLY A 1 20.76 -10.14 18.26
C GLY A 1 19.30 -9.72 18.21
N SER A 2 18.46 -10.42 18.95
CA SER A 2 17.03 -10.12 18.99
C SER A 2 16.75 -8.97 19.94
N SER A 3 17.60 -7.96 19.93
CA SER A 3 17.44 -6.80 20.80
C SER A 3 16.42 -5.82 20.23
N GLY A 4 15.32 -6.36 19.70
CA GLY A 4 14.29 -5.51 19.13
C GLY A 4 14.10 -5.76 17.65
N SER A 5 13.36 -6.82 17.32
CA SER A 5 13.10 -7.17 15.93
C SER A 5 12.41 -6.02 15.19
N SER A 6 12.75 -5.86 13.93
CA SER A 6 12.17 -4.79 13.11
C SER A 6 10.99 -5.32 12.29
N GLY A 7 10.33 -4.42 11.57
CA GLY A 7 9.19 -4.82 10.75
C GLY A 7 8.50 -3.62 10.11
N CYS A 8 7.77 -3.88 9.03
CA CYS A 8 7.06 -2.83 8.32
C CYS A 8 6.18 -2.03 9.27
N VAL A 9 5.46 -1.05 8.72
CA VAL A 9 4.57 -0.21 9.52
C VAL A 9 3.11 -0.62 9.34
N LYS A 10 2.84 -1.35 8.25
CA LYS A 10 1.49 -1.80 7.96
C LYS A 10 1.06 -2.91 8.93
N CYS A 11 1.58 -4.11 8.69
CA CYS A 11 1.26 -5.25 9.54
C CYS A 11 2.21 -5.35 10.72
N ASN A 12 3.28 -4.56 10.67
CA ASN A 12 4.28 -4.54 11.74
C ASN A 12 4.96 -5.91 11.85
N LYS A 13 5.52 -6.38 10.75
CA LYS A 13 6.21 -7.67 10.73
C LYS A 13 7.57 -7.53 10.06
N ALA A 14 8.55 -8.26 10.58
CA ALA A 14 9.91 -8.23 10.04
C ALA A 14 9.88 -8.36 8.51
N ILE A 15 10.75 -7.61 7.85
CA ILE A 15 10.83 -7.64 6.39
C ILE A 15 11.85 -8.66 5.91
N THR A 16 11.49 -9.44 4.90
CA THR A 16 12.37 -10.46 4.36
C THR A 16 13.61 -9.83 3.72
N SER A 17 14.49 -10.67 3.20
CA SER A 17 15.72 -10.19 2.56
C SER A 17 15.45 -9.76 1.13
N GLY A 18 14.31 -9.12 0.91
CA GLY A 18 13.96 -8.65 -0.42
C GLY A 18 12.58 -8.02 -0.47
N GLY A 19 12.29 -7.16 0.51
CA GLY A 19 11.00 -6.50 0.55
C GLY A 19 10.96 -5.23 -0.27
N ILE A 20 10.30 -4.21 0.26
CA ILE A 20 10.20 -2.92 -0.44
C ILE A 20 10.14 -1.77 0.55
N THR A 21 10.73 -0.64 0.17
CA THR A 21 10.74 0.54 1.03
C THR A 21 9.94 1.67 0.41
N TYR A 22 8.90 2.11 1.12
CA TYR A 22 8.04 3.19 0.65
C TYR A 22 8.16 4.41 1.54
N GLN A 23 8.10 5.60 0.93
CA GLN A 23 8.21 6.84 1.68
C GLN A 23 9.30 6.76 2.73
N ASP A 24 10.44 6.18 2.36
CA ASP A 24 11.57 6.04 3.26
C ASP A 24 11.17 5.26 4.50
N GLN A 25 10.38 4.20 4.30
CA GLN A 25 9.93 3.36 5.41
C GLN A 25 9.79 1.91 4.96
N PRO A 26 9.91 0.98 5.92
CA PRO A 26 9.79 -0.45 5.65
C PRO A 26 8.37 -0.87 5.29
N TRP A 27 8.19 -1.38 4.08
CA TRP A 27 6.89 -1.82 3.62
C TRP A 27 6.96 -3.19 2.96
N HIS A 28 5.85 -3.92 2.98
CA HIS A 28 5.80 -5.25 2.38
C HIS A 28 5.08 -5.22 1.04
N ALA A 29 5.31 -6.24 0.23
CA ALA A 29 4.69 -6.33 -1.09
C ALA A 29 3.16 -6.41 -0.96
N ASP A 30 2.70 -7.10 0.07
CA ASP A 30 1.27 -7.25 0.30
C ASP A 30 0.71 -6.06 1.10
N CYS A 31 1.59 -5.41 1.85
CA CYS A 31 1.20 -4.26 2.66
C CYS A 31 1.22 -2.98 1.83
N PHE A 32 2.04 -2.97 0.79
CA PHE A 32 2.16 -1.81 -0.08
C PHE A 32 1.06 -1.81 -1.14
N VAL A 33 -0.11 -2.31 -0.78
CA VAL A 33 -1.24 -2.38 -1.70
C VAL A 33 -2.35 -1.42 -1.28
N CYS A 34 -3.25 -1.13 -2.20
CA CYS A 34 -4.38 -0.22 -1.93
C CYS A 34 -5.26 -0.79 -0.83
N VAL A 35 -6.20 0.03 -0.35
CA VAL A 35 -7.12 -0.38 0.69
C VAL A 35 -8.48 -0.74 0.12
N THR A 36 -8.49 -1.25 -1.11
CA THR A 36 -9.72 -1.64 -1.77
C THR A 36 -9.64 -3.06 -2.31
N CYS A 37 -8.90 -3.24 -3.40
CA CYS A 37 -8.74 -4.56 -4.00
C CYS A 37 -7.38 -5.16 -3.65
N SER A 38 -6.60 -4.41 -2.88
CA SER A 38 -5.27 -4.86 -2.48
C SER A 38 -4.37 -5.08 -3.69
N LYS A 39 -4.28 -4.06 -4.54
CA LYS A 39 -3.46 -4.14 -5.74
C LYS A 39 -2.01 -3.77 -5.42
N LYS A 40 -1.08 -4.56 -5.93
CA LYS A 40 0.34 -4.32 -5.72
C LYS A 40 0.75 -2.96 -6.26
N LEU A 41 0.91 -1.99 -5.37
CA LEU A 41 1.31 -0.64 -5.77
C LEU A 41 2.82 -0.53 -5.91
N ALA A 42 3.46 -1.66 -6.21
CA ALA A 42 4.91 -1.69 -6.38
C ALA A 42 5.33 -0.93 -7.62
N GLY A 43 6.00 0.21 -7.42
CA GLY A 43 6.45 1.02 -8.53
C GLY A 43 5.42 1.11 -9.64
N GLN A 44 4.16 1.33 -9.25
CA GLN A 44 3.08 1.42 -10.22
C GLN A 44 2.37 2.77 -10.10
N ARG A 45 1.38 3.00 -10.95
CA ARG A 45 0.63 4.24 -10.95
C ARG A 45 -0.53 4.18 -9.94
N PHE A 46 -0.52 5.11 -8.99
CA PHE A 46 -1.56 5.15 -7.97
C PHE A 46 -1.76 6.58 -7.47
N THR A 47 -2.89 6.81 -6.80
CA THR A 47 -3.21 8.13 -6.28
C THR A 47 -3.29 8.12 -4.75
N ALA A 48 -2.64 9.09 -4.13
CA ALA A 48 -2.63 9.20 -2.67
C ALA A 48 -3.74 10.12 -2.18
N VAL A 49 -4.65 9.59 -1.38
CA VAL A 49 -5.75 10.36 -0.83
C VAL A 49 -5.61 10.55 0.68
N GLU A 50 -5.75 11.80 1.12
CA GLU A 50 -5.63 12.11 2.54
C GLU A 50 -6.07 10.92 3.40
N ASP A 51 -7.18 10.31 3.00
CA ASP A 51 -7.71 9.15 3.74
C ASP A 51 -6.79 7.94 3.59
N GLN A 52 -6.79 7.35 2.40
CA GLN A 52 -5.96 6.18 2.13
C GLN A 52 -5.47 6.18 0.69
N TYR A 53 -4.76 5.13 0.31
CA TYR A 53 -4.23 5.02 -1.04
C TYR A 53 -5.11 4.12 -1.91
N TYR A 54 -5.21 4.46 -3.19
CA TYR A 54 -6.03 3.68 -4.11
C TYR A 54 -5.29 3.45 -5.43
N CYS A 55 -5.14 2.19 -5.80
CA CYS A 55 -4.46 1.83 -7.04
C CYS A 55 -5.16 2.43 -8.25
N VAL A 56 -4.40 2.72 -9.30
CA VAL A 56 -4.95 3.29 -10.52
C VAL A 56 -6.24 2.58 -10.93
N ASP A 57 -6.23 1.26 -10.83
CA ASP A 57 -7.40 0.46 -11.20
C ASP A 57 -8.61 0.88 -10.38
N CYS A 58 -8.40 1.15 -9.10
CA CYS A 58 -9.48 1.56 -8.21
C CYS A 58 -9.81 3.04 -8.41
N TYR A 59 -8.82 3.90 -8.17
CA TYR A 59 -9.01 5.33 -8.32
C TYR A 59 -9.91 5.64 -9.51
N LYS A 60 -9.52 5.17 -10.69
CA LYS A 60 -10.28 5.40 -11.90
C LYS A 60 -11.74 4.99 -11.71
N ASN A 61 -11.94 3.90 -10.97
CA ASN A 61 -13.29 3.40 -10.71
C ASN A 61 -14.03 4.32 -9.75
N PHE A 62 -13.33 4.78 -8.71
CA PHE A 62 -13.94 5.67 -7.73
C PHE A 62 -14.33 7.00 -8.36
N VAL A 63 -13.39 7.61 -9.08
CA VAL A 63 -13.64 8.89 -9.74
C VAL A 63 -14.62 8.73 -10.90
N SER A 64 -14.67 7.53 -11.45
CA SER A 64 -15.56 7.24 -12.57
C SER A 64 -16.36 5.96 -12.32
N GLY A 65 -17.52 6.10 -11.69
CA GLY A 65 -18.34 4.95 -11.40
C GLY A 65 -18.99 4.37 -12.65
N PRO A 66 -20.16 3.74 -12.48
CA PRO A 66 -20.91 3.14 -13.59
C PRO A 66 -21.49 4.18 -14.53
N SER A 67 -22.18 5.17 -13.97
CA SER A 67 -22.80 6.23 -14.76
C SER A 67 -22.46 7.59 -14.19
N SER A 68 -21.27 8.10 -14.54
CA SER A 68 -20.83 9.40 -14.06
C SER A 68 -19.52 9.81 -14.74
N GLY A 69 -19.05 11.01 -14.41
CA GLY A 69 -17.80 11.50 -15.00
C GLY A 69 -18.05 12.39 -16.20
N GLY A 1 19.21 -1.67 19.15
CA GLY A 1 19.80 -2.50 18.10
C GLY A 1 20.01 -1.75 16.81
N SER A 2 21.27 -1.46 16.49
CA SER A 2 21.60 -0.73 15.26
C SER A 2 21.31 -1.57 14.03
N SER A 3 21.71 -2.84 14.08
CA SER A 3 21.48 -3.74 12.96
C SER A 3 20.62 -4.93 13.39
N GLY A 4 19.47 -5.08 12.73
CA GLY A 4 18.57 -6.18 13.05
C GLY A 4 17.40 -6.26 12.09
N SER A 5 16.24 -6.61 12.61
CA SER A 5 15.03 -6.75 11.79
C SER A 5 14.12 -5.55 11.99
N SER A 6 13.68 -4.96 10.88
CA SER A 6 12.79 -3.80 10.94
C SER A 6 11.41 -4.15 10.38
N GLY A 7 10.47 -4.40 11.28
CA GLY A 7 9.12 -4.75 10.87
C GLY A 7 8.39 -3.57 10.23
N CYS A 8 7.70 -3.83 9.12
CA CYS A 8 6.96 -2.79 8.42
C CYS A 8 6.01 -2.06 9.37
N VAL A 9 5.27 -1.11 8.83
CA VAL A 9 4.32 -0.34 9.63
C VAL A 9 2.89 -0.79 9.37
N LYS A 10 2.70 -1.54 8.30
CA LYS A 10 1.38 -2.05 7.94
C LYS A 10 0.98 -3.21 8.85
N CYS A 11 1.57 -4.38 8.58
CA CYS A 11 1.27 -5.57 9.36
C CYS A 11 2.20 -5.67 10.57
N ASN A 12 3.22 -4.82 10.60
CA ASN A 12 4.18 -4.81 11.69
C ASN A 12 4.90 -6.15 11.80
N LYS A 13 5.50 -6.58 10.69
CA LYS A 13 6.23 -7.84 10.65
C LYS A 13 7.59 -7.67 10.01
N ALA A 14 8.60 -8.35 10.56
CA ALA A 14 9.95 -8.27 10.03
C ALA A 14 9.96 -8.37 8.51
N ILE A 15 10.82 -7.57 7.87
CA ILE A 15 10.92 -7.57 6.42
C ILE A 15 11.98 -8.56 5.94
N THR A 16 11.66 -9.31 4.90
CA THR A 16 12.58 -10.28 4.34
C THR A 16 13.74 -9.60 3.62
N SER A 17 14.65 -10.40 3.07
CA SER A 17 15.80 -9.87 2.35
C SER A 17 15.43 -9.51 0.91
N GLY A 18 14.23 -8.95 0.75
CA GLY A 18 13.77 -8.56 -0.58
C GLY A 18 12.48 -7.77 -0.53
N GLY A 19 12.35 -6.90 0.46
CA GLY A 19 11.16 -6.09 0.59
C GLY A 19 11.27 -4.75 -0.12
N ILE A 20 10.45 -3.79 0.29
CA ILE A 20 10.47 -2.46 -0.31
C ILE A 20 10.34 -1.38 0.75
N THR A 21 11.02 -0.26 0.53
CA THR A 21 10.99 0.86 1.46
C THR A 21 10.34 2.09 0.83
N TYR A 22 9.26 2.57 1.45
CA TYR A 22 8.55 3.73 0.94
C TYR A 22 8.69 4.91 1.91
N GLN A 23 8.87 6.11 1.35
CA GLN A 23 9.03 7.31 2.16
C GLN A 23 9.94 7.06 3.35
N ASP A 24 11.05 6.37 3.11
CA ASP A 24 12.00 6.06 4.15
C ASP A 24 11.36 5.22 5.26
N GLN A 25 10.42 4.36 4.87
CA GLN A 25 9.72 3.51 5.82
C GLN A 25 9.64 2.08 5.31
N PRO A 26 9.74 1.11 6.23
CA PRO A 26 9.69 -0.31 5.89
C PRO A 26 8.28 -0.75 5.47
N TRP A 27 8.16 -1.19 4.22
CA TRP A 27 6.88 -1.64 3.70
C TRP A 27 7.02 -2.97 2.96
N HIS A 28 5.96 -3.76 2.96
CA HIS A 28 5.96 -5.05 2.28
C HIS A 28 5.28 -4.97 0.93
N ALA A 29 5.55 -5.94 0.07
CA ALA A 29 4.96 -5.97 -1.26
C ALA A 29 3.45 -6.11 -1.19
N ASP A 30 2.97 -6.87 -0.20
CA ASP A 30 1.54 -7.08 -0.02
C ASP A 30 0.93 -5.95 0.79
N CYS A 31 1.71 -5.37 1.70
CA CYS A 31 1.23 -4.28 2.54
C CYS A 31 1.17 -2.98 1.76
N PHE A 32 1.96 -2.90 0.69
CA PHE A 32 1.98 -1.71 -0.15
C PHE A 32 0.87 -1.75 -1.19
N VAL A 33 -0.23 -2.40 -0.84
CA VAL A 33 -1.36 -2.52 -1.75
C VAL A 33 -2.48 -1.55 -1.36
N CYS A 34 -3.32 -1.20 -2.32
CA CYS A 34 -4.43 -0.29 -2.08
C CYS A 34 -5.37 -0.85 -1.02
N VAL A 35 -6.16 0.04 -0.42
CA VAL A 35 -7.10 -0.37 0.62
C VAL A 35 -8.50 -0.59 0.04
N THR A 36 -8.55 -1.12 -1.19
CA THR A 36 -9.81 -1.38 -1.86
C THR A 36 -9.86 -2.80 -2.40
N CYS A 37 -9.10 -3.06 -3.46
CA CYS A 37 -9.06 -4.38 -4.08
C CYS A 37 -7.77 -5.10 -3.72
N SER A 38 -6.87 -4.40 -3.03
CA SER A 38 -5.60 -4.98 -2.61
C SER A 38 -4.73 -5.28 -3.83
N LYS A 39 -4.50 -4.27 -4.66
CA LYS A 39 -3.68 -4.42 -5.85
C LYS A 39 -2.23 -4.04 -5.57
N LYS A 40 -1.31 -4.69 -6.28
CA LYS A 40 0.11 -4.42 -6.11
C LYS A 40 0.46 -3.03 -6.64
N LEU A 41 0.72 -2.11 -5.72
CA LEU A 41 1.08 -0.74 -6.08
C LEU A 41 2.56 -0.63 -6.43
N ALA A 42 3.38 -1.39 -5.71
CA ALA A 42 4.83 -1.38 -5.94
C ALA A 42 5.14 -1.31 -7.42
N GLY A 43 5.69 -0.18 -7.86
CA GLY A 43 6.04 -0.01 -9.26
C GLY A 43 4.85 0.41 -10.09
N GLN A 44 3.67 -0.11 -9.75
CA GLN A 44 2.45 0.21 -10.48
C GLN A 44 1.95 1.60 -10.11
N ARG A 45 1.32 2.28 -11.07
CA ARG A 45 0.78 3.61 -10.84
C ARG A 45 -0.27 3.59 -9.73
N PHE A 46 -0.14 4.50 -8.77
CA PHE A 46 -1.08 4.58 -7.66
C PHE A 46 -1.34 6.03 -7.27
N THR A 47 -2.40 6.25 -6.50
CA THR A 47 -2.76 7.59 -6.06
C THR A 47 -2.98 7.64 -4.55
N ALA A 48 -2.35 8.61 -3.89
CA ALA A 48 -2.49 8.76 -2.45
C ALA A 48 -3.52 9.81 -2.11
N VAL A 49 -4.48 9.45 -1.25
CA VAL A 49 -5.53 10.37 -0.84
C VAL A 49 -5.44 10.68 0.65
N GLU A 50 -5.77 11.91 1.02
CA GLU A 50 -5.72 12.33 2.41
C GLU A 50 -6.14 11.20 3.34
N ASP A 51 -7.04 10.33 2.84
CA ASP A 51 -7.53 9.21 3.62
C ASP A 51 -6.59 8.01 3.48
N GLN A 52 -6.54 7.45 2.29
CA GLN A 52 -5.69 6.30 2.02
C GLN A 52 -5.27 6.25 0.56
N TYR A 53 -4.57 5.19 0.18
CA TYR A 53 -4.10 5.03 -1.20
C TYR A 53 -5.05 4.16 -2.00
N TYR A 54 -5.17 4.46 -3.29
CA TYR A 54 -6.05 3.71 -4.17
C TYR A 54 -5.42 3.53 -5.55
N CYS A 55 -5.22 2.27 -5.94
CA CYS A 55 -4.63 1.96 -7.24
C CYS A 55 -5.44 2.58 -8.37
N VAL A 56 -4.75 3.06 -9.40
CA VAL A 56 -5.40 3.67 -10.55
C VAL A 56 -6.66 2.90 -10.95
N ASP A 57 -6.58 1.58 -10.85
CA ASP A 57 -7.71 0.72 -11.20
C ASP A 57 -8.93 1.05 -10.34
N CYS A 58 -8.69 1.30 -9.06
CA CYS A 58 -9.77 1.63 -8.13
C CYS A 58 -10.13 3.11 -8.22
N TYR A 59 -9.10 3.96 -8.16
CA TYR A 59 -9.31 5.40 -8.23
C TYR A 59 -10.08 5.78 -9.49
N LYS A 60 -9.65 5.25 -10.63
CA LYS A 60 -10.30 5.53 -11.90
C LYS A 60 -11.77 5.11 -11.87
N ASN A 61 -12.04 3.99 -11.22
CA ASN A 61 -13.41 3.48 -11.11
C ASN A 61 -14.23 4.33 -10.14
N PHE A 62 -13.59 4.76 -9.06
CA PHE A 62 -14.26 5.58 -8.05
C PHE A 62 -14.59 6.96 -8.61
N VAL A 63 -13.61 7.59 -9.23
CA VAL A 63 -13.80 8.93 -9.81
C VAL A 63 -14.66 8.85 -11.07
N SER A 64 -14.72 7.67 -11.68
CA SER A 64 -15.50 7.46 -12.89
C SER A 64 -16.72 6.60 -12.62
N GLY A 65 -17.82 7.23 -12.25
CA GLY A 65 -19.05 6.50 -11.96
C GLY A 65 -20.27 7.17 -12.55
N PRO A 66 -21.26 6.35 -12.93
CA PRO A 66 -22.51 6.85 -13.52
C PRO A 66 -23.38 7.57 -12.50
N SER A 67 -23.11 8.86 -12.32
CA SER A 67 -23.87 9.67 -11.37
C SER A 67 -25.28 9.91 -11.86
N SER A 68 -26.23 9.95 -10.93
CA SER A 68 -27.63 10.16 -11.27
C SER A 68 -27.84 11.56 -11.85
N GLY A 69 -27.38 12.57 -11.12
CA GLY A 69 -27.53 13.94 -11.57
C GLY A 69 -28.75 14.63 -10.97
N GLY A 1 18.17 -18.51 16.30
CA GLY A 1 16.91 -17.87 16.66
C GLY A 1 16.45 -16.89 15.59
N SER A 2 15.30 -16.25 15.84
CA SER A 2 14.76 -15.29 14.89
C SER A 2 15.34 -13.90 15.13
N SER A 3 16.02 -13.37 14.11
CA SER A 3 16.63 -12.06 14.20
C SER A 3 15.92 -11.06 13.28
N GLY A 4 15.06 -10.23 13.88
CA GLY A 4 14.33 -9.25 13.11
C GLY A 4 13.05 -8.79 13.80
N SER A 5 13.22 -8.12 14.94
CA SER A 5 12.07 -7.64 15.69
C SER A 5 11.32 -6.56 14.92
N SER A 6 12.06 -5.59 14.38
CA SER A 6 11.46 -4.51 13.62
C SER A 6 10.55 -5.05 12.53
N GLY A 7 9.89 -4.14 11.81
CA GLY A 7 8.98 -4.54 10.75
C GLY A 7 8.28 -3.37 10.12
N CYS A 8 7.50 -3.64 9.08
CA CYS A 8 6.76 -2.59 8.37
C CYS A 8 5.76 -1.91 9.30
N VAL A 9 5.02 -0.96 8.76
CA VAL A 9 4.02 -0.23 9.54
C VAL A 9 2.62 -0.72 9.24
N LYS A 10 2.47 -1.41 8.11
CA LYS A 10 1.17 -1.93 7.71
C LYS A 10 0.74 -3.09 8.61
N CYS A 11 1.37 -4.25 8.40
CA CYS A 11 1.06 -5.44 9.19
C CYS A 11 1.89 -5.46 10.48
N ASN A 12 2.99 -4.72 10.48
CA ASN A 12 3.87 -4.67 11.64
C ASN A 12 4.68 -5.95 11.78
N LYS A 13 5.32 -6.36 10.69
CA LYS A 13 6.13 -7.57 10.68
C LYS A 13 7.49 -7.31 10.06
N ALA A 14 8.49 -8.10 10.47
CA ALA A 14 9.84 -7.95 9.95
C ALA A 14 9.85 -8.02 8.42
N ILE A 15 10.71 -7.22 7.80
CA ILE A 15 10.81 -7.19 6.35
C ILE A 15 11.87 -8.18 5.85
N THR A 16 11.44 -9.12 5.04
CA THR A 16 12.35 -10.12 4.49
C THR A 16 13.63 -9.48 3.95
N SER A 17 14.57 -10.32 3.53
CA SER A 17 15.84 -9.83 3.00
C SER A 17 15.69 -9.36 1.56
N GLY A 18 14.57 -8.69 1.28
CA GLY A 18 14.31 -8.21 -0.06
C GLY A 18 12.97 -7.50 -0.18
N GLY A 19 12.60 -6.77 0.86
CA GLY A 19 11.32 -6.06 0.84
C GLY A 19 11.39 -4.76 0.09
N ILE A 20 10.58 -3.79 0.50
CA ILE A 20 10.56 -2.48 -0.13
C ILE A 20 10.40 -1.37 0.89
N THR A 21 10.63 -0.13 0.46
CA THR A 21 10.51 1.02 1.34
C THR A 21 9.72 2.14 0.67
N TYR A 22 8.81 2.74 1.44
CA TYR A 22 7.98 3.82 0.92
C TYR A 22 8.06 5.05 1.82
N GLN A 23 8.29 6.21 1.22
CA GLN A 23 8.39 7.46 1.97
C GLN A 23 9.34 7.29 3.16
N ASP A 24 10.44 6.59 2.94
CA ASP A 24 11.42 6.38 4.00
C ASP A 24 10.83 5.55 5.13
N GLN A 25 10.04 4.53 4.76
CA GLN A 25 9.41 3.66 5.75
C GLN A 25 9.39 2.22 5.27
N PRO A 26 9.50 1.28 6.22
CA PRO A 26 9.49 -0.15 5.91
C PRO A 26 8.12 -0.64 5.46
N TRP A 27 8.03 -1.09 4.21
CA TRP A 27 6.77 -1.59 3.66
C TRP A 27 6.98 -2.90 2.93
N HIS A 28 5.94 -3.72 2.88
CA HIS A 28 6.00 -5.01 2.20
C HIS A 28 5.33 -4.95 0.83
N ALA A 29 5.72 -5.85 -0.06
CA ALA A 29 5.15 -5.89 -1.40
C ALA A 29 3.64 -6.14 -1.34
N ASP A 30 3.21 -6.87 -0.33
CA ASP A 30 1.80 -7.18 -0.15
C ASP A 30 1.10 -6.11 0.68
N CYS A 31 1.88 -5.39 1.49
CA CYS A 31 1.34 -4.33 2.33
C CYS A 31 1.25 -3.02 1.57
N PHE A 32 2.05 -2.90 0.50
CA PHE A 32 2.06 -1.69 -0.30
C PHE A 32 0.94 -1.72 -1.34
N VAL A 33 -0.17 -2.37 -0.99
CA VAL A 33 -1.31 -2.46 -1.89
C VAL A 33 -2.41 -1.49 -1.49
N CYS A 34 -3.43 -1.38 -2.33
CA CYS A 34 -4.55 -0.48 -2.06
C CYS A 34 -5.49 -1.07 -1.02
N VAL A 35 -6.23 -0.20 -0.34
CA VAL A 35 -7.18 -0.62 0.68
C VAL A 35 -8.55 -0.89 0.09
N THR A 36 -8.57 -1.43 -1.13
CA THR A 36 -9.82 -1.73 -1.81
C THR A 36 -9.79 -3.13 -2.42
N CYS A 37 -9.09 -3.26 -3.54
CA CYS A 37 -8.98 -4.54 -4.22
C CYS A 37 -7.62 -5.20 -3.95
N SER A 38 -6.81 -4.53 -3.14
CA SER A 38 -5.48 -5.03 -2.81
C SER A 38 -4.66 -5.30 -4.06
N LYS A 39 -4.54 -4.27 -4.90
CA LYS A 39 -3.77 -4.38 -6.14
C LYS A 39 -2.31 -3.99 -5.92
N LYS A 40 -1.40 -4.89 -6.30
CA LYS A 40 0.03 -4.64 -6.15
C LYS A 40 0.40 -3.29 -6.76
N LEU A 41 0.49 -2.27 -5.91
CA LEU A 41 0.85 -0.93 -6.37
C LEU A 41 2.29 -0.89 -6.87
N ALA A 42 3.18 -1.57 -6.15
CA ALA A 42 4.58 -1.62 -6.52
C ALA A 42 4.75 -1.74 -8.04
N GLY A 43 5.39 -0.74 -8.63
CA GLY A 43 5.61 -0.74 -10.07
C GLY A 43 4.40 -0.23 -10.83
N GLN A 44 3.21 -0.50 -10.31
CA GLN A 44 1.97 -0.05 -10.95
C GLN A 44 1.60 1.35 -10.50
N ARG A 45 1.01 2.12 -11.41
CA ARG A 45 0.60 3.49 -11.09
C ARG A 45 -0.38 3.51 -9.92
N PHE A 46 -0.07 4.31 -8.92
CA PHE A 46 -0.92 4.43 -7.74
C PHE A 46 -1.06 5.89 -7.31
N THR A 47 -2.02 6.15 -6.43
CA THR A 47 -2.27 7.50 -5.94
C THR A 47 -2.24 7.54 -4.41
N ALA A 48 -1.75 8.65 -3.87
CA ALA A 48 -1.67 8.81 -2.42
C ALA A 48 -2.71 9.80 -1.92
N VAL A 49 -3.68 9.30 -1.16
CA VAL A 49 -4.74 10.15 -0.62
C VAL A 49 -4.67 10.21 0.91
N GLU A 50 -4.73 11.43 1.44
CA GLU A 50 -4.67 11.62 2.88
C GLU A 50 -5.31 10.44 3.62
N ASP A 51 -6.46 10.00 3.15
CA ASP A 51 -7.17 8.88 3.75
C ASP A 51 -6.35 7.60 3.64
N GLN A 52 -6.25 7.06 2.43
CA GLN A 52 -5.49 5.83 2.19
C GLN A 52 -4.99 5.78 0.76
N TYR A 53 -4.34 4.68 0.40
CA TYR A 53 -3.80 4.51 -0.94
C TYR A 53 -4.77 3.74 -1.83
N TYR A 54 -4.95 4.22 -3.06
CA TYR A 54 -5.85 3.59 -4.00
C TYR A 54 -5.17 3.39 -5.36
N CYS A 55 -5.08 2.14 -5.79
CA CYS A 55 -4.46 1.81 -7.07
C CYS A 55 -5.11 2.60 -8.21
N VAL A 56 -4.30 2.99 -9.18
CA VAL A 56 -4.79 3.75 -10.33
C VAL A 56 -6.23 3.37 -10.66
N ASP A 57 -6.47 2.07 -10.85
CA ASP A 57 -7.80 1.58 -11.18
C ASP A 57 -8.83 2.11 -10.18
N CYS A 58 -8.78 1.59 -8.96
CA CYS A 58 -9.72 2.01 -7.92
C CYS A 58 -9.94 3.52 -7.96
N TYR A 59 -8.84 4.27 -7.91
CA TYR A 59 -8.91 5.72 -7.94
C TYR A 59 -9.99 6.20 -8.91
N LYS A 60 -10.08 5.54 -10.06
CA LYS A 60 -11.06 5.89 -11.07
C LYS A 60 -12.48 5.63 -10.58
N ASN A 61 -12.65 4.53 -9.84
CA ASN A 61 -13.95 4.18 -9.29
C ASN A 61 -14.37 5.14 -8.19
N PHE A 62 -13.41 5.48 -7.33
CA PHE A 62 -13.69 6.40 -6.22
C PHE A 62 -13.94 7.80 -6.73
N VAL A 63 -13.01 8.33 -7.53
CA VAL A 63 -13.14 9.67 -8.09
C VAL A 63 -14.43 9.81 -8.88
N SER A 64 -14.76 8.78 -9.65
CA SER A 64 -15.97 8.78 -10.47
C SER A 64 -16.67 7.42 -10.43
N GLY A 65 -17.79 7.35 -9.72
CA GLY A 65 -18.52 6.10 -9.62
C GLY A 65 -19.62 6.16 -8.58
N PRO A 66 -20.74 5.47 -8.85
CA PRO A 66 -21.88 5.43 -7.94
C PRO A 66 -21.59 4.63 -6.68
N SER A 67 -21.40 5.35 -5.57
CA SER A 67 -21.10 4.71 -4.29
C SER A 67 -22.29 3.86 -3.82
N SER A 68 -22.36 2.62 -4.30
CA SER A 68 -23.44 1.73 -3.92
C SER A 68 -22.95 0.27 -3.90
N GLY A 69 -23.51 -0.50 -2.97
CA GLY A 69 -23.12 -1.90 -2.85
C GLY A 69 -21.62 -2.09 -2.91
N GLY A 1 14.38 -7.05 16.94
CA GLY A 1 15.11 -5.98 16.28
C GLY A 1 15.12 -4.70 17.07
N SER A 2 16.23 -4.41 17.75
CA SER A 2 16.35 -3.20 18.56
C SER A 2 16.18 -1.96 17.70
N SER A 3 16.90 -1.92 16.58
CA SER A 3 16.84 -0.78 15.67
C SER A 3 17.16 -1.21 14.25
N GLY A 4 16.22 -0.94 13.33
CA GLY A 4 16.42 -1.31 11.95
C GLY A 4 15.52 -2.44 11.51
N SER A 5 14.97 -2.33 10.30
CA SER A 5 14.08 -3.36 9.77
C SER A 5 13.12 -3.85 10.85
N SER A 6 12.57 -2.90 11.61
CA SER A 6 11.62 -3.24 12.68
C SER A 6 10.24 -3.53 12.11
N GLY A 7 10.20 -4.32 11.05
CA GLY A 7 8.93 -4.67 10.42
C GLY A 7 8.25 -3.47 9.79
N CYS A 8 7.41 -3.72 8.80
CA CYS A 8 6.70 -2.65 8.10
C CYS A 8 5.81 -1.88 9.07
N VAL A 9 5.06 -0.92 8.54
CA VAL A 9 4.16 -0.10 9.35
C VAL A 9 2.72 -0.56 9.18
N LYS A 10 2.47 -1.34 8.15
CA LYS A 10 1.12 -1.86 7.88
C LYS A 10 0.77 -2.99 8.84
N CYS A 11 1.31 -4.17 8.59
CA CYS A 11 1.06 -5.32 9.43
C CYS A 11 2.03 -5.38 10.60
N ASN A 12 3.11 -4.61 10.50
CA ASN A 12 4.13 -4.57 11.54
C ASN A 12 4.86 -5.91 11.65
N LYS A 13 5.41 -6.35 10.52
CA LYS A 13 6.14 -7.61 10.46
C LYS A 13 7.50 -7.42 9.80
N ALA A 14 8.54 -8.01 10.39
CA ALA A 14 9.88 -7.91 9.85
C ALA A 14 9.89 -8.05 8.33
N ILE A 15 10.76 -7.30 7.68
CA ILE A 15 10.86 -7.34 6.22
C ILE A 15 11.94 -8.32 5.77
N THR A 16 11.65 -9.08 4.73
CA THR A 16 12.59 -10.05 4.19
C THR A 16 13.89 -9.38 3.79
N SER A 17 14.83 -10.19 3.28
CA SER A 17 16.12 -9.67 2.86
C SER A 17 16.03 -9.08 1.44
N GLY A 18 14.93 -8.40 1.16
CA GLY A 18 14.74 -7.79 -0.14
C GLY A 18 13.33 -7.27 -0.34
N GLY A 19 12.80 -6.59 0.68
CA GLY A 19 11.45 -6.05 0.59
C GLY A 19 11.42 -4.73 -0.15
N ILE A 20 10.50 -3.86 0.26
CA ILE A 20 10.36 -2.54 -0.37
C ILE A 20 10.23 -1.45 0.67
N THR A 21 10.70 -0.24 0.32
CA THR A 21 10.64 0.89 1.23
C THR A 21 9.95 2.08 0.57
N TYR A 22 9.02 2.69 1.28
CA TYR A 22 8.28 3.85 0.76
C TYR A 22 8.40 5.03 1.71
N GLN A 23 8.76 6.19 1.16
CA GLN A 23 8.90 7.40 1.95
C GLN A 23 9.82 7.17 3.15
N ASP A 24 10.90 6.42 2.92
CA ASP A 24 11.85 6.11 3.98
C ASP A 24 11.20 5.29 5.08
N GLN A 25 10.22 4.47 4.70
CA GLN A 25 9.51 3.63 5.66
C GLN A 25 9.44 2.18 5.16
N PRO A 26 9.56 1.23 6.09
CA PRO A 26 9.50 -0.20 5.77
C PRO A 26 8.11 -0.65 5.34
N TRP A 27 8.01 -1.18 4.12
CA TRP A 27 6.73 -1.65 3.61
C TRP A 27 6.88 -3.01 2.94
N HIS A 28 5.75 -3.69 2.74
CA HIS A 28 5.76 -5.02 2.12
C HIS A 28 5.07 -4.97 0.76
N ALA A 29 5.44 -5.92 -0.11
CA ALA A 29 4.85 -5.99 -1.45
C ALA A 29 3.35 -6.27 -1.37
N ASP A 30 2.93 -6.89 -0.27
CA ASP A 30 1.52 -7.23 -0.08
C ASP A 30 0.82 -6.17 0.77
N CYS A 31 1.59 -5.48 1.60
CA CYS A 31 1.06 -4.45 2.47
C CYS A 31 0.97 -3.12 1.74
N PHE A 32 1.77 -2.98 0.68
CA PHE A 32 1.79 -1.74 -0.11
C PHE A 32 0.70 -1.76 -1.17
N VAL A 33 -0.43 -2.41 -0.84
CA VAL A 33 -1.56 -2.49 -1.76
C VAL A 33 -2.66 -1.52 -1.36
N CYS A 34 -3.66 -1.37 -2.24
CA CYS A 34 -4.78 -0.48 -1.98
C CYS A 34 -5.74 -1.10 -0.97
N VAL A 35 -6.56 -0.25 -0.35
CA VAL A 35 -7.53 -0.72 0.63
C VAL A 35 -8.90 -0.95 -0.02
N THR A 36 -8.88 -1.45 -1.25
CA THR A 36 -10.11 -1.72 -1.98
C THR A 36 -10.09 -3.10 -2.62
N CYS A 37 -9.33 -3.24 -3.70
CA CYS A 37 -9.21 -4.51 -4.40
C CYS A 37 -7.88 -5.18 -4.08
N SER A 38 -7.07 -4.53 -3.26
CA SER A 38 -5.76 -5.06 -2.88
C SER A 38 -4.89 -5.26 -4.11
N LYS A 39 -4.70 -4.19 -4.88
CA LYS A 39 -3.88 -4.24 -6.09
C LYS A 39 -2.44 -3.87 -5.77
N LYS A 40 -1.50 -4.71 -6.22
CA LYS A 40 -0.08 -4.47 -5.98
C LYS A 40 0.33 -3.10 -6.51
N LEU A 41 0.30 -2.10 -5.64
CA LEU A 41 0.68 -0.74 -6.02
C LEU A 41 2.17 -0.65 -6.31
N ALA A 42 2.97 -1.41 -5.55
CA ALA A 42 4.41 -1.41 -5.71
C ALA A 42 4.79 -1.54 -7.19
N GLY A 43 5.38 -0.47 -7.73
CA GLY A 43 5.78 -0.47 -9.13
C GLY A 43 4.68 0.00 -10.05
N GLN A 44 3.44 -0.29 -9.68
CA GLN A 44 2.28 0.12 -10.49
C GLN A 44 1.83 1.52 -10.11
N ARG A 45 1.32 2.26 -11.10
CA ARG A 45 0.86 3.62 -10.88
C ARG A 45 -0.21 3.66 -9.79
N PHE A 46 0.09 4.33 -8.69
CA PHE A 46 -0.85 4.43 -7.57
C PHE A 46 -0.96 5.87 -7.10
N THR A 47 -2.05 6.17 -6.39
CA THR A 47 -2.28 7.52 -5.88
C THR A 47 -2.51 7.50 -4.38
N ALA A 48 -1.69 8.28 -3.66
CA ALA A 48 -1.81 8.35 -2.21
C ALA A 48 -2.80 9.43 -1.79
N VAL A 49 -3.94 9.00 -1.26
CA VAL A 49 -4.98 9.92 -0.81
C VAL A 49 -4.87 10.19 0.68
N GLU A 50 -5.04 11.45 1.08
CA GLU A 50 -4.96 11.83 2.48
C GLU A 50 -5.51 10.73 3.37
N ASP A 51 -6.52 10.02 2.88
CA ASP A 51 -7.13 8.94 3.64
C ASP A 51 -6.28 7.67 3.56
N GLN A 52 -6.31 7.02 2.40
CA GLN A 52 -5.54 5.79 2.19
C GLN A 52 -4.99 5.73 0.77
N TYR A 53 -4.35 4.62 0.45
CA TYR A 53 -3.77 4.42 -0.88
C TYR A 53 -4.74 3.66 -1.78
N TYR A 54 -5.01 4.23 -2.95
CA TYR A 54 -5.92 3.60 -3.90
C TYR A 54 -5.24 3.42 -5.26
N CYS A 55 -5.21 2.17 -5.72
CA CYS A 55 -4.58 1.85 -7.00
C CYS A 55 -5.25 2.62 -8.14
N VAL A 56 -4.52 2.80 -9.23
CA VAL A 56 -5.05 3.51 -10.39
C VAL A 56 -6.38 2.92 -10.84
N ASP A 57 -6.48 1.60 -10.79
CA ASP A 57 -7.70 0.92 -11.19
C ASP A 57 -8.87 1.33 -10.31
N CYS A 58 -8.59 1.63 -9.05
CA CYS A 58 -9.62 2.04 -8.11
C CYS A 58 -9.85 3.55 -8.18
N TYR A 59 -8.80 4.31 -7.87
CA TYR A 59 -8.89 5.77 -7.90
C TYR A 59 -9.72 6.25 -9.09
N LYS A 60 -9.36 5.76 -10.28
CA LYS A 60 -10.07 6.14 -11.49
C LYS A 60 -11.57 5.82 -11.37
N ASN A 61 -11.87 4.66 -10.80
CA ASN A 61 -13.26 4.23 -10.62
C ASN A 61 -13.99 5.17 -9.68
N PHE A 62 -13.34 5.55 -8.59
CA PHE A 62 -13.93 6.45 -7.60
C PHE A 62 -14.19 7.82 -8.20
N VAL A 63 -13.13 8.43 -8.74
CA VAL A 63 -13.24 9.75 -9.35
C VAL A 63 -14.13 9.72 -10.58
N SER A 64 -14.05 8.63 -11.34
CA SER A 64 -14.85 8.47 -12.55
C SER A 64 -15.99 7.48 -12.32
N GLY A 65 -17.22 7.99 -12.32
CA GLY A 65 -18.37 7.13 -12.12
C GLY A 65 -19.43 7.79 -11.26
N PRO A 66 -19.45 7.46 -9.97
CA PRO A 66 -20.43 8.01 -9.02
C PRO A 66 -20.18 9.49 -8.73
N SER A 67 -21.01 10.07 -7.86
CA SER A 67 -20.88 11.47 -7.51
C SER A 67 -19.54 11.75 -6.85
N SER A 68 -18.88 12.82 -7.28
CA SER A 68 -17.58 13.19 -6.74
C SER A 68 -17.70 14.39 -5.79
N GLY A 69 -18.15 15.51 -6.34
CA GLY A 69 -18.31 16.71 -5.54
C GLY A 69 -17.03 17.52 -5.45
N GLY A 1 8.06 -4.36 23.88
CA GLY A 1 9.10 -3.72 24.66
C GLY A 1 10.40 -4.50 24.63
N SER A 2 10.87 -4.83 23.44
CA SER A 2 12.10 -5.58 23.27
C SER A 2 12.92 -5.04 22.10
N SER A 3 14.16 -5.51 21.99
CA SER A 3 15.04 -5.07 20.91
C SER A 3 15.47 -6.25 20.05
N GLY A 4 14.94 -6.30 18.82
CA GLY A 4 15.27 -7.38 17.91
C GLY A 4 14.92 -7.05 16.47
N SER A 5 13.67 -7.28 16.10
CA SER A 5 13.21 -7.03 14.74
C SER A 5 12.18 -5.91 14.73
N SER A 6 12.08 -5.20 13.61
CA SER A 6 11.13 -4.10 13.47
C SER A 6 9.99 -4.50 12.53
N GLY A 7 10.33 -4.78 11.28
CA GLY A 7 9.31 -5.16 10.31
C GLY A 7 8.57 -3.96 9.75
N CYS A 8 7.73 -4.20 8.74
CA CYS A 8 6.95 -3.13 8.12
C CYS A 8 6.18 -2.34 9.17
N VAL A 9 5.42 -1.36 8.72
CA VAL A 9 4.63 -0.52 9.61
C VAL A 9 3.16 -0.92 9.58
N LYS A 10 2.78 -1.70 8.57
CA LYS A 10 1.40 -2.15 8.43
C LYS A 10 1.11 -3.30 9.38
N CYS A 11 1.59 -4.49 9.04
CA CYS A 11 1.38 -5.67 9.86
C CYS A 11 2.45 -5.79 10.94
N ASN A 12 3.48 -4.95 10.84
CA ASN A 12 4.57 -4.95 11.81
C ASN A 12 5.29 -6.29 11.81
N LYS A 13 5.72 -6.73 10.64
CA LYS A 13 6.43 -8.00 10.50
C LYS A 13 7.78 -7.81 9.81
N ALA A 14 8.78 -8.55 10.26
CA ALA A 14 10.11 -8.45 9.68
C ALA A 14 10.05 -8.48 8.15
N ILE A 15 10.90 -7.66 7.52
CA ILE A 15 10.94 -7.58 6.07
C ILE A 15 12.01 -8.51 5.50
N THR A 16 11.62 -9.30 4.50
CA THR A 16 12.55 -10.22 3.86
C THR A 16 13.70 -9.48 3.17
N SER A 17 14.65 -10.23 2.64
CA SER A 17 15.79 -9.65 1.95
C SER A 17 15.43 -9.26 0.52
N GLY A 18 14.22 -8.72 0.34
CA GLY A 18 13.78 -8.33 -0.98
C GLY A 18 12.40 -7.71 -0.96
N GLY A 19 12.15 -6.84 0.02
CA GLY A 19 10.86 -6.20 0.13
C GLY A 19 10.80 -4.89 -0.63
N ILE A 20 10.14 -3.89 -0.05
CA ILE A 20 10.02 -2.58 -0.67
C ILE A 20 9.96 -1.47 0.37
N THR A 21 10.56 -0.33 0.04
CA THR A 21 10.58 0.81 0.94
C THR A 21 9.78 1.98 0.38
N TYR A 22 8.83 2.46 1.15
CA TYR A 22 7.98 3.59 0.72
C TYR A 22 8.18 4.79 1.64
N GLN A 23 8.37 5.96 1.04
CA GLN A 23 8.57 7.18 1.80
C GLN A 23 9.58 6.98 2.92
N ASP A 24 10.68 6.30 2.58
CA ASP A 24 11.74 6.04 3.57
C ASP A 24 11.19 5.23 4.75
N GLN A 25 10.25 4.34 4.46
CA GLN A 25 9.64 3.50 5.49
C GLN A 25 9.50 2.06 5.00
N PRO A 26 9.66 1.12 5.93
CA PRO A 26 9.56 -0.32 5.62
C PRO A 26 8.12 -0.74 5.31
N TRP A 27 7.91 -1.20 4.08
CA TRP A 27 6.58 -1.64 3.65
C TRP A 27 6.65 -2.98 2.94
N HIS A 28 5.56 -3.74 2.99
CA HIS A 28 5.50 -5.05 2.35
C HIS A 28 4.72 -4.97 1.04
N ALA A 29 4.84 -6.01 0.23
CA ALA A 29 4.15 -6.07 -1.05
C ALA A 29 2.65 -6.25 -0.86
N ASP A 30 2.28 -6.98 0.19
CA ASP A 30 0.87 -7.24 0.49
C ASP A 30 0.30 -6.14 1.39
N CYS A 31 1.18 -5.42 2.07
CA CYS A 31 0.77 -4.34 2.96
C CYS A 31 0.74 -3.01 2.23
N PHE A 32 1.62 -2.86 1.25
CA PHE A 32 1.69 -1.63 0.46
C PHE A 32 0.68 -1.66 -0.68
N VAL A 33 -0.46 -2.29 -0.43
CA VAL A 33 -1.52 -2.38 -1.44
C VAL A 33 -2.68 -1.45 -1.09
N CYS A 34 -3.48 -1.12 -2.11
CA CYS A 34 -4.62 -0.24 -1.92
C CYS A 34 -5.56 -0.79 -0.85
N VAL A 35 -6.46 0.07 -0.36
CA VAL A 35 -7.42 -0.33 0.67
C VAL A 35 -8.76 -0.69 0.05
N THR A 36 -8.73 -1.27 -1.14
CA THR A 36 -9.95 -1.67 -1.84
C THR A 36 -9.86 -3.10 -2.34
N CYS A 37 -9.08 -3.30 -3.41
CA CYS A 37 -8.91 -4.63 -4.00
C CYS A 37 -7.60 -5.26 -3.53
N SER A 38 -6.82 -4.49 -2.75
CA SER A 38 -5.55 -4.99 -2.24
C SER A 38 -4.58 -5.28 -3.38
N LYS A 39 -4.36 -4.28 -4.23
CA LYS A 39 -3.45 -4.43 -5.36
C LYS A 39 -2.05 -3.93 -5.02
N LYS A 40 -1.04 -4.66 -5.47
CA LYS A 40 0.35 -4.28 -5.21
C LYS A 40 0.68 -2.94 -5.84
N LEU A 41 0.82 -1.91 -5.01
CA LEU A 41 1.14 -0.57 -5.48
C LEU A 41 2.64 -0.40 -5.66
N ALA A 42 3.36 -1.52 -5.70
CA ALA A 42 4.80 -1.49 -5.86
C ALA A 42 5.19 -0.91 -7.22
N GLY A 43 5.88 0.24 -7.19
CA GLY A 43 6.29 0.87 -8.43
C GLY A 43 5.18 0.92 -9.46
N GLN A 44 3.99 1.31 -9.03
CA GLN A 44 2.84 1.39 -9.92
C GLN A 44 2.27 2.81 -9.94
N ARG A 45 1.32 3.04 -10.85
CA ARG A 45 0.69 4.35 -10.97
C ARG A 45 -0.46 4.50 -9.99
N PHE A 46 -0.13 4.70 -8.72
CA PHE A 46 -1.13 4.86 -7.67
C PHE A 46 -1.28 6.33 -7.28
N THR A 47 -2.25 6.60 -6.40
CA THR A 47 -2.49 7.97 -5.94
C THR A 47 -2.71 8.00 -4.44
N ALA A 48 -1.94 8.87 -3.76
CA ALA A 48 -2.06 9.00 -2.31
C ALA A 48 -3.10 10.05 -1.94
N VAL A 49 -4.24 9.59 -1.44
CA VAL A 49 -5.32 10.49 -1.04
C VAL A 49 -5.31 10.73 0.46
N GLU A 50 -5.46 11.99 0.87
CA GLU A 50 -5.47 12.33 2.29
C GLU A 50 -6.09 11.21 3.12
N ASP A 51 -7.14 10.60 2.59
CA ASP A 51 -7.82 9.52 3.29
C ASP A 51 -6.99 8.24 3.25
N GLN A 52 -6.95 7.62 2.08
CA GLN A 52 -6.18 6.38 1.91
C GLN A 52 -5.57 6.31 0.50
N TYR A 53 -4.88 5.21 0.22
CA TYR A 53 -4.25 5.02 -1.07
C TYR A 53 -5.10 4.12 -1.97
N TYR A 54 -5.03 4.36 -3.27
CA TYR A 54 -5.80 3.58 -4.25
C TYR A 54 -4.94 3.21 -5.45
N CYS A 55 -5.12 2.00 -5.94
CA CYS A 55 -4.36 1.52 -7.09
C CYS A 55 -4.97 2.04 -8.39
N VAL A 56 -4.15 2.09 -9.44
CA VAL A 56 -4.61 2.57 -10.75
C VAL A 56 -5.99 2.02 -11.08
N ASP A 57 -6.15 0.70 -10.95
CA ASP A 57 -7.41 0.05 -11.24
C ASP A 57 -8.55 0.71 -10.47
N CYS A 58 -8.32 0.99 -9.20
CA CYS A 58 -9.32 1.63 -8.35
C CYS A 58 -9.43 3.12 -8.67
N TYR A 59 -8.37 3.86 -8.42
CA TYR A 59 -8.35 5.30 -8.68
C TYR A 59 -9.18 5.64 -9.91
N LYS A 60 -8.84 5.00 -11.03
CA LYS A 60 -9.55 5.24 -12.27
C LYS A 60 -11.06 5.15 -12.07
N ASN A 61 -11.50 4.09 -11.39
CA ASN A 61 -12.92 3.89 -11.13
C ASN A 61 -13.45 4.95 -10.16
N PHE A 62 -12.64 5.27 -9.15
CA PHE A 62 -13.03 6.26 -8.15
C PHE A 62 -13.30 7.61 -8.81
N VAL A 63 -12.30 8.12 -9.53
CA VAL A 63 -12.43 9.39 -10.22
C VAL A 63 -13.35 9.29 -11.43
N SER A 64 -13.46 8.08 -11.97
CA SER A 64 -14.30 7.84 -13.14
C SER A 64 -15.51 6.99 -12.77
N GLY A 65 -16.61 7.64 -12.43
CA GLY A 65 -17.82 6.94 -12.06
C GLY A 65 -18.68 7.71 -11.07
N PRO A 66 -19.57 7.00 -10.38
CA PRO A 66 -20.48 7.61 -9.40
C PRO A 66 -19.73 8.09 -8.15
N SER A 67 -19.39 9.37 -8.12
CA SER A 67 -18.68 9.95 -6.98
C SER A 67 -19.65 10.49 -5.95
N SER A 68 -19.73 9.82 -4.81
CA SER A 68 -20.64 10.23 -3.74
C SER A 68 -19.88 10.96 -2.64
N GLY A 69 -18.72 10.43 -2.27
CA GLY A 69 -17.91 11.05 -1.23
C GLY A 69 -16.47 10.59 -1.28
N GLY A 1 16.51 -14.89 26.01
CA GLY A 1 16.78 -14.40 24.67
C GLY A 1 15.95 -13.18 24.32
N SER A 2 16.58 -12.18 23.72
CA SER A 2 15.89 -10.96 23.34
C SER A 2 15.04 -11.17 22.08
N SER A 3 13.79 -10.73 22.14
CA SER A 3 12.87 -10.88 21.02
C SER A 3 12.48 -9.51 20.45
N GLY A 4 12.30 -9.46 19.13
CA GLY A 4 11.93 -8.21 18.49
C GLY A 4 12.39 -8.14 17.05
N SER A 5 11.80 -7.23 16.29
CA SER A 5 12.15 -7.08 14.88
C SER A 5 11.60 -5.75 14.33
N SER A 6 12.30 -5.21 13.33
CA SER A 6 11.88 -3.95 12.72
C SER A 6 10.98 -4.21 11.52
N GLY A 7 10.06 -5.15 11.66
CA GLY A 7 9.14 -5.47 10.57
C GLY A 7 8.44 -4.24 10.02
N CYS A 8 7.69 -4.43 8.94
CA CYS A 8 6.97 -3.32 8.32
C CYS A 8 6.10 -2.60 9.34
N VAL A 9 5.36 -1.59 8.87
CA VAL A 9 4.48 -0.82 9.75
C VAL A 9 3.03 -1.21 9.54
N LYS A 10 2.73 -1.80 8.38
CA LYS A 10 1.37 -2.22 8.06
C LYS A 10 0.95 -3.41 8.93
N CYS A 11 1.46 -4.59 8.60
CA CYS A 11 1.14 -5.79 9.35
C CYS A 11 2.07 -5.96 10.54
N ASN A 12 3.14 -5.17 10.56
CA ASN A 12 4.12 -5.24 11.64
C ASN A 12 4.81 -6.60 11.68
N LYS A 13 5.38 -7.00 10.55
CA LYS A 13 6.07 -8.28 10.45
C LYS A 13 7.43 -8.11 9.79
N ALA A 14 8.38 -8.96 10.17
CA ALA A 14 9.72 -8.91 9.62
C ALA A 14 9.68 -8.76 8.11
N ILE A 15 10.64 -8.02 7.56
CA ILE A 15 10.71 -7.80 6.12
C ILE A 15 11.70 -8.75 5.47
N THR A 16 11.34 -9.28 4.31
CA THR A 16 12.20 -10.20 3.58
C THR A 16 13.60 -9.63 3.42
N SER A 17 14.47 -10.38 2.73
CA SER A 17 15.84 -9.94 2.51
C SER A 17 15.89 -8.89 1.41
N GLY A 18 14.92 -7.99 1.41
CA GLY A 18 14.89 -6.93 0.41
C GLY A 18 13.62 -6.10 0.49
N GLY A 19 12.48 -6.76 0.67
CA GLY A 19 11.22 -6.07 0.76
C GLY A 19 11.21 -4.77 -0.04
N ILE A 20 10.51 -3.76 0.48
CA ILE A 20 10.43 -2.48 -0.19
C ILE A 20 10.25 -1.34 0.83
N THR A 21 10.92 -0.22 0.58
CA THR A 21 10.83 0.93 1.46
C THR A 21 9.97 2.03 0.84
N TYR A 22 8.97 2.49 1.58
CA TYR A 22 8.07 3.53 1.11
C TYR A 22 8.18 4.78 1.99
N GLN A 23 8.49 5.91 1.37
CA GLN A 23 8.62 7.17 2.09
C GLN A 23 9.56 7.02 3.27
N ASP A 24 10.67 6.31 3.05
CA ASP A 24 11.65 6.10 4.11
C ASP A 24 11.07 5.27 5.25
N GLN A 25 10.28 4.26 4.89
CA GLN A 25 9.64 3.40 5.88
C GLN A 25 9.55 1.96 5.36
N PRO A 26 9.69 0.99 6.29
CA PRO A 26 9.63 -0.43 5.95
C PRO A 26 8.22 -0.87 5.56
N TRP A 27 8.07 -1.30 4.32
CA TRP A 27 6.77 -1.75 3.82
C TRP A 27 6.90 -3.07 3.06
N HIS A 28 5.83 -3.85 3.04
CA HIS A 28 5.83 -5.13 2.34
C HIS A 28 5.18 -5.00 0.96
N ALA A 29 5.42 -5.99 0.11
CA ALA A 29 4.85 -5.98 -1.23
C ALA A 29 3.34 -6.13 -1.21
N ASP A 30 2.85 -6.87 -0.22
CA ASP A 30 1.41 -7.10 -0.07
C ASP A 30 0.78 -5.99 0.78
N CYS A 31 1.57 -5.41 1.67
CA CYS A 31 1.09 -4.35 2.55
C CYS A 31 1.05 -3.02 1.82
N PHE A 32 1.88 -2.88 0.78
CA PHE A 32 1.93 -1.66 0.00
C PHE A 32 0.85 -1.65 -1.08
N VAL A 33 -0.26 -2.32 -0.81
CA VAL A 33 -1.36 -2.39 -1.74
C VAL A 33 -2.50 -1.45 -1.33
N CYS A 34 -3.33 -1.08 -2.30
CA CYS A 34 -4.45 -0.19 -2.04
C CYS A 34 -5.31 -0.72 -0.90
N VAL A 35 -6.16 0.15 -0.35
CA VAL A 35 -7.04 -0.23 0.74
C VAL A 35 -8.45 -0.54 0.24
N THR A 36 -8.53 -1.16 -0.93
CA THR A 36 -9.80 -1.51 -1.53
C THR A 36 -9.79 -2.96 -2.04
N CYS A 37 -9.01 -3.21 -3.07
CA CYS A 37 -8.91 -4.54 -3.66
C CYS A 37 -7.58 -5.19 -3.28
N SER A 38 -6.71 -4.43 -2.63
CA SER A 38 -5.41 -4.94 -2.22
C SER A 38 -4.55 -5.28 -3.44
N LYS A 39 -4.38 -4.30 -4.32
CA LYS A 39 -3.59 -4.49 -5.53
C LYS A 39 -2.16 -4.00 -5.32
N LYS A 40 -1.22 -4.62 -6.01
CA LYS A 40 0.19 -4.25 -5.90
C LYS A 40 0.41 -2.82 -6.43
N LEU A 41 0.76 -1.92 -5.52
CA LEU A 41 1.00 -0.53 -5.89
C LEU A 41 2.48 -0.28 -6.14
N ALA A 42 3.33 -1.14 -5.55
CA ALA A 42 4.77 -1.01 -5.70
C ALA A 42 5.16 -0.93 -7.18
N GLY A 43 5.90 0.12 -7.54
CA GLY A 43 6.33 0.29 -8.91
C GLY A 43 5.16 0.31 -9.87
N GLN A 44 4.03 0.84 -9.44
CA GLN A 44 2.84 0.91 -10.27
C GLN A 44 2.23 2.31 -10.23
N ARG A 45 1.34 2.59 -11.17
CA ARG A 45 0.69 3.89 -11.26
C ARG A 45 -0.45 4.00 -10.24
N PHE A 46 -0.13 4.51 -9.05
CA PHE A 46 -1.12 4.66 -8.00
C PHE A 46 -1.26 6.12 -7.59
N THR A 47 -2.37 6.44 -6.94
CA THR A 47 -2.63 7.81 -6.51
C THR A 47 -2.74 7.89 -4.99
N ALA A 48 -1.92 8.75 -4.39
CA ALA A 48 -1.92 8.92 -2.94
C ALA A 48 -2.88 10.03 -2.52
N VAL A 49 -4.00 9.64 -1.90
CA VAL A 49 -4.99 10.59 -1.45
C VAL A 49 -4.83 10.91 0.03
N GLU A 50 -4.92 12.18 0.38
CA GLU A 50 -4.78 12.61 1.78
C GLU A 50 -5.38 11.57 2.72
N ASP A 51 -6.42 10.88 2.27
CA ASP A 51 -7.06 9.85 3.07
C ASP A 51 -6.26 8.55 3.04
N GLN A 52 -6.32 7.86 1.91
CA GLN A 52 -5.61 6.59 1.76
C GLN A 52 -5.11 6.42 0.33
N TYR A 53 -4.53 5.27 0.05
CA TYR A 53 -3.99 4.97 -1.28
C TYR A 53 -4.96 4.11 -2.08
N TYR A 54 -5.14 4.45 -3.35
CA TYR A 54 -6.05 3.70 -4.22
C TYR A 54 -5.39 3.44 -5.57
N CYS A 55 -5.30 2.16 -5.94
CA CYS A 55 -4.70 1.77 -7.21
C CYS A 55 -5.51 2.30 -8.38
N VAL A 56 -4.82 2.74 -9.42
CA VAL A 56 -5.48 3.27 -10.61
C VAL A 56 -6.83 2.58 -10.85
N ASP A 57 -6.80 1.26 -10.89
CA ASP A 57 -8.01 0.47 -11.11
C ASP A 57 -9.15 0.97 -10.23
N CYS A 58 -8.92 0.97 -8.92
CA CYS A 58 -9.93 1.43 -7.97
C CYS A 58 -10.23 2.91 -8.16
N TYR A 59 -9.17 3.72 -8.16
CA TYR A 59 -9.33 5.17 -8.33
C TYR A 59 -10.46 5.49 -9.30
N LYS A 60 -10.46 4.81 -10.44
CA LYS A 60 -11.49 5.01 -11.45
C LYS A 60 -12.86 4.58 -10.94
N ASN A 61 -12.89 3.43 -10.25
CA ASN A 61 -14.13 2.91 -9.70
C ASN A 61 -14.71 3.86 -8.66
N PHE A 62 -13.85 4.42 -7.82
CA PHE A 62 -14.28 5.34 -6.78
C PHE A 62 -14.67 6.70 -7.38
N VAL A 63 -13.76 7.28 -8.15
CA VAL A 63 -14.01 8.56 -8.78
C VAL A 63 -15.25 8.51 -9.68
N SER A 64 -15.38 7.41 -10.42
CA SER A 64 -16.50 7.23 -11.32
C SER A 64 -17.82 7.32 -10.56
N GLY A 65 -18.56 8.41 -10.80
CA GLY A 65 -19.84 8.60 -10.12
C GLY A 65 -20.02 10.00 -9.61
N PRO A 66 -21.28 10.41 -9.41
CA PRO A 66 -21.61 11.76 -8.92
C PRO A 66 -21.22 11.94 -7.46
N SER A 67 -20.26 12.82 -7.21
CA SER A 67 -19.81 13.09 -5.85
C SER A 67 -20.33 14.44 -5.35
N SER A 68 -20.56 14.53 -4.05
CA SER A 68 -21.06 15.76 -3.45
C SER A 68 -20.02 16.38 -2.54
N GLY A 69 -18.77 16.39 -2.99
CA GLY A 69 -17.70 16.96 -2.21
C GLY A 69 -17.91 18.43 -1.91
N GLY A 1 5.32 -11.09 24.05
CA GLY A 1 5.41 -10.11 23.00
C GLY A 1 6.74 -10.15 22.28
N SER A 2 7.04 -9.10 21.52
CA SER A 2 8.28 -9.03 20.76
C SER A 2 8.87 -7.61 20.82
N SER A 3 10.13 -7.53 21.22
CA SER A 3 10.81 -6.24 21.32
C SER A 3 12.19 -6.30 20.69
N GLY A 4 12.26 -6.01 19.40
CA GLY A 4 13.53 -6.04 18.71
C GLY A 4 13.37 -5.99 17.20
N SER A 5 12.83 -7.06 16.64
CA SER A 5 12.62 -7.15 15.19
C SER A 5 11.78 -5.98 14.69
N SER A 6 12.36 -5.18 13.80
CA SER A 6 11.66 -4.03 13.25
C SER A 6 10.92 -4.40 11.97
N GLY A 7 9.66 -4.80 12.11
CA GLY A 7 8.86 -5.18 10.96
C GLY A 7 8.19 -3.99 10.31
N CYS A 8 7.59 -4.22 9.15
CA CYS A 8 6.90 -3.16 8.42
C CYS A 8 5.89 -2.45 9.32
N VAL A 9 5.19 -1.47 8.74
CA VAL A 9 4.20 -0.71 9.48
C VAL A 9 2.79 -1.19 9.17
N LYS A 10 2.67 -2.06 8.17
CA LYS A 10 1.38 -2.60 7.77
C LYS A 10 1.03 -3.84 8.58
N CYS A 11 1.63 -4.97 8.23
CA CYS A 11 1.39 -6.23 8.93
C CYS A 11 2.31 -6.36 10.14
N ASN A 12 3.21 -5.40 10.30
CA ASN A 12 4.15 -5.41 11.42
C ASN A 12 4.86 -6.75 11.52
N LYS A 13 5.46 -7.18 10.41
CA LYS A 13 6.18 -8.45 10.37
C LYS A 13 7.58 -8.26 9.81
N ALA A 14 8.55 -8.96 10.39
CA ALA A 14 9.94 -8.87 9.95
C ALA A 14 10.02 -8.87 8.42
N ILE A 15 10.92 -8.04 7.89
CA ILE A 15 11.09 -7.95 6.45
C ILE A 15 12.23 -8.86 5.98
N THR A 16 12.08 -9.40 4.76
CA THR A 16 13.09 -10.28 4.19
C THR A 16 14.25 -9.48 3.63
N SER A 17 15.23 -10.20 3.07
CA SER A 17 16.41 -9.55 2.49
C SER A 17 16.11 -9.02 1.10
N GLY A 18 14.92 -8.47 0.92
CA GLY A 18 14.52 -7.93 -0.37
C GLY A 18 13.18 -7.24 -0.32
N GLY A 19 12.95 -6.47 0.74
CA GLY A 19 11.68 -5.77 0.89
C GLY A 19 11.72 -4.39 0.24
N ILE A 20 10.61 -3.67 0.34
CA ILE A 20 10.52 -2.34 -0.25
C ILE A 20 10.29 -1.27 0.83
N THR A 21 10.86 -0.10 0.63
CA THR A 21 10.73 1.00 1.58
C THR A 21 10.00 2.18 0.95
N TYR A 22 8.84 2.53 1.51
CA TYR A 22 8.05 3.63 1.01
C TYR A 22 7.99 4.77 2.02
N GLN A 23 8.07 6.00 1.53
CA GLN A 23 8.03 7.18 2.39
C GLN A 23 9.01 7.03 3.55
N ASP A 24 10.22 6.57 3.25
CA ASP A 24 11.23 6.38 4.28
C ASP A 24 10.73 5.48 5.40
N GLN A 25 9.94 4.48 5.03
CA GLN A 25 9.38 3.55 6.01
C GLN A 25 9.39 2.12 5.47
N PRO A 26 9.53 1.14 6.39
CA PRO A 26 9.56 -0.27 6.03
C PRO A 26 8.21 -0.79 5.56
N TRP A 27 8.17 -1.26 4.31
CA TRP A 27 6.93 -1.77 3.74
C TRP A 27 7.18 -3.10 3.03
N HIS A 28 6.12 -3.91 2.93
CA HIS A 28 6.22 -5.22 2.28
C HIS A 28 5.69 -5.16 0.85
N ALA A 29 5.73 -6.29 0.15
CA ALA A 29 5.26 -6.36 -1.22
C ALA A 29 3.74 -6.53 -1.26
N ASP A 30 3.19 -7.11 -0.20
CA ASP A 30 1.75 -7.34 -0.12
C ASP A 30 1.12 -6.43 0.95
N CYS A 31 1.83 -5.37 1.29
CA CYS A 31 1.34 -4.42 2.30
C CYS A 31 1.15 -3.03 1.68
N PHE A 32 1.89 -2.76 0.62
CA PHE A 32 1.80 -1.47 -0.06
C PHE A 32 0.64 -1.45 -1.04
N VAL A 33 -0.33 -2.33 -0.82
CA VAL A 33 -1.50 -2.41 -1.68
C VAL A 33 -2.53 -1.36 -1.31
N CYS A 34 -3.46 -1.10 -2.23
CA CYS A 34 -4.51 -0.10 -2.00
C CYS A 34 -5.43 -0.54 -0.87
N VAL A 35 -6.20 0.41 -0.33
CA VAL A 35 -7.12 0.11 0.75
C VAL A 35 -8.51 -0.22 0.23
N THR A 36 -8.56 -0.80 -0.97
CA THR A 36 -9.82 -1.17 -1.59
C THR A 36 -9.81 -2.62 -2.04
N CYS A 37 -9.14 -2.88 -3.16
CA CYS A 37 -9.05 -4.24 -3.71
C CYS A 37 -7.73 -4.89 -3.31
N SER A 38 -6.93 -4.18 -2.51
CA SER A 38 -5.64 -4.69 -2.07
C SER A 38 -4.77 -5.07 -3.26
N LYS A 39 -4.57 -4.13 -4.17
CA LYS A 39 -3.76 -4.36 -5.36
C LYS A 39 -2.34 -3.85 -5.15
N LYS A 40 -1.36 -4.70 -5.40
CA LYS A 40 0.04 -4.34 -5.24
C LYS A 40 0.35 -3.02 -5.94
N LEU A 41 0.65 -2.00 -5.16
CA LEU A 41 0.95 -0.68 -5.70
C LEU A 41 2.43 -0.58 -6.08
N ALA A 42 3.26 -1.41 -5.45
CA ALA A 42 4.69 -1.41 -5.72
C ALA A 42 4.96 -1.48 -7.21
N GLY A 43 5.66 -0.48 -7.73
CA GLY A 43 5.99 -0.46 -9.15
C GLY A 43 4.74 -0.42 -10.02
N GLN A 44 3.71 0.27 -9.56
CA GLN A 44 2.46 0.38 -10.31
C GLN A 44 1.98 1.83 -10.35
N ARG A 45 0.86 2.05 -11.03
CA ARG A 45 0.29 3.39 -11.16
C ARG A 45 -0.88 3.58 -10.20
N PHE A 46 -0.73 4.50 -9.25
CA PHE A 46 -1.78 4.78 -8.28
C PHE A 46 -1.78 6.25 -7.87
N THR A 47 -2.68 6.61 -6.97
CA THR A 47 -2.78 7.99 -6.50
C THR A 47 -2.89 8.04 -4.98
N ALA A 48 -2.02 8.84 -4.36
CA ALA A 48 -2.02 8.99 -2.91
C ALA A 48 -2.94 10.12 -2.47
N VAL A 49 -4.04 9.76 -1.81
CA VAL A 49 -5.00 10.75 -1.33
C VAL A 49 -4.88 10.96 0.17
N GLU A 50 -5.01 12.21 0.60
CA GLU A 50 -4.91 12.54 2.02
C GLU A 50 -5.57 11.46 2.88
N ASP A 51 -6.71 10.95 2.42
CA ASP A 51 -7.43 9.91 3.14
C ASP A 51 -6.67 8.59 3.09
N GLN A 52 -6.57 8.01 1.90
CA GLN A 52 -5.87 6.74 1.71
C GLN A 52 -5.35 6.60 0.29
N TYR A 53 -4.70 5.47 0.00
CA TYR A 53 -4.16 5.23 -1.32
C TYR A 53 -5.13 4.40 -2.17
N TYR A 54 -5.12 4.63 -3.47
CA TYR A 54 -5.99 3.91 -4.38
C TYR A 54 -5.27 3.57 -5.68
N CYS A 55 -5.29 2.29 -6.06
CA CYS A 55 -4.64 1.82 -7.28
C CYS A 55 -5.37 2.34 -8.51
N VAL A 56 -4.61 2.61 -9.57
CA VAL A 56 -5.18 3.11 -10.81
C VAL A 56 -6.59 2.57 -11.02
N ASP A 57 -6.74 1.25 -10.90
CA ASP A 57 -8.04 0.61 -11.08
C ASP A 57 -9.10 1.29 -10.22
N CYS A 58 -8.97 1.17 -8.90
CA CYS A 58 -9.91 1.77 -7.97
C CYS A 58 -10.00 3.27 -8.18
N TYR A 59 -8.84 3.93 -8.14
CA TYR A 59 -8.79 5.38 -8.32
C TYR A 59 -9.71 5.83 -9.45
N LYS A 60 -9.77 5.02 -10.51
CA LYS A 60 -10.62 5.33 -11.66
C LYS A 60 -12.09 5.25 -11.28
N ASN A 61 -12.42 4.33 -10.39
CA ASN A 61 -13.80 4.16 -9.94
C ASN A 61 -14.31 5.41 -9.24
N PHE A 62 -13.43 6.04 -8.45
CA PHE A 62 -13.79 7.25 -7.72
C PHE A 62 -13.96 8.43 -8.67
N VAL A 63 -12.88 8.74 -9.39
CA VAL A 63 -12.90 9.85 -10.33
C VAL A 63 -14.00 9.67 -11.37
N SER A 64 -14.20 8.42 -11.80
CA SER A 64 -15.21 8.11 -12.80
C SER A 64 -16.44 9.01 -12.62
N GLY A 65 -16.86 9.20 -11.37
CA GLY A 65 -18.01 10.03 -11.08
C GLY A 65 -18.89 9.44 -10.01
N PRO A 66 -19.74 10.30 -9.41
CA PRO A 66 -20.65 9.87 -8.34
C PRO A 66 -21.77 8.97 -8.86
N SER A 67 -22.14 7.98 -8.07
CA SER A 67 -23.20 7.03 -8.45
C SER A 67 -24.34 7.08 -7.44
N SER A 68 -25.21 8.07 -7.59
CA SER A 68 -26.36 8.22 -6.70
C SER A 68 -27.65 8.42 -7.48
N GLY A 69 -28.20 7.31 -7.97
CA GLY A 69 -29.42 7.37 -8.74
C GLY A 69 -30.63 7.77 -7.90
N GLY A 1 11.44 -14.28 24.24
CA GLY A 1 11.99 -14.01 22.93
C GLY A 1 11.79 -12.58 22.49
N SER A 2 12.73 -11.71 22.85
CA SER A 2 12.66 -10.30 22.50
C SER A 2 13.51 -9.99 21.27
N SER A 3 12.93 -10.16 20.10
CA SER A 3 13.64 -9.92 18.85
C SER A 3 13.58 -8.43 18.48
N GLY A 4 14.74 -7.79 18.41
CA GLY A 4 14.79 -6.39 18.07
C GLY A 4 14.84 -6.15 16.57
N SER A 5 13.92 -6.81 15.85
CA SER A 5 13.87 -6.67 14.40
C SER A 5 12.54 -6.06 13.96
N SER A 6 12.45 -4.74 14.05
CA SER A 6 11.24 -4.02 13.67
C SER A 6 10.87 -4.31 12.21
N GLY A 7 9.58 -4.53 11.96
CA GLY A 7 9.13 -4.81 10.61
C GLY A 7 8.46 -3.62 9.97
N CYS A 8 7.57 -3.89 9.01
CA CYS A 8 6.85 -2.82 8.32
C CYS A 8 5.92 -2.08 9.26
N VAL A 9 5.19 -1.11 8.73
CA VAL A 9 4.24 -0.34 9.51
C VAL A 9 2.80 -0.77 9.25
N LYS A 10 2.60 -1.48 8.14
CA LYS A 10 1.27 -1.95 7.78
C LYS A 10 0.85 -3.11 8.69
N CYS A 11 1.40 -4.28 8.44
CA CYS A 11 1.07 -5.46 9.23
C CYS A 11 1.97 -5.56 10.47
N ASN A 12 3.05 -4.77 10.47
CA ASN A 12 3.98 -4.76 11.58
C ASN A 12 4.70 -6.11 11.69
N LYS A 13 5.25 -6.57 10.57
CA LYS A 13 5.97 -7.85 10.54
C LYS A 13 7.35 -7.68 9.92
N ALA A 14 8.30 -8.49 10.37
CA ALA A 14 9.66 -8.43 9.85
C ALA A 14 9.66 -8.48 8.32
N ILE A 15 10.56 -7.71 7.71
CA ILE A 15 10.67 -7.67 6.26
C ILE A 15 11.66 -8.71 5.75
N THR A 16 11.32 -9.36 4.64
CA THR A 16 12.17 -10.38 4.06
C THR A 16 13.56 -9.81 3.73
N SER A 17 14.44 -10.67 3.21
CA SER A 17 15.79 -10.26 2.87
C SER A 17 15.81 -9.56 1.51
N GLY A 18 14.79 -8.75 1.24
CA GLY A 18 14.70 -8.04 -0.02
C GLY A 18 13.35 -7.41 -0.24
N GLY A 19 12.80 -6.81 0.80
CA GLY A 19 11.49 -6.18 0.68
C GLY A 19 11.56 -4.83 0.01
N ILE A 20 10.70 -3.91 0.44
CA ILE A 20 10.67 -2.57 -0.13
C ILE A 20 10.44 -1.52 0.95
N THR A 21 11.08 -0.36 0.79
CA THR A 21 10.95 0.73 1.75
C THR A 21 10.29 1.94 1.11
N TYR A 22 9.16 2.36 1.68
CA TYR A 22 8.43 3.52 1.17
C TYR A 22 8.43 4.65 2.18
N GLN A 23 8.67 5.87 1.70
CA GLN A 23 8.69 7.04 2.57
C GLN A 23 9.63 6.82 3.75
N ASP A 24 10.84 6.35 3.47
CA ASP A 24 11.83 6.10 4.51
C ASP A 24 11.26 5.20 5.60
N GLN A 25 10.41 4.25 5.19
CA GLN A 25 9.80 3.33 6.14
C GLN A 25 9.70 1.93 5.54
N PRO A 26 9.78 0.91 6.39
CA PRO A 26 9.69 -0.49 5.98
C PRO A 26 8.29 -0.87 5.50
N TRP A 27 8.21 -1.32 4.25
CA TRP A 27 6.93 -1.72 3.68
C TRP A 27 7.04 -3.06 2.95
N HIS A 28 5.93 -3.77 2.86
CA HIS A 28 5.91 -5.07 2.19
C HIS A 28 5.25 -4.97 0.82
N ALA A 29 5.53 -5.94 -0.05
CA ALA A 29 4.97 -5.96 -1.38
C ALA A 29 3.44 -6.09 -1.34
N ASP A 30 2.95 -6.82 -0.35
CA ASP A 30 1.52 -7.02 -0.20
C ASP A 30 0.90 -5.90 0.63
N CYS A 31 1.70 -5.31 1.52
CA CYS A 31 1.23 -4.23 2.37
C CYS A 31 1.21 -2.91 1.61
N PHE A 32 2.04 -2.81 0.58
CA PHE A 32 2.12 -1.60 -0.24
C PHE A 32 1.03 -1.60 -1.31
N VAL A 33 -0.13 -2.16 -0.97
CA VAL A 33 -1.26 -2.23 -1.89
C VAL A 33 -2.33 -1.21 -1.52
N CYS A 34 -3.30 -1.03 -2.41
CA CYS A 34 -4.39 -0.09 -2.17
C CYS A 34 -5.28 -0.57 -1.02
N VAL A 35 -6.08 0.34 -0.49
CA VAL A 35 -6.97 0.02 0.62
C VAL A 35 -8.35 -0.36 0.12
N THR A 36 -8.40 -0.97 -1.06
CA THR A 36 -9.67 -1.39 -1.66
C THR A 36 -9.61 -2.84 -2.10
N CYS A 37 -8.92 -3.09 -3.21
CA CYS A 37 -8.78 -4.45 -3.75
C CYS A 37 -7.46 -5.08 -3.31
N SER A 38 -6.65 -4.30 -2.61
CA SER A 38 -5.36 -4.78 -2.14
C SER A 38 -4.44 -5.11 -3.31
N LYS A 39 -4.25 -4.14 -4.19
CA LYS A 39 -3.39 -4.33 -5.36
C LYS A 39 -2.01 -3.71 -5.14
N LYS A 40 -0.97 -4.47 -5.42
CA LYS A 40 0.40 -3.99 -5.25
C LYS A 40 0.62 -2.69 -6.02
N LEU A 41 0.97 -1.64 -5.29
CA LEU A 41 1.20 -0.33 -5.89
C LEU A 41 2.68 -0.14 -6.21
N ALA A 42 3.36 -1.24 -6.50
CA ALA A 42 4.78 -1.20 -6.83
C ALA A 42 5.00 -1.12 -8.34
N GLY A 43 5.57 -0.01 -8.80
CA GLY A 43 5.82 0.17 -10.22
C GLY A 43 4.58 0.61 -10.97
N GLN A 44 3.41 0.20 -10.48
CA GLN A 44 2.15 0.57 -11.11
C GLN A 44 1.78 2.01 -10.79
N ARG A 45 0.71 2.49 -11.42
CA ARG A 45 0.24 3.86 -11.20
C ARG A 45 -0.78 3.91 -10.08
N PHE A 46 -0.36 4.41 -8.92
CA PHE A 46 -1.25 4.51 -7.76
C PHE A 46 -1.44 5.97 -7.36
N THR A 47 -2.47 6.21 -6.54
CA THR A 47 -2.77 7.57 -6.09
C THR A 47 -2.48 7.72 -4.59
N ALA A 48 -2.41 8.96 -4.14
CA ALA A 48 -2.14 9.24 -2.74
C ALA A 48 -3.13 10.26 -2.18
N VAL A 49 -4.05 9.78 -1.35
CA VAL A 49 -5.06 10.66 -0.75
C VAL A 49 -4.95 10.65 0.78
N GLU A 50 -4.93 11.83 1.36
CA GLU A 50 -4.83 11.97 2.81
C GLU A 50 -5.48 10.78 3.52
N ASP A 51 -6.69 10.44 3.09
CA ASP A 51 -7.42 9.32 3.67
C ASP A 51 -6.65 8.02 3.51
N GLN A 52 -6.54 7.57 2.26
CA GLN A 52 -5.83 6.33 1.96
C GLN A 52 -5.34 6.31 0.52
N TYR A 53 -4.71 5.21 0.12
CA TYR A 53 -4.18 5.07 -1.23
C TYR A 53 -5.12 4.23 -2.08
N TYR A 54 -5.10 4.47 -3.39
CA TYR A 54 -5.94 3.74 -4.33
C TYR A 54 -5.20 3.46 -5.63
N CYS A 55 -5.31 2.22 -6.11
CA CYS A 55 -4.66 1.82 -7.35
C CYS A 55 -5.41 2.36 -8.57
N VAL A 56 -4.70 2.53 -9.68
CA VAL A 56 -5.31 3.02 -10.91
C VAL A 56 -6.68 2.40 -11.13
N ASP A 57 -6.75 1.08 -11.04
CA ASP A 57 -8.01 0.37 -11.25
C ASP A 57 -9.11 0.98 -10.38
N CYS A 58 -9.01 0.79 -9.07
CA CYS A 58 -10.01 1.32 -8.14
C CYS A 58 -10.23 2.81 -8.38
N TYR A 59 -9.18 3.61 -8.19
CA TYR A 59 -9.28 5.04 -8.39
C TYR A 59 -10.29 5.39 -9.48
N LYS A 60 -10.26 4.63 -10.57
CA LYS A 60 -11.18 4.84 -11.68
C LYS A 60 -12.60 4.44 -11.30
N ASN A 61 -12.73 3.25 -10.70
CA ASN A 61 -14.03 2.75 -10.29
C ASN A 61 -14.60 3.58 -9.14
N PHE A 62 -13.77 4.47 -8.59
CA PHE A 62 -14.19 5.31 -7.48
C PHE A 62 -14.55 6.72 -7.99
N VAL A 63 -13.66 7.31 -8.76
CA VAL A 63 -13.89 8.64 -9.30
C VAL A 63 -15.05 8.65 -10.28
N SER A 64 -15.32 7.49 -10.88
CA SER A 64 -16.42 7.36 -11.83
C SER A 64 -17.28 6.16 -11.51
N GLY A 65 -18.58 6.39 -11.33
CA GLY A 65 -19.50 5.32 -11.01
C GLY A 65 -20.88 5.81 -10.62
N PRO A 66 -21.63 6.30 -11.62
CA PRO A 66 -22.99 6.81 -11.40
C PRO A 66 -23.98 5.72 -11.03
N SER A 67 -23.48 4.50 -10.88
CA SER A 67 -24.32 3.36 -10.54
C SER A 67 -24.06 2.91 -9.10
N SER A 68 -24.97 3.27 -8.20
CA SER A 68 -24.84 2.91 -6.79
C SER A 68 -25.64 1.66 -6.48
N GLY A 69 -25.02 0.51 -6.70
CA GLY A 69 -25.70 -0.76 -6.43
C GLY A 69 -27.19 -0.69 -6.73
N GLY A 1 10.63 -15.00 19.29
CA GLY A 1 10.51 -13.69 18.68
C GLY A 1 11.86 -13.16 18.22
N SER A 2 12.60 -13.97 17.48
CA SER A 2 13.91 -13.57 16.98
C SER A 2 13.81 -12.30 16.16
N SER A 3 14.47 -11.24 16.63
CA SER A 3 14.45 -9.95 15.95
C SER A 3 15.37 -9.96 14.74
N GLY A 4 14.78 -10.00 13.55
CA GLY A 4 15.56 -10.03 12.33
C GLY A 4 15.78 -8.64 11.76
N SER A 5 14.73 -7.83 11.73
CA SER A 5 14.82 -6.48 11.20
C SER A 5 13.55 -5.69 11.50
N SER A 6 13.63 -4.37 11.35
CA SER A 6 12.49 -3.50 11.60
C SER A 6 11.33 -3.83 10.67
N GLY A 7 10.38 -4.61 11.17
CA GLY A 7 9.23 -4.99 10.36
C GLY A 7 8.50 -3.79 9.80
N CYS A 8 7.72 -4.01 8.75
CA CYS A 8 6.96 -2.95 8.11
C CYS A 8 6.13 -2.18 9.14
N VAL A 9 5.34 -1.22 8.66
CA VAL A 9 4.50 -0.42 9.54
C VAL A 9 3.05 -0.88 9.47
N LYS A 10 2.72 -1.63 8.43
CA LYS A 10 1.37 -2.14 8.24
C LYS A 10 1.08 -3.29 9.21
N CYS A 11 1.62 -4.46 8.90
CA CYS A 11 1.42 -5.64 9.75
C CYS A 11 2.43 -5.66 10.89
N ASN A 12 3.50 -4.88 10.74
CA ASN A 12 4.55 -4.81 11.76
C ASN A 12 5.32 -6.13 11.84
N LYS A 13 5.75 -6.62 10.67
CA LYS A 13 6.50 -7.86 10.60
C LYS A 13 7.83 -7.65 9.89
N ALA A 14 8.89 -8.28 10.40
CA ALA A 14 10.21 -8.16 9.82
C ALA A 14 10.15 -8.25 8.29
N ILE A 15 11.03 -7.52 7.62
CA ILE A 15 11.08 -7.52 6.16
C ILE A 15 12.17 -8.43 5.64
N THR A 16 11.79 -9.33 4.74
CA THR A 16 12.74 -10.27 4.16
C THR A 16 13.87 -9.54 3.42
N SER A 17 14.83 -10.30 2.92
CA SER A 17 15.97 -9.72 2.21
C SER A 17 15.60 -9.42 0.76
N GLY A 18 14.38 -8.93 0.56
CA GLY A 18 13.92 -8.61 -0.77
C GLY A 18 12.57 -7.93 -0.77
N GLY A 19 12.32 -7.09 0.22
CA GLY A 19 11.04 -6.40 0.31
C GLY A 19 11.04 -5.08 -0.45
N ILE A 20 10.24 -4.13 0.02
CA ILE A 20 10.15 -2.83 -0.62
C ILE A 20 10.06 -1.71 0.42
N THR A 21 10.62 -0.55 0.08
CA THR A 21 10.60 0.59 0.98
C THR A 21 9.81 1.75 0.37
N TYR A 22 8.80 2.21 1.11
CA TYR A 22 7.97 3.32 0.65
C TYR A 22 8.11 4.52 1.56
N GLN A 23 8.19 5.71 0.97
CA GLN A 23 8.33 6.95 1.73
C GLN A 23 9.41 6.81 2.80
N ASP A 24 10.53 6.20 2.43
CA ASP A 24 11.63 6.01 3.35
C ASP A 24 11.19 5.20 4.58
N GLN A 25 10.26 4.28 4.37
CA GLN A 25 9.74 3.46 5.45
C GLN A 25 9.62 2.00 5.02
N PRO A 26 9.76 1.08 5.99
CA PRO A 26 9.67 -0.35 5.73
C PRO A 26 8.25 -0.81 5.39
N TRP A 27 8.08 -1.32 4.18
CA TRP A 27 6.76 -1.78 3.73
C TRP A 27 6.87 -3.15 3.06
N HIS A 28 5.74 -3.83 2.95
CA HIS A 28 5.70 -5.15 2.32
C HIS A 28 4.98 -5.09 0.98
N ALA A 29 5.24 -6.08 0.12
CA ALA A 29 4.60 -6.14 -1.19
C ALA A 29 3.11 -6.40 -1.06
N ASP A 30 2.71 -7.05 0.02
CA ASP A 30 1.30 -7.36 0.26
C ASP A 30 0.65 -6.29 1.12
N CYS A 31 1.47 -5.56 1.87
CA CYS A 31 0.98 -4.50 2.74
C CYS A 31 0.90 -3.17 2.00
N PHE A 32 1.77 -3.01 1.01
CA PHE A 32 1.80 -1.78 0.22
C PHE A 32 0.76 -1.81 -0.89
N VAL A 33 -0.39 -2.40 -0.60
CA VAL A 33 -1.47 -2.51 -1.57
C VAL A 33 -2.59 -1.51 -1.25
N CYS A 34 -3.36 -1.16 -2.28
CA CYS A 34 -4.45 -0.21 -2.11
C CYS A 34 -5.45 -0.71 -1.07
N VAL A 35 -6.25 0.21 -0.53
CA VAL A 35 -7.24 -0.13 0.48
C VAL A 35 -8.60 -0.40 -0.16
N THR A 36 -8.59 -1.01 -1.35
CA THR A 36 -9.81 -1.32 -2.06
C THR A 36 -9.81 -2.76 -2.55
N CYS A 37 -9.04 -3.02 -3.61
CA CYS A 37 -8.95 -4.35 -4.18
C CYS A 37 -7.71 -5.08 -3.67
N SER A 38 -6.86 -4.36 -2.95
CA SER A 38 -5.64 -4.93 -2.40
C SER A 38 -4.65 -5.25 -3.52
N LYS A 39 -4.37 -4.26 -4.36
CA LYS A 39 -3.45 -4.44 -5.47
C LYS A 39 -2.05 -3.96 -5.09
N LYS A 40 -1.04 -4.75 -5.45
CA LYS A 40 0.34 -4.42 -5.15
C LYS A 40 0.75 -3.13 -5.84
N LEU A 41 0.96 -2.07 -5.05
CA LEU A 41 1.35 -0.77 -5.58
C LEU A 41 2.86 -0.65 -5.63
N ALA A 42 3.55 -1.77 -5.48
CA ALA A 42 5.01 -1.79 -5.51
C ALA A 42 5.54 -1.02 -6.73
N GLY A 43 6.14 0.13 -6.47
CA GLY A 43 6.68 0.94 -7.54
C GLY A 43 5.79 0.96 -8.76
N GLN A 44 4.47 1.03 -8.52
CA GLN A 44 3.50 1.06 -9.61
C GLN A 44 2.67 2.33 -9.56
N ARG A 45 1.83 2.52 -10.58
CA ARG A 45 0.97 3.69 -10.65
C ARG A 45 -0.17 3.60 -9.64
N PHE A 46 -0.29 4.62 -8.80
CA PHE A 46 -1.34 4.65 -7.79
C PHE A 46 -1.68 6.08 -7.41
N THR A 47 -2.84 6.26 -6.78
CA THR A 47 -3.30 7.59 -6.35
C THR A 47 -3.16 7.76 -4.85
N ALA A 48 -2.73 8.94 -4.42
CA ALA A 48 -2.57 9.23 -3.01
C ALA A 48 -3.67 10.16 -2.51
N VAL A 49 -4.54 9.63 -1.65
CA VAL A 49 -5.63 10.42 -1.10
C VAL A 49 -5.49 10.56 0.41
N GLU A 50 -5.50 11.82 0.86
CA GLU A 50 -5.36 12.10 2.29
C GLU A 50 -5.94 10.97 3.13
N ASP A 51 -7.10 10.46 2.72
CA ASP A 51 -7.76 9.37 3.43
C ASP A 51 -6.93 8.10 3.36
N GLN A 52 -6.87 7.50 2.17
CA GLN A 52 -6.11 6.28 1.96
C GLN A 52 -5.52 6.23 0.56
N TYR A 53 -4.85 5.13 0.24
CA TYR A 53 -4.23 4.96 -1.07
C TYR A 53 -5.09 4.08 -1.98
N TYR A 54 -5.28 4.52 -3.21
CA TYR A 54 -6.09 3.77 -4.17
C TYR A 54 -5.34 3.61 -5.49
N CYS A 55 -5.24 2.37 -5.96
CA CYS A 55 -4.56 2.08 -7.21
C CYS A 55 -5.33 2.65 -8.40
N VAL A 56 -4.60 3.22 -9.36
CA VAL A 56 -5.20 3.80 -10.54
C VAL A 56 -6.46 3.04 -10.95
N ASP A 57 -6.35 1.71 -10.99
CA ASP A 57 -7.48 0.87 -11.37
C ASP A 57 -8.72 1.21 -10.53
N CYS A 58 -8.52 1.32 -9.22
CA CYS A 58 -9.61 1.64 -8.31
C CYS A 58 -9.98 3.13 -8.40
N TYR A 59 -8.96 3.98 -8.36
CA TYR A 59 -9.17 5.42 -8.44
C TYR A 59 -10.05 5.78 -9.63
N LYS A 60 -9.59 5.43 -10.82
CA LYS A 60 -10.33 5.72 -12.04
C LYS A 60 -11.80 5.34 -11.89
N ASN A 61 -12.04 4.14 -11.34
CA ASN A 61 -13.40 3.66 -11.13
C ASN A 61 -14.16 4.57 -10.17
N PHE A 62 -13.58 4.80 -9.00
CA PHE A 62 -14.22 5.65 -7.99
C PHE A 62 -14.50 7.04 -8.56
N VAL A 63 -13.44 7.72 -8.99
CA VAL A 63 -13.58 9.06 -9.56
C VAL A 63 -14.54 9.07 -10.74
N SER A 64 -14.46 8.03 -11.56
CA SER A 64 -15.32 7.92 -12.73
C SER A 64 -15.28 9.20 -13.56
N GLY A 65 -14.08 9.73 -13.77
CA GLY A 65 -13.93 10.96 -14.54
C GLY A 65 -14.40 12.18 -13.78
N PRO A 66 -14.76 13.24 -14.52
CA PRO A 66 -15.23 14.49 -13.94
C PRO A 66 -16.61 14.35 -13.31
N SER A 67 -16.64 14.09 -12.00
CA SER A 67 -17.90 13.93 -11.28
C SER A 67 -17.92 14.78 -10.01
N SER A 68 -18.32 16.04 -10.16
CA SER A 68 -18.38 16.96 -9.03
C SER A 68 -19.60 16.67 -8.16
N GLY A 69 -19.37 16.56 -6.86
CA GLY A 69 -20.47 16.29 -5.94
C GLY A 69 -20.33 17.06 -4.64
N GLY A 1 1.97 -6.68 18.07
CA GLY A 1 2.46 -8.01 18.40
C GLY A 1 3.74 -7.99 19.19
N SER A 2 4.77 -8.66 18.67
CA SER A 2 6.06 -8.71 19.33
C SER A 2 6.50 -7.32 19.78
N SER A 3 7.53 -7.27 20.64
CA SER A 3 8.04 -6.00 21.15
C SER A 3 9.25 -5.55 20.34
N GLY A 4 10.25 -6.42 20.24
CA GLY A 4 11.45 -6.09 19.49
C GLY A 4 11.47 -6.71 18.11
N SER A 5 11.16 -5.90 17.10
CA SER A 5 11.14 -6.38 15.72
C SER A 5 10.98 -5.21 14.75
N SER A 6 11.96 -5.05 13.86
CA SER A 6 11.92 -3.97 12.88
C SER A 6 11.14 -4.39 11.63
N GLY A 7 9.82 -4.35 11.73
CA GLY A 7 8.99 -4.74 10.60
C GLY A 7 8.30 -3.55 9.97
N CYS A 8 7.51 -3.81 8.93
CA CYS A 8 6.80 -2.75 8.22
C CYS A 8 5.86 -2.01 9.17
N VAL A 9 5.14 -1.03 8.63
CA VAL A 9 4.21 -0.24 9.44
C VAL A 9 2.77 -0.67 9.18
N LYS A 10 2.55 -1.40 8.09
CA LYS A 10 1.23 -1.87 7.73
C LYS A 10 0.79 -3.02 8.64
N CYS A 11 1.38 -4.20 8.43
CA CYS A 11 1.05 -5.36 9.23
C CYS A 11 1.93 -5.42 10.48
N ASN A 12 3.02 -4.66 10.47
CA ASN A 12 3.94 -4.63 11.60
C ASN A 12 4.69 -5.95 11.73
N LYS A 13 5.30 -6.40 10.64
CA LYS A 13 6.05 -7.65 10.64
C LYS A 13 7.44 -7.45 10.05
N ALA A 14 8.44 -8.11 10.62
CA ALA A 14 9.80 -8.01 10.14
C ALA A 14 9.85 -8.07 8.63
N ILE A 15 10.81 -7.35 8.04
CA ILE A 15 10.97 -7.32 6.60
C ILE A 15 12.12 -8.22 6.15
N THR A 16 11.79 -9.23 5.35
CA THR A 16 12.79 -10.16 4.86
C THR A 16 14.01 -9.43 4.28
N SER A 17 15.05 -10.18 3.95
CA SER A 17 16.26 -9.59 3.40
C SER A 17 16.08 -9.26 1.92
N GLY A 18 14.90 -8.74 1.58
CA GLY A 18 14.62 -8.38 0.20
C GLY A 18 13.26 -7.75 0.03
N GLY A 19 12.86 -6.94 1.00
CA GLY A 19 11.56 -6.29 0.93
C GLY A 19 11.61 -4.97 0.18
N ILE A 20 10.73 -4.05 0.56
CA ILE A 20 10.67 -2.74 -0.08
C ILE A 20 10.45 -1.63 0.94
N THR A 21 11.02 -0.46 0.68
CA THR A 21 10.87 0.68 1.58
C THR A 21 10.18 1.85 0.88
N TYR A 22 9.12 2.35 1.50
CA TYR A 22 8.37 3.46 0.94
C TYR A 22 8.43 4.68 1.85
N GLN A 23 8.50 5.87 1.25
CA GLN A 23 8.57 7.11 2.00
C GLN A 23 9.53 6.97 3.18
N ASP A 24 10.71 6.42 2.92
CA ASP A 24 11.71 6.23 3.96
C ASP A 24 11.15 5.42 5.12
N GLN A 25 10.27 4.48 4.80
CA GLN A 25 9.65 3.63 5.81
C GLN A 25 9.59 2.18 5.34
N PRO A 26 9.68 1.24 6.29
CA PRO A 26 9.63 -0.20 5.98
C PRO A 26 8.25 -0.64 5.56
N TRP A 27 8.16 -1.17 4.33
CA TRP A 27 6.89 -1.65 3.79
C TRP A 27 7.04 -3.01 3.14
N HIS A 28 5.92 -3.67 2.87
CA HIS A 28 5.94 -4.99 2.24
C HIS A 28 5.31 -4.94 0.86
N ALA A 29 5.61 -5.94 0.04
CA ALA A 29 5.06 -6.01 -1.31
C ALA A 29 3.55 -6.18 -1.29
N ASP A 30 3.06 -6.92 -0.29
CA ASP A 30 1.63 -7.16 -0.16
C ASP A 30 0.96 -6.03 0.62
N CYS A 31 1.73 -5.39 1.50
CA CYS A 31 1.21 -4.29 2.32
C CYS A 31 1.18 -2.99 1.51
N PHE A 32 1.98 -2.94 0.45
CA PHE A 32 2.04 -1.75 -0.39
C PHE A 32 0.92 -1.76 -1.44
N VAL A 33 -0.20 -2.37 -1.08
CA VAL A 33 -1.35 -2.44 -1.99
C VAL A 33 -2.46 -1.49 -1.55
N CYS A 34 -3.41 -1.25 -2.44
CA CYS A 34 -4.53 -0.37 -2.14
C CYS A 34 -5.43 -0.96 -1.07
N VAL A 35 -6.22 -0.11 -0.43
CA VAL A 35 -7.14 -0.55 0.62
C VAL A 35 -8.51 -0.88 0.05
N THR A 36 -8.55 -1.26 -1.23
CA THR A 36 -9.80 -1.59 -1.88
C THR A 36 -9.76 -3.02 -2.45
N CYS A 37 -9.08 -3.17 -3.58
CA CYS A 37 -8.97 -4.48 -4.22
C CYS A 37 -7.59 -5.08 -3.98
N SER A 38 -6.79 -4.42 -3.14
CA SER A 38 -5.45 -4.89 -2.82
C SER A 38 -4.65 -5.17 -4.09
N LYS A 39 -4.62 -4.17 -4.98
CA LYS A 39 -3.88 -4.31 -6.24
C LYS A 39 -2.43 -3.87 -6.07
N LYS A 40 -1.51 -4.73 -6.50
CA LYS A 40 -0.09 -4.44 -6.40
C LYS A 40 0.23 -3.06 -6.93
N LEU A 41 0.57 -2.14 -6.04
CA LEU A 41 0.90 -0.77 -6.43
C LEU A 41 2.32 -0.68 -6.95
N ALA A 42 3.22 -1.45 -6.36
CA ALA A 42 4.62 -1.45 -6.78
C ALA A 42 4.74 -1.58 -8.30
N GLY A 43 5.44 -0.64 -8.91
CA GLY A 43 5.61 -0.66 -10.35
C GLY A 43 4.42 -0.08 -11.09
N GLN A 44 3.23 -0.34 -10.57
CA GLN A 44 2.00 0.16 -11.19
C GLN A 44 1.60 1.51 -10.60
N ARG A 45 1.03 2.37 -11.44
CA ARG A 45 0.60 3.69 -11.00
C ARG A 45 -0.36 3.59 -9.82
N PHE A 46 -0.34 4.60 -8.95
CA PHE A 46 -1.21 4.63 -7.79
C PHE A 46 -1.50 6.07 -7.36
N THR A 47 -2.41 6.22 -6.39
CA THR A 47 -2.78 7.53 -5.89
C THR A 47 -2.81 7.56 -4.37
N ALA A 48 -2.03 8.46 -3.78
CA ALA A 48 -1.97 8.57 -2.32
C ALA A 48 -2.93 9.65 -1.83
N VAL A 49 -4.02 9.22 -1.21
CA VAL A 49 -5.02 10.14 -0.67
C VAL A 49 -4.86 10.33 0.83
N GLU A 50 -5.08 11.55 1.28
CA GLU A 50 -4.95 11.87 2.70
C GLU A 50 -5.49 10.72 3.57
N ASP A 51 -6.60 10.14 3.14
CA ASP A 51 -7.21 9.03 3.86
C ASP A 51 -6.38 7.76 3.71
N GLN A 52 -6.37 7.21 2.50
CA GLN A 52 -5.62 5.99 2.22
C GLN A 52 -5.14 5.96 0.78
N TYR A 53 -4.51 4.85 0.38
CA TYR A 53 -4.01 4.70 -0.98
C TYR A 53 -5.00 3.94 -1.84
N TYR A 54 -5.06 4.31 -3.12
CA TYR A 54 -5.97 3.66 -4.06
C TYR A 54 -5.30 3.48 -5.42
N CYS A 55 -5.29 2.24 -5.90
CA CYS A 55 -4.68 1.93 -7.19
C CYS A 55 -5.43 2.63 -8.32
N VAL A 56 -4.68 3.16 -9.28
CA VAL A 56 -5.28 3.85 -10.42
C VAL A 56 -6.58 3.18 -10.85
N ASP A 57 -6.61 1.86 -10.77
CA ASP A 57 -7.81 1.10 -11.14
C ASP A 57 -8.99 1.48 -10.26
N CYS A 58 -8.74 1.56 -8.95
CA CYS A 58 -9.79 1.91 -8.00
C CYS A 58 -10.06 3.42 -8.02
N TYR A 59 -9.00 4.21 -7.92
CA TYR A 59 -9.13 5.66 -7.93
C TYR A 59 -10.20 6.11 -8.92
N LYS A 60 -10.07 5.69 -10.16
CA LYS A 60 -11.02 6.04 -11.20
C LYS A 60 -12.45 5.74 -10.75
N ASN A 61 -12.65 4.57 -10.16
CA ASN A 61 -13.96 4.17 -9.68
C ASN A 61 -14.45 5.10 -8.57
N PHE A 62 -13.53 5.49 -7.69
CA PHE A 62 -13.85 6.37 -6.57
C PHE A 62 -14.23 7.75 -7.08
N VAL A 63 -13.34 8.36 -7.86
CA VAL A 63 -13.57 9.69 -8.42
C VAL A 63 -14.80 9.70 -9.33
N SER A 64 -15.06 8.56 -9.96
CA SER A 64 -16.19 8.44 -10.87
C SER A 64 -17.21 7.42 -10.33
N GLY A 65 -18.15 7.90 -9.53
CA GLY A 65 -19.16 7.03 -8.97
C GLY A 65 -18.96 6.80 -7.48
N PRO A 66 -19.38 7.78 -6.67
CA PRO A 66 -19.26 7.71 -5.21
C PRO A 66 -20.20 6.68 -4.60
N SER A 67 -21.43 6.64 -5.11
CA SER A 67 -22.43 5.70 -4.62
C SER A 67 -21.90 4.27 -4.64
N SER A 68 -22.50 3.39 -3.84
CA SER A 68 -22.09 2.01 -3.77
C SER A 68 -23.25 1.07 -4.12
N GLY A 69 -23.42 0.81 -5.41
CA GLY A 69 -24.50 -0.05 -5.86
C GLY A 69 -25.83 0.67 -5.94
N GLY A 1 8.70 -6.61 19.25
CA GLY A 1 9.79 -7.12 18.43
C GLY A 1 9.84 -8.64 18.42
N SER A 2 9.31 -9.23 17.34
CA SER A 2 9.29 -10.68 17.21
C SER A 2 10.67 -11.22 16.86
N SER A 3 11.19 -10.79 15.71
CA SER A 3 12.50 -11.22 15.25
C SER A 3 13.11 -10.20 14.29
N GLY A 4 14.21 -9.60 14.72
CA GLY A 4 14.88 -8.61 13.90
C GLY A 4 14.32 -7.21 14.10
N SER A 5 14.73 -6.28 13.24
CA SER A 5 14.27 -4.89 13.34
C SER A 5 12.76 -4.81 13.12
N SER A 6 12.12 -3.90 13.84
CA SER A 6 10.68 -3.71 13.73
C SER A 6 10.22 -3.88 12.28
N GLY A 7 9.39 -4.89 12.05
CA GLY A 7 8.89 -5.15 10.71
C GLY A 7 8.22 -3.93 10.10
N CYS A 8 7.54 -4.13 8.98
CA CYS A 8 6.85 -3.04 8.29
C CYS A 8 5.93 -2.29 9.25
N VAL A 9 5.22 -1.30 8.73
CA VAL A 9 4.31 -0.50 9.54
C VAL A 9 2.86 -0.89 9.27
N LYS A 10 2.64 -1.61 8.18
CA LYS A 10 1.30 -2.06 7.82
C LYS A 10 0.84 -3.20 8.71
N CYS A 11 1.37 -4.39 8.46
CA CYS A 11 1.02 -5.57 9.26
C CYS A 11 1.93 -5.69 10.48
N ASN A 12 3.03 -4.96 10.47
CA ASN A 12 3.98 -4.99 11.57
C ASN A 12 4.64 -6.36 11.69
N LYS A 13 5.21 -6.83 10.59
CA LYS A 13 5.88 -8.13 10.57
C LYS A 13 7.27 -8.01 9.96
N ALA A 14 8.19 -8.84 10.43
CA ALA A 14 9.55 -8.83 9.92
C ALA A 14 9.58 -8.78 8.40
N ILE A 15 10.59 -8.10 7.86
CA ILE A 15 10.72 -7.96 6.41
C ILE A 15 11.83 -8.87 5.88
N THR A 16 11.60 -9.45 4.70
CA THR A 16 12.58 -10.33 4.08
C THR A 16 13.94 -9.67 4.01
N SER A 17 14.91 -10.38 3.43
CA SER A 17 16.26 -9.86 3.30
C SER A 17 16.36 -8.85 2.16
N GLY A 18 15.31 -8.05 2.00
CA GLY A 18 15.29 -7.05 0.94
C GLY A 18 13.98 -6.28 0.90
N GLY A 19 12.87 -6.99 1.00
CA GLY A 19 11.56 -6.35 0.98
C GLY A 19 11.57 -5.09 0.14
N ILE A 20 10.76 -4.11 0.54
CA ILE A 20 10.67 -2.85 -0.17
C ILE A 20 10.47 -1.67 0.78
N THR A 21 11.11 -0.56 0.48
CA THR A 21 11.02 0.63 1.31
C THR A 21 10.17 1.71 0.62
N TYR A 22 9.23 2.27 1.37
CA TYR A 22 8.35 3.31 0.83
C TYR A 22 8.43 4.58 1.69
N GLN A 23 8.68 5.71 1.03
CA GLN A 23 8.78 6.99 1.73
C GLN A 23 9.68 6.87 2.95
N ASP A 24 10.79 6.17 2.80
CA ASP A 24 11.74 5.99 3.90
C ASP A 24 11.11 5.19 5.03
N GLN A 25 10.35 4.16 4.67
CA GLN A 25 9.68 3.32 5.67
C GLN A 25 9.58 1.88 5.18
N PRO A 26 9.69 0.93 6.11
CA PRO A 26 9.61 -0.50 5.80
C PRO A 26 8.21 -0.93 5.39
N TRP A 27 8.07 -1.41 4.16
CA TRP A 27 6.78 -1.85 3.65
C TRP A 27 6.91 -3.21 2.96
N HIS A 28 5.80 -3.94 2.89
CA HIS A 28 5.79 -5.25 2.26
C HIS A 28 5.17 -5.17 0.86
N ALA A 29 5.45 -6.18 0.04
CA ALA A 29 4.93 -6.21 -1.32
C ALA A 29 3.40 -6.33 -1.31
N ASP A 30 2.85 -6.91 -0.26
CA ASP A 30 1.42 -7.08 -0.14
C ASP A 30 0.81 -5.94 0.68
N CYS A 31 1.63 -5.31 1.52
CA CYS A 31 1.17 -4.21 2.35
C CYS A 31 1.21 -2.89 1.58
N PHE A 32 2.05 -2.83 0.56
CA PHE A 32 2.18 -1.64 -0.26
C PHE A 32 1.10 -1.59 -1.34
N VAL A 33 -0.07 -2.13 -1.01
CA VAL A 33 -1.19 -2.15 -1.95
C VAL A 33 -2.30 -1.20 -1.51
N CYS A 34 -3.22 -0.93 -2.43
CA CYS A 34 -4.34 -0.03 -2.14
C CYS A 34 -5.16 -0.55 -0.96
N VAL A 35 -6.10 0.27 -0.50
CA VAL A 35 -6.94 -0.10 0.63
C VAL A 35 -8.33 -0.52 0.14
N THR A 36 -8.38 -1.15 -1.03
CA THR A 36 -9.64 -1.60 -1.60
C THR A 36 -9.53 -3.04 -2.09
N CYS A 37 -8.86 -3.22 -3.22
CA CYS A 37 -8.68 -4.55 -3.81
C CYS A 37 -7.30 -5.12 -3.45
N SER A 38 -6.51 -4.33 -2.74
CA SER A 38 -5.17 -4.75 -2.34
C SER A 38 -4.29 -5.00 -3.57
N LYS A 39 -4.21 -4.00 -4.44
CA LYS A 39 -3.39 -4.11 -5.65
C LYS A 39 -1.95 -3.73 -5.37
N LYS A 40 -1.02 -4.54 -5.86
CA LYS A 40 0.41 -4.29 -5.67
C LYS A 40 0.83 -3.02 -6.40
N LEU A 41 0.65 -1.88 -5.75
CA LEU A 41 1.02 -0.59 -6.34
C LEU A 41 2.49 -0.57 -6.71
N ALA A 42 3.24 -1.55 -6.22
CA ALA A 42 4.67 -1.65 -6.51
C ALA A 42 4.95 -1.44 -7.99
N GLY A 43 5.54 -0.30 -8.32
CA GLY A 43 5.85 0.00 -9.71
C GLY A 43 4.64 0.48 -10.48
N GLN A 44 3.47 -0.07 -10.17
CA GLN A 44 2.24 0.31 -10.85
C GLN A 44 1.74 1.66 -10.34
N ARG A 45 1.14 2.43 -11.24
CA ARG A 45 0.62 3.76 -10.89
C ARG A 45 -0.32 3.65 -9.69
N PHE A 46 -0.40 4.74 -8.92
CA PHE A 46 -1.27 4.78 -7.75
C PHE A 46 -1.59 6.21 -7.35
N THR A 47 -2.69 6.40 -6.62
CA THR A 47 -3.09 7.73 -6.18
C THR A 47 -2.75 7.94 -4.71
N ALA A 48 -2.81 9.19 -4.27
CA ALA A 48 -2.51 9.54 -2.89
C ALA A 48 -3.54 10.52 -2.33
N VAL A 49 -4.39 10.03 -1.43
CA VAL A 49 -5.41 10.85 -0.82
C VAL A 49 -5.23 10.94 0.70
N GLU A 50 -5.39 12.15 1.24
CA GLU A 50 -5.23 12.36 2.67
C GLU A 50 -5.75 11.16 3.47
N ASP A 51 -6.85 10.58 3.00
CA ASP A 51 -7.44 9.43 3.67
C ASP A 51 -6.56 8.21 3.52
N GLN A 52 -6.45 7.70 2.29
CA GLN A 52 -5.63 6.53 2.01
C GLN A 52 -5.22 6.49 0.55
N TYR A 53 -4.55 5.40 0.16
CA TYR A 53 -4.10 5.24 -1.23
C TYR A 53 -5.09 4.40 -2.02
N TYR A 54 -5.05 4.54 -3.34
CA TYR A 54 -5.95 3.81 -4.22
C TYR A 54 -5.29 3.55 -5.57
N CYS A 55 -5.30 2.28 -5.99
CA CYS A 55 -4.71 1.89 -7.27
C CYS A 55 -5.50 2.49 -8.44
N VAL A 56 -4.78 2.88 -9.49
CA VAL A 56 -5.42 3.45 -10.66
C VAL A 56 -6.71 2.73 -11.01
N ASP A 57 -6.70 1.42 -10.84
CA ASP A 57 -7.88 0.60 -11.12
C ASP A 57 -9.06 1.01 -10.23
N CYS A 58 -8.77 1.25 -8.96
CA CYS A 58 -9.80 1.65 -8.01
C CYS A 58 -10.15 3.13 -8.17
N TYR A 59 -9.12 3.97 -8.20
CA TYR A 59 -9.31 5.41 -8.34
C TYR A 59 -10.44 5.71 -9.32
N LYS A 60 -10.50 4.93 -10.39
CA LYS A 60 -11.53 5.11 -11.41
C LYS A 60 -12.89 4.66 -10.89
N ASN A 61 -12.90 3.59 -10.12
CA ASN A 61 -14.14 3.05 -9.56
C ASN A 61 -14.74 4.02 -8.56
N PHE A 62 -13.88 4.66 -7.77
CA PHE A 62 -14.35 5.63 -6.77
C PHE A 62 -14.77 6.94 -7.42
N VAL A 63 -13.86 7.55 -8.17
CA VAL A 63 -14.14 8.81 -8.86
C VAL A 63 -15.46 8.74 -9.61
N SER A 64 -15.69 7.61 -10.29
CA SER A 64 -16.92 7.42 -11.05
C SER A 64 -18.15 7.66 -10.17
N GLY A 65 -18.17 7.04 -9.01
CA GLY A 65 -19.29 7.20 -8.09
C GLY A 65 -20.10 5.92 -7.94
N PRO A 66 -20.05 5.33 -6.74
CA PRO A 66 -20.77 4.09 -6.44
C PRO A 66 -22.27 4.31 -6.37
N SER A 67 -22.94 4.18 -7.52
CA SER A 67 -24.38 4.37 -7.59
C SER A 67 -24.94 3.82 -8.90
N SER A 68 -25.71 2.74 -8.80
CA SER A 68 -26.30 2.12 -9.98
C SER A 68 -27.74 2.56 -10.17
N GLY A 69 -28.01 3.22 -11.29
CA GLY A 69 -29.36 3.68 -11.57
C GLY A 69 -29.40 5.14 -11.98
#